data_6CJT
#
_entry.id   6CJT
#
_cell.length_a   1
_cell.length_b   1
_cell.length_c   1
_cell.angle_alpha   90.00
_cell.angle_beta   90.00
_cell.angle_gamma   90.00
#
_symmetry.space_group_name_H-M   'P 1'
#
loop_
_entity.id
_entity.type
_entity.pdbx_description
1 polymer 'SthK cyclic nucleotide-gated potassium channel'
2 non-polymer 'CYCLIC GUANOSINE MONOPHOSPHATE'
3 non-polymer '(1R)-2-{[(S)-{[(2S)-2,3-dihydroxypropyl]oxy}(hydroxy)phosphoryl]oxy}-1-[(hexadecanoyloxy)methyl]ethyl (9Z)-octadec-9-enoate'
#
_entity_poly.entity_id   1
_entity_poly.type   'polypeptide(L)'
_entity_poly.pdbx_seq_one_letter_code
;MAKDIGINSDPNSSSVDKLMKSSGVSNPTYTLVWKVWILAVTLYYAIRIPLTLVFPSLFSPLLPLDILASLALIADIPLD
LAFESRRTSGRKPTLLAPSRLPDLLAALPLDLLVFALHLPSPLSLLSLVRLLKLISVQRSATRILSYRINPALLRLLSLV
GFILLAAHGIACGWMSLQPPSENPAGTRYLSAFYWTITTLTTIGYGDITPSTPTQTVYTIVIELLGAAMYGLVIGNIASL
VSKLDAAKLLHRERVERVTAFLSYKRISPELQRRIIEYFDYLWETRRGYEEREVLKELPHPLRLAVAMEIHGDVIEKVPL
FKGAGEEFIRDIILHLEPVIYGPGEYIIRAGEMGSDVYFINRGSVEVLSADEKTRYAILSEGQFFGEMALILRAPRTATV
RARAFCDLYRLDKETFDRILSRYPEIAAQIQELAVRRKELESSGLVPRGSVKHHHH
;
_entity_poly.pdbx_strand_id   A,B,C,D
#
# COMPACT_ATOMS: atom_id res chain seq x y z
N THR A 29 6.63 -6.49 -37.10
CA THR A 29 6.09 -5.22 -37.52
C THR A 29 4.97 -5.32 -38.54
N TYR A 30 4.70 -6.49 -39.10
CA TYR A 30 3.58 -6.63 -40.02
C TYR A 30 2.46 -7.48 -39.46
N THR A 31 2.52 -7.84 -38.19
CA THR A 31 1.38 -8.41 -37.48
C THR A 31 0.61 -7.37 -36.68
N LEU A 32 1.25 -6.23 -36.38
CA LEU A 32 0.59 -5.18 -35.62
C LEU A 32 -0.47 -4.48 -36.46
N VAL A 33 -0.21 -4.29 -37.75
CA VAL A 33 -1.25 -3.76 -38.65
C VAL A 33 -2.41 -4.74 -38.79
N TRP A 34 -2.14 -6.05 -38.67
CA TRP A 34 -3.23 -7.03 -38.72
C TRP A 34 -4.05 -7.00 -37.44
N LYS A 35 -3.39 -6.80 -36.30
CA LYS A 35 -4.12 -6.64 -35.04
C LYS A 35 -4.97 -5.36 -35.04
N VAL A 36 -4.45 -4.28 -35.64
CA VAL A 36 -5.23 -3.06 -35.78
C VAL A 36 -6.43 -3.28 -36.70
N TRP A 37 -6.24 -4.08 -37.76
CA TRP A 37 -7.35 -4.38 -38.66
C TRP A 37 -8.41 -5.23 -37.98
N ILE A 38 -8.00 -6.18 -37.14
CA ILE A 38 -8.96 -7.03 -36.43
C ILE A 38 -9.71 -6.21 -35.37
N LEU A 39 -9.01 -5.28 -34.71
CA LEU A 39 -9.66 -4.36 -33.78
C LEU A 39 -10.68 -3.49 -34.50
N ALA A 40 -10.35 -3.02 -35.70
CA ALA A 40 -11.31 -2.24 -36.49
C ALA A 40 -12.51 -3.07 -36.90
N VAL A 41 -12.29 -4.34 -37.26
CA VAL A 41 -13.40 -5.21 -37.67
C VAL A 41 -14.33 -5.50 -36.50
N THR A 42 -13.77 -5.80 -35.32
CA THR A 42 -14.63 -6.11 -34.20
C THR A 42 -15.31 -4.86 -33.64
N LEU A 43 -14.68 -3.69 -33.78
CA LEU A 43 -15.34 -2.45 -33.40
C LEU A 43 -16.46 -2.11 -34.38
N TYR A 44 -16.27 -2.50 -35.64
CA TYR A 44 -17.31 -2.35 -36.65
C TYR A 44 -18.53 -3.18 -36.32
N TYR A 45 -18.32 -4.45 -35.94
CA TYR A 45 -19.46 -5.28 -35.56
C TYR A 45 -20.11 -4.77 -34.27
N ALA A 46 -19.31 -4.30 -33.33
CA ALA A 46 -19.83 -3.82 -32.06
C ALA A 46 -20.70 -2.58 -32.23
N ILE A 47 -20.38 -1.73 -33.20
CA ILE A 47 -21.29 -0.62 -33.48
C ILE A 47 -22.47 -1.03 -34.37
N ARG A 48 -22.27 -1.95 -35.31
CA ARG A 48 -23.30 -2.19 -36.31
C ARG A 48 -24.40 -3.15 -35.87
N ILE A 49 -24.04 -4.26 -35.21
CA ILE A 49 -25.00 -5.37 -35.02
C ILE A 49 -26.22 -4.99 -34.17
N PRO A 50 -26.08 -4.38 -32.97
CA PRO A 50 -27.30 -3.98 -32.25
C PRO A 50 -28.03 -2.83 -32.91
N LEU A 51 -27.38 -2.09 -33.80
CA LEU A 51 -28.07 -1.03 -34.51
C LEU A 51 -28.90 -1.58 -35.65
N THR A 52 -28.49 -2.70 -36.24
CA THR A 52 -29.27 -3.31 -37.30
C THR A 52 -30.27 -4.33 -36.79
N LEU A 53 -30.17 -4.75 -35.53
CA LEU A 53 -31.25 -5.54 -34.96
C LEU A 53 -32.50 -4.71 -34.77
N VAL A 54 -32.34 -3.41 -34.47
CA VAL A 54 -33.50 -2.55 -34.31
C VAL A 54 -34.05 -2.16 -35.67
N PHE A 55 -33.16 -1.77 -36.59
CA PHE A 55 -33.59 -1.36 -37.92
C PHE A 55 -33.20 -2.44 -38.92
N PRO A 56 -34.15 -3.25 -39.41
CA PRO A 56 -33.85 -4.15 -40.52
C PRO A 56 -33.83 -3.47 -41.87
N SER A 57 -34.13 -2.17 -41.93
CA SER A 57 -33.99 -1.40 -43.16
C SER A 57 -32.53 -1.17 -43.53
N LEU A 58 -31.62 -1.39 -42.61
CA LEU A 58 -30.20 -1.49 -42.94
C LEU A 58 -29.89 -2.92 -43.38
N PHE A 59 -28.59 -3.22 -43.46
CA PHE A 59 -27.93 -4.47 -43.86
C PHE A 59 -28.05 -4.78 -45.34
N SER A 60 -29.04 -4.20 -46.01
CA SER A 60 -29.30 -4.56 -47.38
C SER A 60 -28.38 -3.78 -48.33
N PRO A 61 -28.21 -2.42 -48.22
CA PRO A 61 -27.15 -1.82 -49.01
C PRO A 61 -25.84 -1.77 -48.26
N LEU A 62 -25.56 -2.78 -47.47
CA LEU A 62 -24.34 -2.74 -46.67
C LEU A 62 -23.75 -4.12 -46.40
N LEU A 63 -24.35 -5.18 -46.96
CA LEU A 63 -23.78 -6.53 -46.97
C LEU A 63 -22.30 -6.71 -47.37
N PRO A 64 -21.71 -5.98 -48.34
CA PRO A 64 -20.29 -6.28 -48.67
C PRO A 64 -19.28 -6.03 -47.56
N LEU A 65 -19.55 -5.07 -46.67
CA LEU A 65 -18.69 -4.90 -45.52
C LEU A 65 -18.81 -6.06 -44.55
N ASP A 66 -20.02 -6.64 -44.42
CA ASP A 66 -20.18 -7.88 -43.68
C ASP A 66 -19.37 -9.00 -44.29
N ILE A 67 -19.33 -9.07 -45.63
CA ILE A 67 -18.57 -10.13 -46.30
C ILE A 67 -17.09 -10.00 -46.01
N LEU A 68 -16.56 -8.78 -46.17
CA LEU A 68 -15.14 -8.53 -45.92
C LEU A 68 -14.76 -8.79 -44.46
N ALA A 69 -15.59 -8.32 -43.52
CA ALA A 69 -15.27 -8.46 -42.12
C ALA A 69 -15.45 -9.89 -41.64
N SER A 70 -16.40 -10.62 -42.22
CA SER A 70 -16.58 -12.02 -41.84
C SER A 70 -15.43 -12.87 -42.36
N LEU A 71 -14.95 -12.58 -43.58
CA LEU A 71 -13.76 -13.26 -44.07
C LEU A 71 -12.55 -12.94 -43.21
N ALA A 72 -12.44 -11.70 -42.74
CA ALA A 72 -11.33 -11.34 -41.86
C ALA A 72 -11.39 -12.08 -40.54
N LEU A 73 -12.58 -12.19 -39.94
CA LEU A 73 -12.71 -12.89 -38.68
C LEU A 73 -12.51 -14.40 -38.82
N ILE A 74 -12.89 -14.97 -39.96
CA ILE A 74 -12.69 -16.41 -40.12
C ILE A 74 -11.26 -16.72 -40.56
N ALA A 75 -10.54 -15.75 -41.12
CA ALA A 75 -9.15 -15.95 -41.51
C ALA A 75 -8.15 -15.47 -40.47
N ASP A 76 -8.62 -14.87 -39.37
CA ASP A 76 -7.66 -14.47 -38.33
C ASP A 76 -7.11 -15.65 -37.57
N ILE A 77 -7.91 -16.69 -37.35
CA ILE A 77 -7.49 -17.82 -36.52
C ILE A 77 -6.38 -18.69 -37.14
N PRO A 78 -6.19 -18.82 -38.47
CA PRO A 78 -4.92 -19.41 -38.91
C PRO A 78 -3.72 -18.53 -38.63
N LEU A 79 -3.87 -17.21 -38.73
CA LEU A 79 -2.77 -16.32 -38.38
C LEU A 79 -2.70 -16.09 -36.87
N ASP A 80 -3.75 -16.45 -36.14
CA ASP A 80 -3.62 -16.56 -34.69
C ASP A 80 -2.83 -17.78 -34.27
N LEU A 81 -2.94 -18.89 -35.02
CA LEU A 81 -2.09 -20.04 -34.70
C LEU A 81 -0.67 -19.81 -35.22
N ALA A 82 -0.52 -19.78 -36.53
CA ALA A 82 0.80 -19.66 -37.14
C ALA A 82 1.27 -18.21 -37.10
N PHE A 83 2.58 -18.04 -36.92
CA PHE A 83 3.29 -16.77 -36.76
C PHE A 83 2.86 -15.99 -35.51
N GLU A 84 2.06 -16.58 -34.64
CA GLU A 84 1.70 -15.91 -33.40
C GLU A 84 1.90 -16.80 -32.18
N SER A 85 1.57 -18.09 -32.27
CA SER A 85 1.75 -19.01 -31.15
C SER A 85 3.03 -19.82 -31.26
N ARG A 86 3.49 -20.10 -32.48
CA ARG A 86 4.74 -20.85 -32.64
C ARG A 86 5.95 -19.99 -32.31
N ARG A 87 5.90 -18.70 -32.63
CA ARG A 87 7.05 -17.83 -32.43
C ARG A 87 7.31 -17.49 -30.96
N LEU A 95 -5.84 -25.22 -30.70
CA LEU A 95 -7.10 -25.11 -31.45
C LEU A 95 -8.33 -25.49 -30.60
N LEU A 96 -8.11 -25.90 -29.36
CA LEU A 96 -9.20 -26.23 -28.44
C LEU A 96 -8.65 -26.03 -27.04
N ALA A 97 -9.03 -24.92 -26.42
CA ALA A 97 -8.46 -24.50 -25.15
C ALA A 97 -9.50 -23.66 -24.42
N PRO A 98 -9.46 -23.60 -23.08
CA PRO A 98 -10.41 -22.76 -22.36
C PRO A 98 -10.15 -21.27 -22.49
N SER A 99 -9.05 -20.90 -23.14
CA SER A 99 -8.75 -19.50 -23.44
C SER A 99 -8.67 -19.28 -24.95
N ARG A 100 -9.39 -20.09 -25.73
CA ARG A 100 -9.34 -19.99 -27.17
C ARG A 100 -10.74 -19.94 -27.77
N LEU A 101 -11.68 -20.62 -27.14
CA LEU A 101 -13.05 -20.76 -27.64
C LEU A 101 -13.89 -19.48 -27.82
N PRO A 102 -13.65 -18.33 -27.14
CA PRO A 102 -14.35 -17.11 -27.59
C PRO A 102 -14.00 -16.70 -29.01
N ASP A 103 -12.73 -16.83 -29.39
CA ASP A 103 -12.34 -16.53 -30.77
C ASP A 103 -12.93 -17.55 -31.74
N LEU A 104 -13.06 -18.80 -31.31
CA LEU A 104 -13.66 -19.84 -32.12
C LEU A 104 -15.14 -19.57 -32.35
N LEU A 105 -15.85 -19.17 -31.29
CA LEU A 105 -17.27 -18.86 -31.43
C LEU A 105 -17.49 -17.54 -32.16
N ALA A 106 -16.51 -16.65 -32.13
CA ALA A 106 -16.64 -15.42 -32.90
C ALA A 106 -16.29 -15.64 -34.36
N ALA A 107 -15.58 -16.71 -34.69
CA ALA A 107 -15.07 -16.87 -36.04
C ALA A 107 -16.20 -17.24 -37.02
N LEU A 108 -17.12 -18.11 -36.61
CA LEU A 108 -18.06 -18.67 -37.57
C LEU A 108 -19.14 -17.65 -37.91
N PRO A 109 -19.63 -17.65 -39.16
CA PRO A 109 -20.70 -16.72 -39.52
C PRO A 109 -22.05 -17.16 -38.98
N LEU A 110 -22.21 -17.05 -37.66
CA LEU A 110 -23.50 -17.29 -37.03
C LEU A 110 -24.51 -16.22 -37.39
N ASP A 111 -24.03 -15.02 -37.72
CA ASP A 111 -24.83 -13.97 -38.34
C ASP A 111 -24.99 -14.25 -39.83
N LEU A 112 -25.65 -13.30 -40.51
CA LEU A 112 -26.06 -13.22 -41.92
C LEU A 112 -27.20 -14.19 -42.25
N LEU A 113 -27.35 -15.25 -41.44
CA LEU A 113 -28.46 -16.17 -41.60
C LEU A 113 -29.71 -15.57 -40.99
N VAL A 114 -29.53 -14.88 -39.86
CA VAL A 114 -30.62 -14.16 -39.20
C VAL A 114 -31.15 -13.05 -40.09
N PHE A 115 -30.26 -12.22 -40.60
CA PHE A 115 -30.68 -11.08 -41.38
C PHE A 115 -31.09 -11.43 -42.79
N ALA A 116 -30.68 -12.60 -43.31
CA ALA A 116 -31.20 -13.02 -44.60
C ALA A 116 -32.52 -13.77 -44.50
N LEU A 117 -32.73 -14.52 -43.42
CA LEU A 117 -33.93 -15.34 -43.32
C LEU A 117 -35.01 -14.75 -42.42
N HIS A 118 -34.76 -13.57 -41.84
CA HIS A 118 -35.72 -12.81 -41.03
C HIS A 118 -36.19 -13.62 -39.82
N LEU A 119 -35.21 -14.03 -39.01
CA LEU A 119 -35.50 -14.74 -37.78
C LEU A 119 -36.17 -13.80 -36.77
N PRO A 120 -37.07 -14.32 -35.92
CA PRO A 120 -37.80 -13.43 -35.01
C PRO A 120 -36.95 -12.92 -33.87
N SER A 121 -37.56 -12.07 -33.04
CA SER A 121 -36.90 -11.33 -31.96
C SER A 121 -36.24 -12.16 -30.87
N PRO A 122 -36.84 -13.22 -30.28
CA PRO A 122 -36.08 -13.97 -29.26
C PRO A 122 -35.02 -14.88 -29.83
N LEU A 123 -34.92 -15.01 -31.14
CA LEU A 123 -33.96 -15.91 -31.77
C LEU A 123 -32.87 -15.18 -32.53
N SER A 124 -33.07 -13.91 -32.89
CA SER A 124 -32.07 -13.13 -33.58
C SER A 124 -30.86 -12.81 -32.70
N LEU A 125 -31.03 -12.85 -31.38
CA LEU A 125 -30.06 -12.32 -30.43
C LEU A 125 -28.74 -13.07 -30.45
N LEU A 126 -28.70 -14.29 -30.99
CA LEU A 126 -27.44 -15.01 -31.13
C LEU A 126 -26.49 -14.37 -32.13
N SER A 127 -26.95 -13.41 -32.94
CA SER A 127 -26.03 -12.59 -33.71
C SER A 127 -25.09 -11.76 -32.85
N LEU A 128 -25.37 -11.60 -31.56
CA LEU A 128 -24.45 -10.99 -30.61
C LEU A 128 -23.25 -11.86 -30.28
N VAL A 129 -23.19 -13.11 -30.75
CA VAL A 129 -22.05 -13.99 -30.42
C VAL A 129 -20.75 -13.46 -31.02
N ARG A 130 -20.84 -12.71 -32.14
CA ARG A 130 -19.69 -12.00 -32.69
C ARG A 130 -19.07 -11.04 -31.69
N LEU A 131 -19.86 -10.50 -30.76
CA LEU A 131 -19.37 -9.63 -29.70
C LEU A 131 -18.46 -10.32 -28.71
N LEU A 132 -18.33 -11.65 -28.76
CA LEU A 132 -17.35 -12.33 -27.95
C LEU A 132 -15.93 -12.16 -28.49
N LYS A 133 -15.79 -11.56 -29.67
CA LYS A 133 -14.47 -11.32 -30.24
C LYS A 133 -13.68 -10.30 -29.42
N LEU A 134 -14.38 -9.41 -28.71
CA LEU A 134 -13.75 -8.35 -27.93
C LEU A 134 -12.87 -8.88 -26.81
N ILE A 135 -13.11 -10.10 -26.35
CA ILE A 135 -12.23 -10.71 -25.34
C ILE A 135 -10.87 -10.98 -25.94
N SER A 136 -10.83 -11.43 -27.20
CA SER A 136 -9.56 -11.68 -27.88
C SER A 136 -8.79 -10.39 -28.10
N VAL A 137 -9.49 -9.31 -28.43
CA VAL A 137 -8.84 -8.03 -28.68
C VAL A 137 -8.35 -7.42 -27.37
N GLN A 138 -9.12 -7.58 -26.29
CA GLN A 138 -8.66 -7.20 -24.96
C GLN A 138 -7.40 -7.95 -24.57
N ARG A 139 -7.38 -9.27 -24.77
CA ARG A 139 -6.21 -10.06 -24.38
C ARG A 139 -5.02 -9.83 -25.28
N SER A 140 -5.23 -9.38 -26.53
CA SER A 140 -4.10 -9.02 -27.37
C SER A 140 -3.52 -7.67 -26.98
N ALA A 141 -4.39 -6.68 -26.77
CA ALA A 141 -3.94 -5.34 -26.41
C ALA A 141 -3.35 -5.25 -25.02
N THR A 142 -3.73 -6.14 -24.10
CA THR A 142 -3.15 -6.09 -22.77
C THR A 142 -1.78 -6.75 -22.69
N ARG A 143 -1.20 -7.17 -23.82
CA ARG A 143 0.17 -7.66 -23.84
C ARG A 143 1.02 -7.08 -24.96
N ILE A 144 0.41 -6.55 -26.03
CA ILE A 144 1.26 -5.97 -27.07
C ILE A 144 1.82 -4.62 -26.66
N LEU A 145 1.19 -3.92 -25.72
CA LEU A 145 1.66 -2.61 -25.27
C LEU A 145 1.53 -2.48 -23.76
N SER A 146 1.79 -3.59 -23.05
CA SER A 146 1.54 -3.62 -21.62
C SER A 146 2.63 -2.92 -20.82
N TYR A 147 3.86 -2.89 -21.34
CA TYR A 147 4.92 -2.23 -20.60
C TYR A 147 5.35 -0.92 -21.21
N ARG A 148 4.77 -0.53 -22.34
CA ARG A 148 4.93 0.82 -22.83
C ARG A 148 4.22 1.82 -21.91
N ILE A 149 3.02 1.46 -21.45
CA ILE A 149 2.22 2.36 -20.64
C ILE A 149 1.86 1.70 -19.31
N ASN A 150 1.18 2.46 -18.46
CA ASN A 150 0.84 2.08 -17.11
C ASN A 150 -0.26 1.04 -17.13
N PRO A 151 -0.13 -0.09 -16.42
CA PRO A 151 -1.19 -1.10 -16.40
C PRO A 151 -2.51 -0.66 -15.81
N ALA A 152 -2.53 0.29 -14.87
CA ALA A 152 -3.80 0.83 -14.42
C ALA A 152 -4.44 1.73 -15.46
N LEU A 153 -3.63 2.54 -16.15
CA LEU A 153 -4.14 3.43 -17.18
C LEU A 153 -4.69 2.65 -18.37
N LEU A 154 -4.04 1.53 -18.72
CA LEU A 154 -4.52 0.71 -19.82
C LEU A 154 -5.87 0.09 -19.48
N ARG A 155 -6.01 -0.40 -18.24
CA ARG A 155 -7.27 -0.98 -17.81
C ARG A 155 -8.38 0.07 -17.76
N LEU A 156 -8.04 1.29 -17.33
CA LEU A 156 -9.02 2.37 -17.29
C LEU A 156 -9.48 2.77 -18.68
N LEU A 157 -8.56 2.89 -19.64
CA LEU A 157 -8.95 3.22 -21.00
C LEU A 157 -9.75 2.11 -21.65
N SER A 158 -9.40 0.85 -21.36
CA SER A 158 -10.16 -0.26 -21.90
C SER A 158 -11.55 -0.31 -21.31
N LEU A 159 -11.69 0.07 -20.04
CA LEU A 159 -13.01 0.08 -19.41
C LEU A 159 -13.87 1.22 -19.95
N VAL A 160 -13.27 2.39 -20.22
CA VAL A 160 -14.01 3.49 -20.84
C VAL A 160 -14.47 3.09 -22.24
N GLY A 161 -13.61 2.39 -22.99
CA GLY A 161 -14.02 1.90 -24.30
C GLY A 161 -15.16 0.91 -24.24
N PHE A 162 -15.09 -0.06 -23.33
CA PHE A 162 -16.18 -1.02 -23.17
C PHE A 162 -17.46 -0.38 -22.63
N ILE A 163 -17.36 0.66 -21.81
CA ILE A 163 -18.56 1.30 -21.27
C ILE A 163 -19.29 2.10 -22.33
N LEU A 164 -18.56 2.85 -23.17
CA LEU A 164 -19.25 3.53 -24.28
C LEU A 164 -19.79 2.53 -25.28
N LEU A 165 -19.02 1.49 -25.56
CA LEU A 165 -19.42 0.51 -26.56
C LEU A 165 -20.58 -0.35 -26.08
N ALA A 166 -20.78 -0.47 -24.77
CA ALA A 166 -21.94 -1.11 -24.20
C ALA A 166 -23.12 -0.17 -24.02
N ALA A 167 -22.86 1.12 -23.81
CA ALA A 167 -23.93 2.09 -23.75
C ALA A 167 -24.65 2.19 -25.07
N HIS A 168 -23.92 1.98 -26.18
CA HIS A 168 -24.56 1.91 -27.47
C HIS A 168 -25.56 0.75 -27.55
N GLY A 169 -25.15 -0.43 -27.10
CA GLY A 169 -26.05 -1.58 -27.18
C GLY A 169 -27.24 -1.47 -26.24
N ILE A 170 -27.03 -0.89 -25.07
CA ILE A 170 -28.13 -0.68 -24.14
C ILE A 170 -29.11 0.35 -24.68
N ALA A 171 -28.60 1.37 -25.38
CA ALA A 171 -29.48 2.33 -26.04
C ALA A 171 -30.27 1.67 -27.14
N CYS A 172 -29.66 0.76 -27.88
CA CYS A 172 -30.38 0.02 -28.91
C CYS A 172 -31.46 -0.86 -28.31
N GLY A 173 -31.21 -1.44 -27.14
CA GLY A 173 -32.24 -2.26 -26.50
C GLY A 173 -33.42 -1.45 -26.01
N TRP A 174 -33.14 -0.29 -25.39
CA TRP A 174 -34.21 0.61 -24.95
C TRP A 174 -35.01 1.13 -26.13
N MET A 175 -34.33 1.44 -27.24
CA MET A 175 -35.02 1.85 -28.45
C MET A 175 -35.82 0.70 -29.04
N SER A 176 -35.38 -0.54 -28.83
CA SER A 176 -36.11 -1.69 -29.33
C SER A 176 -37.45 -1.85 -28.64
N LEU A 177 -37.46 -1.94 -27.32
CA LEU A 177 -38.74 -2.19 -26.66
C LEU A 177 -39.48 -0.91 -26.27
N GLN A 178 -39.64 -0.01 -27.23
CA GLN A 178 -40.53 1.14 -27.15
C GLN A 178 -41.85 0.85 -27.85
N PRO A 179 -42.92 1.56 -27.50
CA PRO A 179 -44.15 1.50 -28.29
C PRO A 179 -43.91 2.06 -29.68
N PRO A 180 -44.33 1.36 -30.73
CA PRO A 180 -44.02 1.79 -32.11
C PRO A 180 -44.82 3.03 -32.51
N SER A 181 -44.10 4.07 -32.92
CA SER A 181 -44.73 5.30 -33.37
C SER A 181 -43.83 5.96 -34.39
N GLU A 182 -44.45 6.76 -35.26
CA GLU A 182 -43.74 7.41 -36.34
C GLU A 182 -42.88 8.54 -35.78
N ASN A 183 -41.59 8.46 -36.03
CA ASN A 183 -40.60 9.26 -35.34
C ASN A 183 -39.33 9.09 -36.17
N PRO A 184 -38.58 10.16 -36.45
CA PRO A 184 -37.34 9.99 -37.22
C PRO A 184 -36.32 9.17 -36.46
N ALA A 185 -35.53 8.40 -37.20
CA ALA A 185 -34.62 7.41 -36.62
C ALA A 185 -33.40 8.03 -35.98
N GLY A 186 -33.19 9.34 -36.12
CA GLY A 186 -32.11 9.97 -35.41
C GLY A 186 -32.55 10.37 -34.03
N THR A 187 -33.74 10.97 -33.93
CA THR A 187 -34.23 11.45 -32.65
C THR A 187 -34.62 10.34 -31.70
N ARG A 188 -35.22 9.26 -32.18
CA ARG A 188 -35.58 8.15 -31.31
C ARG A 188 -34.37 7.32 -30.89
N TYR A 189 -33.24 7.48 -31.54
CA TYR A 189 -31.97 6.99 -31.01
C TYR A 189 -31.34 7.95 -30.03
N LEU A 190 -31.49 9.25 -30.29
CA LEU A 190 -30.83 10.25 -29.46
C LEU A 190 -31.41 10.27 -28.05
N SER A 191 -32.73 10.12 -27.93
CA SER A 191 -33.33 10.04 -26.61
C SER A 191 -32.93 8.77 -25.88
N ALA A 192 -32.77 7.67 -26.60
CA ALA A 192 -32.39 6.42 -25.95
C ALA A 192 -30.95 6.48 -25.48
N PHE A 193 -30.07 7.12 -26.25
CA PHE A 193 -28.69 7.23 -25.81
C PHE A 193 -28.56 8.21 -24.66
N TYR A 194 -29.35 9.28 -24.67
CA TYR A 194 -29.42 10.20 -23.54
C TYR A 194 -29.92 9.51 -22.28
N TRP A 195 -30.89 8.60 -22.42
CA TRP A 195 -31.37 7.85 -21.27
C TRP A 195 -30.32 6.89 -20.73
N THR A 196 -29.65 6.16 -21.62
CA THR A 196 -28.68 5.20 -21.12
C THR A 196 -27.38 5.85 -20.68
N ILE A 197 -27.17 7.14 -20.94
CA ILE A 197 -26.07 7.82 -20.27
C ILE A 197 -26.53 8.43 -18.95
N THR A 198 -27.78 8.89 -18.87
CA THR A 198 -28.31 9.39 -17.61
C THR A 198 -28.44 8.30 -16.56
N THR A 199 -28.70 7.06 -16.99
CA THR A 199 -28.87 5.98 -16.02
C THR A 199 -27.52 5.39 -15.57
N LEU A 200 -26.59 5.18 -16.51
CA LEU A 200 -25.30 4.60 -16.16
C LEU A 200 -24.45 5.52 -15.31
N THR A 201 -24.48 6.83 -15.54
CA THR A 201 -23.64 7.68 -14.71
C THR A 201 -24.35 8.05 -13.42
N THR A 202 -25.45 7.37 -13.15
CA THR A 202 -26.25 7.60 -11.96
C THR A 202 -26.64 9.04 -11.69
N ILE A 203 -27.05 9.78 -12.71
CA ILE A 203 -27.50 11.14 -12.48
C ILE A 203 -28.98 10.96 -12.28
N GLY A 204 -29.66 10.47 -13.31
CA GLY A 204 -31.06 10.17 -13.18
C GLY A 204 -31.94 11.40 -13.11
N TYR A 205 -32.07 12.11 -14.24
CA TYR A 205 -33.00 13.23 -14.27
C TYR A 205 -34.42 12.77 -14.07
N GLY A 206 -34.81 11.70 -14.75
CA GLY A 206 -36.16 11.20 -14.60
C GLY A 206 -37.15 11.89 -15.49
N ASP A 207 -36.69 12.59 -16.51
CA ASP A 207 -37.58 13.24 -17.45
C ASP A 207 -38.27 12.24 -18.37
N ILE A 208 -37.61 11.16 -18.73
CA ILE A 208 -38.25 10.08 -19.47
C ILE A 208 -37.95 8.76 -18.76
N THR A 209 -39.00 7.99 -18.50
CA THR A 209 -39.09 6.93 -17.49
C THR A 209 -39.65 5.65 -18.10
N PRO A 210 -39.60 4.51 -17.41
CA PRO A 210 -40.35 3.35 -17.87
C PRO A 210 -41.85 3.54 -17.78
N SER A 211 -42.56 2.87 -18.68
CA SER A 211 -44.02 2.88 -18.67
C SER A 211 -44.62 1.50 -18.44
N THR A 212 -44.21 0.52 -19.22
CA THR A 212 -44.70 -0.86 -19.15
C THR A 212 -43.87 -1.66 -18.15
N PRO A 213 -44.34 -2.83 -17.72
CA PRO A 213 -43.48 -3.67 -16.86
C PRO A 213 -42.26 -4.22 -17.58
N THR A 214 -42.39 -4.58 -18.86
CA THR A 214 -41.25 -5.12 -19.59
C THR A 214 -40.18 -4.07 -19.84
N GLN A 215 -40.51 -2.78 -19.81
CA GLN A 215 -39.49 -1.75 -19.75
C GLN A 215 -38.86 -1.66 -18.37
N THR A 216 -39.66 -1.91 -17.32
CA THR A 216 -39.19 -1.68 -15.97
C THR A 216 -38.19 -2.74 -15.54
N VAL A 217 -38.37 -3.97 -16.00
CA VAL A 217 -37.40 -5.02 -15.70
C VAL A 217 -36.05 -4.72 -16.35
N TYR A 218 -36.09 -4.24 -17.59
CA TYR A 218 -34.88 -3.84 -18.31
C TYR A 218 -34.22 -2.65 -17.62
N THR A 219 -35.03 -1.75 -17.08
CA THR A 219 -34.49 -0.60 -16.35
C THR A 219 -33.82 -1.02 -15.06
N ILE A 220 -34.39 -1.98 -14.34
CA ILE A 220 -33.77 -2.46 -13.09
C ILE A 220 -32.43 -3.14 -13.38
N VAL A 221 -32.39 -3.96 -14.43
CA VAL A 221 -31.15 -4.70 -14.68
C VAL A 221 -30.06 -3.78 -15.21
N ILE A 222 -30.40 -2.73 -15.96
CA ILE A 222 -29.31 -1.84 -16.35
C ILE A 222 -29.00 -0.80 -15.29
N GLU A 223 -29.88 -0.58 -14.31
CA GLU A 223 -29.46 0.19 -13.14
C GLU A 223 -28.40 -0.55 -12.36
N LEU A 224 -28.57 -1.86 -12.19
CA LEU A 224 -27.51 -2.67 -11.57
C LEU A 224 -26.22 -2.63 -12.39
N LEU A 225 -26.33 -2.77 -13.72
CA LEU A 225 -25.12 -2.72 -14.54
C LEU A 225 -24.45 -1.36 -14.53
N GLY A 226 -25.22 -0.28 -14.49
CA GLY A 226 -24.67 1.05 -14.45
C GLY A 226 -24.00 1.38 -13.14
N ALA A 227 -24.59 0.96 -12.02
CA ALA A 227 -23.95 1.13 -10.73
C ALA A 227 -22.67 0.32 -10.64
N ALA A 228 -22.66 -0.88 -11.25
CA ALA A 228 -21.45 -1.70 -11.25
C ALA A 228 -20.34 -1.07 -12.09
N MET A 229 -20.69 -0.55 -13.27
CA MET A 229 -19.68 0.07 -14.14
C MET A 229 -19.13 1.35 -13.52
N TYR A 230 -19.98 2.14 -12.88
CA TYR A 230 -19.50 3.36 -12.27
C TYR A 230 -18.67 3.06 -11.03
N GLY A 231 -18.98 1.98 -10.32
CA GLY A 231 -18.09 1.52 -9.26
C GLY A 231 -16.74 1.08 -9.77
N LEU A 232 -16.72 0.40 -10.92
CA LEU A 232 -15.45 0.00 -11.52
C LEU A 232 -14.62 1.20 -11.97
N VAL A 233 -15.27 2.23 -12.49
CA VAL A 233 -14.55 3.42 -12.92
C VAL A 233 -13.94 4.15 -11.72
N ILE A 234 -14.72 4.32 -10.65
CA ILE A 234 -14.19 4.99 -9.46
C ILE A 234 -13.09 4.16 -8.82
N GLY A 235 -13.22 2.83 -8.86
CA GLY A 235 -12.17 1.98 -8.32
C GLY A 235 -10.88 2.06 -9.11
N ASN A 236 -10.98 2.13 -10.45
CA ASN A 236 -9.77 2.22 -11.23
C ASN A 236 -9.11 3.59 -11.12
N ILE A 237 -9.90 4.66 -10.98
CA ILE A 237 -9.28 5.96 -10.78
C ILE A 237 -8.65 6.06 -9.41
N ALA A 238 -9.27 5.47 -8.39
CA ALA A 238 -8.69 5.42 -7.06
C ALA A 238 -7.44 4.57 -7.00
N SER A 239 -7.34 3.53 -7.82
CA SER A 239 -6.11 2.76 -7.92
C SER A 239 -5.09 3.40 -8.84
N LEU A 240 -5.51 4.34 -9.67
CA LEU A 240 -4.58 5.01 -10.56
C LEU A 240 -3.91 6.19 -9.87
N VAL A 241 -4.64 6.99 -9.09
CA VAL A 241 -4.05 8.15 -8.46
C VAL A 241 -3.47 7.86 -7.10
N SER A 242 -3.64 6.65 -6.57
CA SER A 242 -3.02 6.32 -5.29
C SER A 242 -1.52 6.10 -5.43
N LYS A 243 -1.10 5.41 -6.48
CA LYS A 243 0.30 5.12 -6.74
C LYS A 243 0.92 6.14 -7.67
N LEU A 244 0.33 7.33 -7.78
CA LEU A 244 0.79 8.29 -8.76
C LEU A 244 2.07 8.99 -8.30
N ASP A 245 2.14 9.38 -7.04
CA ASP A 245 3.38 9.83 -6.42
C ASP A 245 3.76 8.86 -5.33
N ALA A 246 4.62 7.92 -5.66
CA ALA A 246 5.16 6.99 -4.67
C ALA A 246 6.60 7.30 -4.34
N ALA A 247 7.40 7.65 -5.34
CA ALA A 247 8.78 8.05 -5.10
C ALA A 247 8.87 9.35 -4.32
N LYS A 248 7.94 10.27 -4.54
CA LYS A 248 7.93 11.56 -3.87
C LYS A 248 7.25 11.50 -2.51
N LEU A 249 6.46 10.46 -2.25
CA LEU A 249 5.80 10.27 -0.97
C LEU A 249 6.62 9.41 -0.04
N LEU A 250 7.35 8.44 -0.59
CA LEU A 250 8.23 7.60 0.21
C LEU A 250 9.39 8.41 0.78
N HIS A 251 9.97 9.29 -0.04
CA HIS A 251 10.99 10.21 0.43
C HIS A 251 10.46 11.21 1.44
N ARG A 252 9.24 11.70 1.27
CA ARG A 252 8.62 12.61 2.22
C ARG A 252 8.33 11.93 3.54
N GLU A 253 8.04 10.63 3.54
CA GLU A 253 7.91 9.91 4.79
C GLU A 253 9.25 9.63 5.45
N ARG A 254 10.28 9.31 4.67
CA ARG A 254 11.60 9.07 5.22
C ARG A 254 12.24 10.33 5.77
N VAL A 255 11.91 11.51 5.23
CA VAL A 255 12.49 12.74 5.73
C VAL A 255 11.79 13.24 6.99
N GLU A 256 10.54 12.84 7.22
CA GLU A 256 9.88 13.23 8.46
C GLU A 256 10.06 12.21 9.56
N ARG A 257 10.33 10.94 9.23
CA ARG A 257 10.72 9.97 10.24
C ARG A 257 12.02 10.32 10.92
N VAL A 258 13.01 10.82 10.17
CA VAL A 258 14.27 11.23 10.80
C VAL A 258 14.09 12.48 11.65
N THR A 259 13.31 13.45 11.18
CA THR A 259 13.05 14.69 11.90
C THR A 259 12.25 14.46 13.18
N ALA A 260 11.20 13.64 13.14
CA ALA A 260 10.43 13.36 14.34
C ALA A 260 11.21 12.51 15.32
N PHE A 261 12.21 11.79 14.85
CA PHE A 261 13.07 11.06 15.79
C PHE A 261 14.08 12.00 16.44
N LEU A 262 14.75 12.84 15.66
CA LEU A 262 15.75 13.72 16.21
C LEU A 262 15.17 14.87 17.01
N SER A 263 13.89 15.17 16.86
CA SER A 263 13.25 16.10 17.78
C SER A 263 13.08 15.51 19.17
N TYR A 264 12.96 14.18 19.26
CA TYR A 264 12.89 13.53 20.56
C TYR A 264 14.23 13.58 21.27
N LYS A 265 15.32 13.48 20.52
CA LYS A 265 16.65 13.45 21.14
C LYS A 265 17.15 14.83 21.56
N ARG A 266 16.34 15.89 21.36
CA ARG A 266 16.68 17.27 21.69
C ARG A 266 17.96 17.71 20.99
N ILE A 267 17.90 17.68 19.68
CA ILE A 267 19.04 17.99 18.84
C ILE A 267 19.03 19.50 18.62
N SER A 268 20.16 20.05 18.19
CA SER A 268 20.21 21.48 17.92
C SER A 268 19.54 21.77 16.57
N PRO A 269 18.86 22.91 16.45
CA PRO A 269 18.14 23.22 15.20
C PRO A 269 19.05 23.47 14.00
N GLU A 270 20.31 23.84 14.22
CA GLU A 270 21.20 24.13 13.09
C GLU A 270 21.59 22.85 12.37
N LEU A 271 21.98 21.82 13.12
CA LEU A 271 22.29 20.52 12.53
C LEU A 271 21.06 19.89 11.91
N GLN A 272 19.89 20.11 12.50
CA GLN A 272 18.65 19.60 11.94
C GLN A 272 18.33 20.28 10.62
N ARG A 273 18.62 21.57 10.50
CA ARG A 273 18.46 22.26 9.22
C ARG A 273 19.46 21.76 8.20
N ARG A 274 20.66 21.38 8.64
CA ARG A 274 21.65 20.83 7.72
C ARG A 274 21.22 19.45 7.22
N ILE A 275 20.61 18.63 8.08
CA ILE A 275 20.08 17.34 7.65
C ILE A 275 18.94 17.52 6.65
N ILE A 276 18.05 18.49 6.90
CA ILE A 276 16.94 18.73 5.99
C ILE A 276 17.43 19.21 4.63
N GLU A 277 18.46 20.08 4.60
CA GLU A 277 18.94 20.50 3.29
C GLU A 277 19.75 19.40 2.60
N TYR A 278 20.34 18.48 3.35
CA TYR A 278 20.91 17.27 2.75
C TYR A 278 19.84 16.45 2.03
N PHE A 279 18.70 16.23 2.68
CA PHE A 279 17.66 15.44 2.02
C PHE A 279 17.02 16.19 0.86
N ASP A 280 17.01 17.52 0.90
CA ASP A 280 16.51 18.27 -0.26
C ASP A 280 17.46 18.13 -1.44
N TYR A 281 18.79 18.14 -1.18
CA TYR A 281 19.76 17.85 -2.24
C TYR A 281 19.57 16.45 -2.81
N LEU A 282 19.46 15.45 -1.93
CA LEU A 282 19.36 14.07 -2.36
C LEU A 282 18.04 13.79 -3.05
N TRP A 283 17.00 14.58 -2.81
CA TRP A 283 15.82 14.44 -3.67
C TRP A 283 16.03 15.12 -5.01
N GLU A 284 16.53 16.35 -5.03
CA GLU A 284 16.52 17.06 -6.29
C GLU A 284 17.61 16.61 -7.24
N THR A 285 18.55 15.77 -6.82
CA THR A 285 19.53 15.25 -7.77
C THR A 285 19.24 13.84 -8.23
N ARG A 286 19.16 12.85 -7.34
CA ARG A 286 19.02 11.46 -7.77
C ARG A 286 17.70 10.85 -7.33
N ARG A 287 16.73 11.70 -7.01
CA ARG A 287 15.34 11.31 -6.71
C ARG A 287 15.23 10.38 -5.52
N GLY A 288 15.96 10.68 -4.45
CA GLY A 288 15.69 10.07 -3.17
C GLY A 288 16.32 8.72 -2.94
N TYR A 289 16.88 8.08 -3.95
CA TYR A 289 17.28 6.69 -3.82
C TYR A 289 18.73 6.60 -3.36
N GLU A 290 19.00 5.66 -2.45
CA GLU A 290 20.35 5.45 -1.96
C GLU A 290 21.15 4.68 -3.00
N GLU A 291 22.45 4.94 -3.06
CA GLU A 291 23.30 4.35 -4.10
C GLU A 291 23.46 2.86 -3.97
N ARG A 292 23.75 2.35 -2.78
CA ARG A 292 24.10 0.95 -2.60
C ARG A 292 22.89 0.03 -2.59
N GLU A 293 21.68 0.58 -2.62
CA GLU A 293 20.47 -0.22 -2.71
C GLU A 293 19.82 -0.14 -4.08
N VAL A 294 20.34 0.68 -4.99
CA VAL A 294 19.90 0.64 -6.37
C VAL A 294 20.71 -0.38 -7.16
N LEU A 295 22.03 -0.23 -7.17
CA LEU A 295 22.83 -1.22 -7.86
C LEU A 295 23.24 -2.37 -6.94
N LYS A 296 22.29 -2.85 -6.16
CA LYS A 296 22.35 -4.19 -5.61
C LYS A 296 21.32 -5.07 -6.28
N GLU A 297 20.38 -4.48 -7.01
CA GLU A 297 19.37 -5.19 -7.77
C GLU A 297 19.79 -5.44 -9.21
N LEU A 298 21.09 -5.47 -9.48
CA LEU A 298 21.68 -5.90 -10.73
C LEU A 298 22.47 -7.18 -10.50
N PRO A 299 22.67 -8.01 -11.52
CA PRO A 299 23.54 -9.17 -11.34
C PRO A 299 24.99 -8.75 -11.38
N HIS A 300 25.90 -9.66 -11.06
CA HIS A 300 27.33 -9.38 -11.02
C HIS A 300 27.97 -8.85 -12.31
N PRO A 301 27.71 -9.37 -13.52
CA PRO A 301 28.37 -8.77 -14.69
C PRO A 301 27.85 -7.39 -15.04
N LEU A 302 26.55 -7.12 -14.85
CA LEU A 302 26.04 -5.79 -15.13
C LEU A 302 26.49 -4.80 -14.08
N ARG A 303 26.63 -5.24 -12.83
CA ARG A 303 27.13 -4.35 -11.79
C ARG A 303 28.60 -4.03 -12.03
N LEU A 304 29.37 -5.03 -12.49
CA LEU A 304 30.75 -4.78 -12.91
C LEU A 304 30.82 -3.80 -14.07
N ALA A 305 29.91 -3.93 -15.04
CA ALA A 305 29.93 -3.05 -16.19
C ALA A 305 29.55 -1.61 -15.82
N VAL A 306 28.59 -1.44 -14.92
CA VAL A 306 28.20 -0.11 -14.46
C VAL A 306 29.33 0.54 -13.67
N ALA A 307 29.97 -0.21 -12.78
CA ALA A 307 31.08 0.35 -12.01
C ALA A 307 32.29 0.66 -12.91
N MET A 308 32.49 -0.14 -13.96
CA MET A 308 33.55 0.14 -14.91
C MET A 308 33.26 1.40 -15.72
N GLU A 309 32.00 1.64 -16.04
CA GLU A 309 31.65 2.86 -16.77
C GLU A 309 31.74 4.09 -15.87
N ILE A 310 31.46 3.93 -14.59
CA ILE A 310 31.52 5.09 -13.68
C ILE A 310 32.97 5.44 -13.38
N HIS A 311 33.75 4.48 -12.87
CA HIS A 311 35.13 4.78 -12.48
C HIS A 311 36.10 4.46 -13.60
N GLY A 312 35.82 5.01 -14.78
CA GLY A 312 36.67 4.75 -15.92
C GLY A 312 37.72 5.83 -16.12
N ASP A 313 37.27 7.08 -16.12
CA ASP A 313 38.13 8.24 -16.27
C ASP A 313 38.74 8.72 -14.96
N VAL A 314 38.77 7.87 -13.94
CA VAL A 314 39.29 8.22 -12.64
C VAL A 314 40.46 7.33 -12.24
N ILE A 315 40.30 6.01 -12.39
CA ILE A 315 41.26 5.06 -11.84
C ILE A 315 42.53 4.96 -12.66
N GLU A 316 42.51 5.40 -13.92
CA GLU A 316 43.74 5.43 -14.72
C GLU A 316 44.40 6.80 -14.63
N LYS A 317 44.54 7.29 -13.39
CA LYS A 317 45.25 8.54 -13.12
C LYS A 317 46.16 8.46 -11.91
N VAL A 318 45.98 7.50 -11.00
CA VAL A 318 46.78 7.45 -9.78
C VAL A 318 48.16 6.87 -10.10
N PRO A 319 49.23 7.42 -9.53
CA PRO A 319 50.55 6.82 -9.77
C PRO A 319 50.91 5.71 -8.80
N LEU A 320 49.96 4.85 -8.49
CA LEU A 320 50.22 3.66 -7.67
C LEU A 320 49.60 2.42 -8.27
N PHE A 321 48.55 2.58 -9.07
CA PHE A 321 47.86 1.47 -9.70
C PHE A 321 48.26 1.32 -11.15
N LYS A 322 49.15 2.18 -11.62
CA LYS A 322 49.67 2.13 -12.98
C LYS A 322 50.69 1.01 -13.08
N GLY A 323 50.59 0.20 -14.14
CA GLY A 323 51.40 -0.97 -14.27
C GLY A 323 50.79 -2.23 -13.70
N ALA A 324 49.68 -2.11 -12.98
CA ALA A 324 48.94 -3.28 -12.54
C ALA A 324 48.17 -3.87 -13.71
N GLY A 325 47.63 -5.07 -13.50
CA GLY A 325 46.86 -5.76 -14.50
C GLY A 325 45.41 -5.32 -14.51
N GLU A 326 44.65 -5.90 -15.43
CA GLU A 326 43.22 -5.67 -15.52
C GLU A 326 42.47 -6.46 -14.46
N GLU A 327 43.08 -7.53 -13.95
CA GLU A 327 42.54 -8.31 -12.84
C GLU A 327 42.53 -7.51 -11.54
N PHE A 328 43.45 -6.60 -11.38
CA PHE A 328 43.53 -5.77 -10.19
C PHE A 328 42.51 -4.66 -10.18
N ILE A 329 42.29 -4.00 -11.31
CA ILE A 329 41.37 -2.87 -11.38
C ILE A 329 39.93 -3.33 -11.20
N ARG A 330 39.55 -4.46 -11.80
CA ARG A 330 38.20 -4.99 -11.61
C ARG A 330 37.90 -5.40 -10.17
N ASP A 331 38.92 -5.71 -9.39
CA ASP A 331 38.67 -6.05 -8.00
C ASP A 331 38.74 -4.85 -7.06
N ILE A 332 39.54 -3.83 -7.37
CA ILE A 332 39.44 -2.64 -6.52
C ILE A 332 38.19 -1.85 -6.84
N ILE A 333 37.67 -1.95 -8.07
CA ILE A 333 36.56 -1.09 -8.48
C ILE A 333 35.23 -1.58 -7.93
N LEU A 334 35.17 -2.77 -7.38
CA LEU A 334 33.92 -3.30 -6.82
C LEU A 334 33.79 -3.05 -5.34
N HIS A 335 34.81 -2.50 -4.69
CA HIS A 335 34.77 -2.29 -3.26
C HIS A 335 34.81 -0.81 -2.88
N LEU A 336 34.52 0.07 -3.82
CA LEU A 336 34.45 1.49 -3.52
C LEU A 336 33.11 1.79 -2.87
N GLU A 337 33.14 2.68 -1.89
CA GLU A 337 31.97 2.96 -1.07
C GLU A 337 31.59 4.43 -1.20
N PRO A 338 30.35 4.74 -1.58
CA PRO A 338 29.96 6.16 -1.75
C PRO A 338 29.58 6.83 -0.44
N VAL A 339 30.02 8.09 -0.30
CA VAL A 339 29.61 8.96 0.78
C VAL A 339 29.34 10.33 0.20
N ILE A 340 28.56 11.12 0.92
CA ILE A 340 28.16 12.45 0.46
C ILE A 340 28.48 13.43 1.58
N TYR A 341 29.35 14.39 1.31
CA TYR A 341 29.71 15.41 2.28
C TYR A 341 29.01 16.71 1.93
N GLY A 342 28.40 17.34 2.93
CA GLY A 342 27.75 18.60 2.74
C GLY A 342 28.74 19.74 2.63
N PRO A 343 28.24 20.93 2.34
CA PRO A 343 29.14 22.09 2.22
C PRO A 343 29.70 22.54 3.56
N GLY A 344 30.98 22.27 3.76
CA GLY A 344 31.67 22.62 4.99
C GLY A 344 32.07 21.45 5.86
N GLU A 345 31.70 20.23 5.48
CA GLU A 345 32.03 19.06 6.29
C GLU A 345 33.51 18.73 6.18
N TYR A 346 34.13 18.47 7.33
CA TYR A 346 35.54 18.10 7.40
C TYR A 346 35.69 16.68 6.89
N ILE A 347 36.29 16.53 5.71
CA ILE A 347 36.61 15.19 5.22
C ILE A 347 37.83 14.65 5.94
N ILE A 348 38.93 15.39 5.91
CA ILE A 348 40.19 14.99 6.52
C ILE A 348 40.66 16.14 7.42
N ARG A 349 40.87 15.84 8.69
CA ARG A 349 41.46 16.82 9.60
C ARG A 349 42.95 16.59 9.70
N ALA A 350 43.71 17.68 9.70
CA ALA A 350 45.16 17.61 9.77
C ALA A 350 45.60 17.13 11.14
N GLY A 351 46.40 16.07 11.16
CA GLY A 351 46.89 15.51 12.39
C GLY A 351 46.18 14.27 12.85
N GLU A 352 45.19 13.79 12.11
CA GLU A 352 44.49 12.55 12.46
C GLU A 352 45.31 11.33 12.09
N MET A 353 44.76 10.16 12.43
CA MET A 353 45.35 8.90 12.01
C MET A 353 45.21 8.71 10.50
N GLY A 354 43.99 8.56 10.01
CA GLY A 354 43.76 8.50 8.58
C GLY A 354 44.04 7.14 7.98
N SER A 355 43.09 6.58 7.25
CA SER A 355 43.32 5.27 6.67
C SER A 355 42.97 5.19 5.18
N ASP A 356 41.98 5.96 4.75
CA ASP A 356 41.32 5.70 3.49
C ASP A 356 41.61 6.78 2.45
N VAL A 357 41.52 6.37 1.18
CA VAL A 357 41.72 7.24 0.04
C VAL A 357 40.35 7.64 -0.48
N TYR A 358 40.26 8.82 -1.09
CA TYR A 358 39.00 9.36 -1.56
C TYR A 358 39.09 9.72 -3.03
N PHE A 359 38.08 9.33 -3.80
CA PHE A 359 37.98 9.64 -5.22
C PHE A 359 36.82 10.59 -5.43
N ILE A 360 37.09 11.73 -6.00
CA ILE A 360 36.04 12.72 -6.26
C ILE A 360 35.30 12.31 -7.52
N ASN A 361 33.97 12.39 -7.48
CA ASN A 361 33.19 12.05 -8.66
C ASN A 361 32.40 13.24 -9.19
N ARG A 362 31.72 13.98 -8.33
CA ARG A 362 30.85 15.03 -8.84
C ARG A 362 31.18 16.42 -8.36
N GLY A 363 31.34 16.63 -7.06
CA GLY A 363 31.49 17.95 -6.50
C GLY A 363 32.91 18.46 -6.51
N SER A 364 33.14 19.54 -5.78
CA SER A 364 34.45 20.12 -5.61
C SER A 364 34.83 20.09 -4.14
N VAL A 365 36.12 20.28 -3.87
CA VAL A 365 36.64 20.21 -2.51
C VAL A 365 37.86 21.11 -2.46
N GLU A 366 38.22 21.55 -1.26
CA GLU A 366 39.39 22.41 -1.09
C GLU A 366 40.32 21.82 -0.05
N VAL A 367 41.60 22.18 -0.15
CA VAL A 367 42.64 21.65 0.70
C VAL A 367 43.24 22.81 1.47
N LEU A 368 43.15 22.76 2.79
CA LEU A 368 43.70 23.82 3.64
C LEU A 368 44.83 23.28 4.49
N SER A 369 45.55 24.21 5.11
CA SER A 369 46.69 23.85 5.95
C SER A 369 46.22 23.45 7.35
N ALA A 370 47.18 23.29 8.26
CA ALA A 370 46.84 22.83 9.61
C ALA A 370 46.13 23.89 10.43
N ASP A 371 46.34 25.16 10.11
CA ASP A 371 45.65 26.25 10.78
C ASP A 371 44.44 26.76 10.01
N GLU A 372 44.08 26.09 8.91
CA GLU A 372 42.88 26.37 8.10
C GLU A 372 42.92 27.78 7.50
N LYS A 373 44.12 28.27 7.19
CA LYS A 373 44.28 29.61 6.66
C LYS A 373 44.82 29.64 5.22
N THR A 374 45.98 29.04 4.98
CA THR A 374 46.63 29.12 3.68
C THR A 374 46.12 28.01 2.79
N ARG A 375 45.38 28.38 1.75
CA ARG A 375 44.83 27.42 0.80
C ARG A 375 45.95 26.84 -0.07
N TYR A 376 46.14 25.53 0.00
CA TYR A 376 47.16 24.90 -0.83
C TYR A 376 46.71 24.84 -2.28
N ALA A 377 45.61 24.14 -2.54
CA ALA A 377 45.08 24.03 -3.89
C ALA A 377 43.59 23.72 -3.79
N ILE A 378 42.97 23.53 -4.95
CA ILE A 378 41.55 23.17 -5.03
C ILE A 378 41.45 21.97 -5.97
N LEU A 379 40.57 21.04 -5.65
CA LEU A 379 40.39 19.84 -6.44
C LEU A 379 39.02 19.86 -7.09
N SER A 380 38.85 18.98 -8.08
CA SER A 380 37.62 18.96 -8.86
C SER A 380 37.32 17.51 -9.20
N GLU A 381 36.30 17.29 -10.02
CA GLU A 381 35.91 15.93 -10.36
C GLU A 381 36.93 15.28 -11.26
N GLY A 382 37.02 13.96 -11.16
CA GLY A 382 38.02 13.20 -11.86
C GLY A 382 39.34 13.08 -11.12
N GLN A 383 39.54 13.81 -10.05
CA GLN A 383 40.77 13.76 -9.29
C GLN A 383 40.53 13.05 -7.96
N PHE A 384 41.56 13.02 -7.14
CA PHE A 384 41.60 12.17 -5.96
C PHE A 384 42.50 12.82 -4.94
N PHE A 385 42.43 12.32 -3.70
CA PHE A 385 43.33 12.78 -2.64
C PHE A 385 43.42 11.69 -1.59
N GLY A 386 44.46 11.77 -0.77
CA GLY A 386 44.66 10.78 0.26
C GLY A 386 45.33 9.51 -0.20
N GLU A 387 46.11 9.56 -1.28
CA GLU A 387 46.73 8.34 -1.79
C GLU A 387 47.90 7.90 -0.94
N MET A 388 48.46 8.78 -0.10
CA MET A 388 49.52 8.38 0.83
C MET A 388 48.91 7.96 2.17
N ALA A 389 47.96 7.04 2.08
CA ALA A 389 47.44 6.35 3.26
C ALA A 389 47.31 4.85 3.05
N LEU A 390 47.31 4.37 1.81
CA LEU A 390 47.20 2.94 1.59
C LEU A 390 48.52 2.24 1.87
N ILE A 391 49.63 2.96 1.71
CA ILE A 391 50.94 2.33 1.76
C ILE A 391 51.73 2.66 3.03
N LEU A 392 51.29 3.62 3.82
CA LEU A 392 52.14 4.18 4.85
C LEU A 392 51.33 4.41 6.13
N ARG A 393 52.04 4.43 7.26
CA ARG A 393 51.43 4.71 8.56
C ARG A 393 51.74 6.14 9.03
N ALA A 394 51.70 7.08 8.10
CA ALA A 394 51.90 8.48 8.45
C ALA A 394 50.57 9.13 8.81
N PRO A 395 50.62 10.20 9.63
CA PRO A 395 49.39 10.90 9.99
C PRO A 395 49.02 11.93 8.93
N ARG A 396 47.75 12.34 8.90
CA ARG A 396 47.26 13.33 7.92
C ARG A 396 48.13 14.58 7.85
N THR A 397 48.36 15.06 6.64
CA THR A 397 49.22 16.23 6.44
C THR A 397 48.53 17.55 6.08
N ALA A 398 47.20 17.57 6.04
CA ALA A 398 46.45 18.78 5.71
C ALA A 398 45.00 18.70 6.16
N THR A 399 44.25 19.76 5.88
CA THR A 399 42.83 19.77 6.19
C THR A 399 42.05 19.86 4.88
N VAL A 400 41.16 18.90 4.66
CA VAL A 400 40.40 18.79 3.42
C VAL A 400 38.95 19.10 3.77
N ARG A 401 38.49 20.30 3.42
CA ARG A 401 37.13 20.71 3.67
C ARG A 401 36.33 20.71 2.38
N ALA A 402 35.10 20.25 2.47
CA ALA A 402 34.21 20.29 1.32
C ALA A 402 33.76 21.71 1.06
N ARG A 403 33.41 21.99 -0.19
CA ARG A 403 32.93 23.31 -0.59
C ARG A 403 31.46 23.31 -0.95
N ALA A 404 31.05 22.45 -1.86
CA ALA A 404 29.65 22.18 -2.16
C ALA A 404 29.40 20.71 -1.86
N PHE A 405 28.24 20.22 -2.27
CA PHE A 405 27.98 18.78 -2.15
C PHE A 405 28.89 18.00 -3.09
N CYS A 406 29.55 16.98 -2.55
CA CYS A 406 30.70 16.38 -3.21
C CYS A 406 30.38 15.12 -4.00
N ASP A 407 29.66 14.17 -3.40
CA ASP A 407 29.35 12.85 -3.97
C ASP A 407 30.64 12.10 -4.34
N LEU A 408 31.43 11.80 -3.33
CA LEU A 408 32.73 11.18 -3.56
C LEU A 408 32.79 9.77 -2.98
N TYR A 409 33.62 8.93 -3.61
CA TYR A 409 33.79 7.53 -3.25
C TYR A 409 35.05 7.36 -2.41
N ARG A 410 35.07 6.32 -1.57
CA ARG A 410 36.23 6.06 -0.74
C ARG A 410 36.58 4.58 -0.75
N LEU A 411 37.84 4.30 -0.45
CA LEU A 411 38.37 2.94 -0.41
C LEU A 411 39.12 2.74 0.90
N ASP A 412 38.71 1.74 1.67
CA ASP A 412 39.31 1.51 2.97
C ASP A 412 40.66 0.81 2.82
N LYS A 413 41.54 1.05 3.79
CA LYS A 413 42.88 0.48 3.78
C LYS A 413 42.85 -1.02 4.06
N GLU A 414 41.97 -1.44 4.97
CA GLU A 414 41.85 -2.86 5.28
C GLU A 414 41.31 -3.65 4.10
N THR A 415 40.34 -3.07 3.37
CA THR A 415 39.77 -3.75 2.21
C THR A 415 40.78 -3.85 1.08
N PHE A 416 41.55 -2.77 0.87
CA PHE A 416 42.60 -2.76 -0.12
C PHE A 416 43.69 -3.79 0.19
N ASP A 417 44.16 -3.82 1.44
CA ASP A 417 45.15 -4.82 1.81
C ASP A 417 44.58 -6.23 1.89
N ARG A 418 43.27 -6.39 2.03
CA ARG A 418 42.69 -7.72 2.02
C ARG A 418 42.63 -8.28 0.61
N ILE A 419 42.28 -7.44 -0.37
CA ILE A 419 42.21 -7.94 -1.73
C ILE A 419 43.56 -7.76 -2.42
N LEU A 420 44.53 -7.20 -1.70
CA LEU A 420 45.88 -7.08 -2.20
C LEU A 420 46.75 -8.27 -1.86
N SER A 421 46.33 -9.09 -0.90
CA SER A 421 47.16 -10.19 -0.41
C SER A 421 47.25 -11.32 -1.43
N ARG A 422 46.30 -11.40 -2.35
CA ARG A 422 46.31 -12.46 -3.34
C ARG A 422 46.98 -12.07 -4.64
N TYR A 423 47.51 -10.85 -4.74
CA TYR A 423 48.22 -10.42 -5.93
C TYR A 423 49.66 -10.13 -5.54
N PRO A 424 50.61 -11.04 -5.77
CA PRO A 424 51.95 -10.86 -5.22
C PRO A 424 52.77 -9.76 -5.89
N GLU A 425 52.52 -9.50 -7.17
CA GLU A 425 53.37 -8.55 -7.90
C GLU A 425 53.08 -7.11 -7.47
N ILE A 426 51.82 -6.77 -7.23
CA ILE A 426 51.53 -5.45 -6.70
C ILE A 426 51.87 -5.38 -5.21
N ALA A 427 51.80 -6.52 -4.52
CA ALA A 427 52.27 -6.60 -3.14
C ALA A 427 53.77 -6.33 -3.01
N ALA A 428 54.54 -6.66 -4.05
CA ALA A 428 55.93 -6.25 -4.12
C ALA A 428 56.11 -4.84 -4.66
N GLN A 429 55.19 -4.39 -5.52
CA GLN A 429 55.26 -3.05 -6.09
C GLN A 429 55.05 -1.96 -5.05
N ILE A 430 54.15 -2.17 -4.09
CA ILE A 430 53.88 -1.12 -3.11
C ILE A 430 54.95 -1.02 -2.03
N GLN A 431 55.77 -2.05 -1.83
CA GLN A 431 56.77 -2.02 -0.76
C GLN A 431 57.93 -1.08 -1.09
N THR B 29 12.72 35.84 -4.10
CA THR B 29 11.57 36.42 -3.41
C THR B 29 10.82 37.46 -4.22
N TYR B 30 11.35 37.89 -5.37
CA TYR B 30 10.61 38.82 -6.21
C TYR B 30 10.14 38.22 -7.51
N THR B 31 10.27 36.90 -7.66
CA THR B 31 9.61 36.18 -8.75
C THR B 31 8.31 35.52 -8.29
N LEU B 32 8.13 35.35 -6.98
CA LEU B 32 6.93 34.74 -6.47
C LEU B 32 5.74 35.68 -6.58
N VAL B 33 5.96 36.98 -6.37
CA VAL B 33 4.90 37.96 -6.61
C VAL B 33 4.54 38.04 -8.09
N TRP B 34 5.51 37.76 -8.99
CA TRP B 34 5.19 37.73 -10.41
C TRP B 34 4.39 36.49 -10.78
N LYS B 35 4.69 35.35 -10.15
CA LYS B 35 3.89 34.16 -10.35
C LYS B 35 2.47 34.34 -9.82
N VAL B 36 2.32 35.04 -8.69
CA VAL B 36 0.99 35.35 -8.17
C VAL B 36 0.24 36.28 -9.11
N TRP B 37 0.95 37.22 -9.73
CA TRP B 37 0.32 38.13 -10.68
C TRP B 37 -0.12 37.39 -11.95
N ILE B 38 0.69 36.44 -12.42
CA ILE B 38 0.32 35.65 -13.60
C ILE B 38 -0.85 34.73 -13.30
N LEU B 39 -0.89 34.16 -12.09
CA LEU B 39 -2.04 33.36 -11.66
C LEU B 39 -3.30 34.21 -11.61
N ALA B 40 -3.19 35.45 -11.13
CA ALA B 40 -4.34 36.36 -11.11
C ALA B 40 -4.79 36.72 -12.52
N VAL B 41 -3.85 36.91 -13.44
CA VAL B 41 -4.20 37.25 -14.83
C VAL B 41 -4.90 36.09 -15.52
N THR B 42 -4.39 34.87 -15.34
CA THR B 42 -5.01 33.75 -16.01
C THR B 42 -6.34 33.38 -15.37
N LEU B 43 -6.49 33.63 -14.06
CA LEU B 43 -7.78 33.41 -13.41
C LEU B 43 -8.79 34.47 -13.87
N TYR B 44 -8.29 35.67 -14.16
CA TYR B 44 -9.12 36.72 -14.72
C TYR B 44 -9.65 36.34 -16.09
N TYR B 45 -8.79 35.81 -16.96
CA TYR B 45 -9.28 35.37 -18.27
C TYR B 45 -10.22 34.18 -18.15
N ALA B 46 -9.93 33.26 -17.22
CA ALA B 46 -10.76 32.08 -17.05
C ALA B 46 -12.16 32.42 -16.57
N ILE B 47 -12.30 33.48 -15.77
CA ILE B 47 -13.65 33.92 -15.42
C ILE B 47 -14.28 34.78 -16.51
N ARG B 48 -13.50 35.61 -17.21
CA ARG B 48 -14.09 36.62 -18.07
C ARG B 48 -14.47 36.11 -19.46
N ILE B 49 -13.60 35.31 -20.11
CA ILE B 49 -13.76 35.03 -21.54
C ILE B 49 -15.05 34.26 -21.89
N PRO B 50 -15.41 33.14 -21.23
CA PRO B 50 -16.69 32.53 -21.57
C PRO B 50 -17.89 33.34 -21.11
N LEU B 51 -17.71 34.28 -20.20
CA LEU B 51 -18.80 35.13 -19.80
C LEU B 51 -19.05 36.24 -20.81
N THR B 52 -18.02 36.66 -21.52
CA THR B 52 -18.19 37.67 -22.55
C THR B 52 -18.46 37.09 -23.92
N LEU B 53 -18.26 35.78 -24.11
CA LEU B 53 -18.73 35.17 -25.34
C LEU B 53 -20.25 35.12 -25.38
N VAL B 54 -20.89 34.97 -24.22
CA VAL B 54 -22.35 34.95 -24.19
C VAL B 54 -22.89 36.37 -24.30
N PHE B 55 -22.31 37.29 -23.53
CA PHE B 55 -22.75 38.67 -23.55
C PHE B 55 -21.73 39.53 -24.26
N PRO B 56 -21.98 39.95 -25.51
CA PRO B 56 -21.10 40.94 -26.14
C PRO B 56 -21.35 42.36 -25.68
N SER B 57 -22.34 42.58 -24.80
CA SER B 57 -22.55 43.88 -24.20
C SER B 57 -21.47 44.23 -23.19
N LEU B 58 -20.69 43.25 -22.76
CA LEU B 58 -19.45 43.51 -22.04
C LEU B 58 -18.33 43.78 -23.04
N PHE B 59 -17.09 43.78 -22.53
CA PHE B 59 -15.80 44.01 -23.18
C PHE B 59 -15.58 45.45 -23.62
N SER B 60 -16.65 46.21 -23.77
CA SER B 60 -16.51 47.55 -24.32
C SER B 60 -16.13 48.53 -23.21
N PRO B 61 -16.80 48.58 -22.01
CA PRO B 61 -16.20 49.41 -20.96
C PRO B 61 -15.24 48.61 -20.10
N LEU B 62 -14.51 47.70 -20.69
CA LEU B 62 -13.62 46.87 -19.89
C LEU B 62 -12.37 46.42 -20.65
N LEU B 63 -12.19 46.87 -21.89
CA LEU B 63 -10.95 46.70 -22.65
C LEU B 63 -9.60 47.02 -21.96
N PRO B 64 -9.45 48.06 -21.09
CA PRO B 64 -8.09 48.30 -20.53
C PRO B 64 -7.53 47.19 -19.66
N LEU B 65 -8.39 46.44 -18.98
CA LEU B 65 -7.90 45.28 -18.25
C LEU B 65 -7.43 44.19 -19.19
N ASP B 66 -8.08 44.03 -20.34
CA ASP B 66 -7.57 43.15 -21.39
C ASP B 66 -6.21 43.60 -21.87
N ILE B 67 -6.00 44.92 -22.00
CA ILE B 67 -4.71 45.44 -22.46
C ILE B 67 -3.61 45.12 -21.46
N LEU B 68 -3.87 45.40 -20.18
CA LEU B 68 -2.89 45.13 -19.13
C LEU B 68 -2.58 43.63 -19.01
N ALA B 69 -3.61 42.79 -19.04
CA ALA B 69 -3.40 41.36 -18.87
C ALA B 69 -2.78 40.72 -20.09
N SER B 70 -3.06 41.25 -21.28
CA SER B 70 -2.43 40.72 -22.49
C SER B 70 -0.96 41.10 -22.55
N LEU B 71 -0.63 42.32 -22.11
CA LEU B 71 0.78 42.70 -22.01
C LEU B 71 1.50 41.84 -20.98
N ALA B 72 0.82 41.50 -19.87
CA ALA B 72 1.42 40.64 -18.87
C ALA B 72 1.68 39.24 -19.41
N LEU B 73 0.72 38.67 -20.15
CA LEU B 73 0.90 37.34 -20.69
C LEU B 73 1.95 37.31 -21.81
N ILE B 74 2.07 38.38 -22.57
CA ILE B 74 3.09 38.37 -23.63
C ILE B 74 4.47 38.71 -23.08
N ALA B 75 4.54 39.35 -21.91
CA ALA B 75 5.82 39.67 -21.30
C ALA B 75 6.25 38.66 -20.24
N ASP B 76 5.43 37.65 -19.95
CA ASP B 76 5.87 36.64 -18.99
C ASP B 76 6.92 35.72 -19.56
N ILE B 77 6.85 35.41 -20.85
CA ILE B 77 7.77 34.44 -21.47
C ILE B 77 9.23 34.92 -21.55
N PRO B 78 9.59 36.22 -21.66
CA PRO B 78 11.01 36.54 -21.42
C PRO B 78 11.44 36.33 -19.98
N LEU B 79 10.56 36.58 -19.01
CA LEU B 79 10.90 36.29 -17.63
C LEU B 79 10.69 34.83 -17.29
N ASP B 80 9.96 34.08 -18.14
CA ASP B 80 10.00 32.64 -18.05
C ASP B 80 11.31 32.05 -18.54
N LEU B 81 11.93 32.67 -19.55
CA LEU B 81 13.25 32.18 -19.96
C LEU B 81 14.32 32.67 -18.98
N ALA B 82 14.55 33.99 -18.96
CA ALA B 82 15.61 34.56 -18.15
C ALA B 82 15.15 34.67 -16.70
N PHE B 83 16.09 34.46 -15.78
CA PHE B 83 15.92 34.42 -14.33
C PHE B 83 15.01 33.29 -13.86
N GLU B 84 14.60 32.38 -14.73
CA GLU B 84 13.81 31.24 -14.31
C GLU B 84 14.37 29.93 -14.83
N SER B 85 14.86 29.88 -16.07
CA SER B 85 15.42 28.65 -16.61
C SER B 85 16.94 28.62 -16.54
N ARG B 86 17.59 29.77 -16.58
CA ARG B 86 19.05 29.81 -16.47
C ARG B 86 19.51 29.54 -15.05
N ARG B 87 18.75 30.00 -14.05
CA ARG B 87 19.15 29.86 -12.65
C ARG B 87 19.03 28.44 -12.12
N LEU B 95 12.82 27.75 -26.05
CA LEU B 95 11.81 28.55 -26.75
C LEU B 95 10.96 27.71 -27.71
N LEU B 96 11.24 26.41 -27.82
CA LEU B 96 10.47 25.51 -28.66
C LEU B 96 10.66 24.13 -28.07
N ALA B 97 9.65 23.64 -27.35
CA ALA B 97 9.75 22.42 -26.59
C ALA B 97 8.35 21.83 -26.47
N PRO B 98 8.22 20.50 -26.29
CA PRO B 98 6.89 19.91 -26.12
C PRO B 98 6.25 20.20 -24.77
N SER B 99 6.99 20.86 -23.87
CA SER B 99 6.46 21.31 -22.60
C SER B 99 6.54 22.83 -22.48
N ARG B 100 6.49 23.53 -23.61
CA ARG B 100 6.62 24.98 -23.61
C ARG B 100 5.52 25.64 -24.43
N LEU B 101 5.09 24.96 -25.49
CA LEU B 101 4.10 25.48 -26.43
C LEU B 101 2.70 25.84 -25.91
N PRO B 102 2.17 25.30 -24.79
CA PRO B 102 0.94 25.91 -24.25
C PRO B 102 1.12 27.35 -23.81
N ASP B 103 2.26 27.67 -23.21
CA ASP B 103 2.54 29.05 -22.83
C ASP B 103 2.74 29.91 -24.07
N LEU B 104 3.32 29.35 -25.13
CA LEU B 104 3.52 30.07 -26.38
C LEU B 104 2.18 30.37 -27.04
N LEU B 105 1.27 29.40 -27.06
CA LEU B 105 -0.05 29.62 -27.66
C LEU B 105 -0.92 30.50 -26.76
N ALA B 106 -0.65 30.54 -25.47
CA ALA B 106 -1.38 31.45 -24.61
C ALA B 106 -0.83 32.87 -24.69
N ALA B 107 0.40 33.04 -25.16
CA ALA B 107 1.03 34.35 -25.10
C ALA B 107 0.43 35.32 -26.13
N LEU B 108 0.14 34.84 -27.33
CA LEU B 108 -0.20 35.77 -28.41
C LEU B 108 -1.63 36.26 -28.25
N PRO B 109 -1.91 37.51 -28.62
CA PRO B 109 -3.28 38.02 -28.53
C PRO B 109 -4.17 37.48 -29.63
N LEU B 110 -4.49 36.19 -29.54
CA LEU B 110 -5.46 35.59 -30.45
C LEU B 110 -6.86 36.10 -30.19
N ASP B 111 -7.14 36.55 -28.97
CA ASP B 111 -8.33 37.31 -28.63
C ASP B 111 -8.16 38.76 -29.06
N LEU B 112 -9.17 39.57 -28.73
CA LEU B 112 -9.41 41.00 -29.02
C LEU B 112 -9.74 41.25 -30.49
N LEU B 113 -9.33 40.33 -31.37
CA LEU B 113 -9.68 40.42 -32.77
C LEU B 113 -11.10 39.94 -32.98
N VAL B 114 -11.46 38.89 -32.24
CA VAL B 114 -12.82 38.36 -32.24
C VAL B 114 -13.81 39.39 -31.72
N PHE B 115 -13.52 39.95 -30.56
CA PHE B 115 -14.45 40.87 -29.94
C PHE B 115 -14.43 42.25 -30.58
N ALA B 116 -13.38 42.62 -31.32
CA ALA B 116 -13.43 43.87 -32.06
C ALA B 116 -14.07 43.73 -33.43
N LEU B 117 -13.93 42.57 -34.07
CA LEU B 117 -14.43 42.42 -35.43
C LEU B 117 -15.73 41.64 -35.52
N HIS B 118 -16.27 41.20 -34.38
CA HIS B 118 -17.56 40.50 -34.26
C HIS B 118 -17.59 39.23 -35.11
N LEU B 119 -16.64 38.33 -34.81
CA LEU B 119 -16.58 37.04 -35.46
C LEU B 119 -17.76 36.18 -35.02
N PRO B 120 -18.28 35.32 -35.90
CA PRO B 120 -19.47 34.53 -35.54
C PRO B 120 -19.19 33.42 -34.55
N SER B 121 -20.25 32.72 -34.16
CA SER B 121 -20.25 31.72 -33.10
C SER B 121 -19.34 30.52 -33.30
N PRO B 122 -19.27 29.82 -34.46
CA PRO B 122 -18.33 28.70 -34.55
C PRO B 122 -16.88 29.11 -34.71
N LEU B 123 -16.60 30.41 -34.85
CA LEU B 123 -15.24 30.89 -35.06
C LEU B 123 -14.70 31.69 -33.89
N SER B 124 -15.57 32.20 -33.01
CA SER B 124 -15.13 32.94 -31.84
C SER B 124 -14.43 32.07 -30.82
N LEU B 125 -14.67 30.76 -30.85
CA LEU B 125 -14.29 29.84 -29.78
C LEU B 125 -12.78 29.73 -29.62
N LEU B 126 -11.99 30.11 -30.61
CA LEU B 126 -10.54 30.13 -30.47
C LEU B 126 -10.04 31.17 -29.48
N SER B 127 -10.89 32.10 -29.02
CA SER B 127 -10.55 32.93 -27.88
C SER B 127 -10.35 32.13 -26.59
N LEU B 128 -10.79 30.88 -26.54
CA LEU B 128 -10.49 29.97 -25.44
C LEU B 128 -9.05 29.50 -25.40
N VAL B 129 -8.23 29.82 -26.42
CA VAL B 129 -6.84 29.35 -26.44
C VAL B 129 -6.02 29.97 -25.30
N ARG B 130 -6.42 31.16 -24.83
CA ARG B 130 -5.86 31.75 -23.62
C ARG B 130 -6.00 30.84 -22.40
N LEU B 131 -7.05 30.02 -22.37
CA LEU B 131 -7.26 29.05 -21.30
C LEU B 131 -6.21 27.95 -21.25
N LEU B 132 -5.33 27.85 -22.26
CA LEU B 132 -4.22 26.93 -22.17
C LEU B 132 -3.12 27.42 -21.24
N LYS B 133 -3.24 28.67 -20.76
CA LYS B 133 -2.25 29.21 -19.83
C LYS B 133 -2.28 28.49 -18.49
N LEU B 134 -3.43 27.92 -18.13
CA LEU B 134 -3.61 27.24 -16.84
C LEU B 134 -2.71 26.03 -16.67
N ILE B 135 -2.23 25.45 -17.77
CA ILE B 135 -1.26 24.35 -17.68
C ILE B 135 0.06 24.86 -17.14
N SER B 136 0.47 26.05 -17.57
CA SER B 136 1.71 26.65 -17.08
C SER B 136 1.60 27.00 -15.60
N VAL B 137 0.44 27.47 -15.17
CA VAL B 137 0.26 27.84 -13.77
C VAL B 137 0.17 26.60 -12.89
N GLN B 138 -0.46 25.54 -13.39
CA GLN B 138 -0.44 24.24 -12.72
C GLN B 138 0.98 23.73 -12.55
N ARG B 139 1.78 23.77 -13.63
CA ARG B 139 3.14 23.25 -13.55
C ARG B 139 4.06 24.13 -12.73
N SER B 140 3.75 25.42 -12.59
CA SER B 140 4.55 26.26 -11.70
C SER B 140 4.19 26.01 -10.24
N ALA B 141 2.90 25.95 -9.93
CA ALA B 141 2.45 25.74 -8.57
C ALA B 141 2.74 24.34 -8.04
N THR B 142 2.86 23.34 -8.92
CA THR B 142 3.17 22.00 -8.44
C THR B 142 4.65 21.80 -8.15
N ARG B 143 5.48 22.85 -8.24
CA ARG B 143 6.87 22.77 -7.85
C ARG B 143 7.33 23.91 -6.96
N ILE B 144 6.64 25.06 -6.97
CA ILE B 144 7.09 26.13 -6.08
C ILE B 144 6.72 25.86 -4.63
N LEU B 145 5.71 25.03 -4.36
CA LEU B 145 5.30 24.73 -3.00
C LEU B 145 4.98 23.25 -2.86
N SER B 146 5.75 22.40 -3.55
CA SER B 146 5.43 20.98 -3.61
C SER B 146 5.84 20.24 -2.35
N TYR B 147 6.86 20.71 -1.65
CA TYR B 147 7.28 20.01 -0.44
C TYR B 147 6.91 20.75 0.83
N ARG B 148 6.33 21.94 0.72
CA ARG B 148 5.73 22.58 1.87
C ARG B 148 4.49 21.81 2.32
N ILE B 149 3.68 21.35 1.37
CA ILE B 149 2.43 20.68 1.68
C ILE B 149 2.39 19.30 1.04
N ASN B 150 1.32 18.57 1.32
CA ASN B 150 1.13 17.19 0.91
C ASN B 150 0.85 17.14 -0.58
N PRO B 151 1.53 16.29 -1.35
CA PRO B 151 1.26 16.20 -2.80
C PRO B 151 -0.13 15.70 -3.17
N ALA B 152 -0.78 14.89 -2.34
CA ALA B 152 -2.16 14.55 -2.62
C ALA B 152 -3.11 15.70 -2.34
N LEU B 153 -2.84 16.46 -1.26
CA LEU B 153 -3.67 17.60 -0.92
C LEU B 153 -3.55 18.71 -1.95
N LEU B 154 -2.34 18.91 -2.50
CA LEU B 154 -2.15 19.92 -3.53
C LEU B 154 -2.92 19.55 -4.79
N ARG B 155 -2.88 18.27 -5.19
CA ARG B 155 -3.60 17.83 -6.36
C ARG B 155 -5.11 17.93 -6.16
N LEU B 156 -5.58 17.64 -4.94
CA LEU B 156 -7.00 17.75 -4.64
C LEU B 156 -7.48 19.20 -4.69
N LEU B 157 -6.71 20.13 -4.12
CA LEU B 157 -7.09 21.53 -4.18
C LEU B 157 -7.02 22.08 -5.60
N SER B 158 -6.04 21.64 -6.39
CA SER B 158 -5.96 22.07 -7.77
C SER B 158 -7.12 21.52 -8.58
N LEU B 159 -7.57 20.32 -8.26
CA LEU B 159 -8.71 19.74 -8.98
C LEU B 159 -10.01 20.44 -8.61
N VAL B 160 -10.18 20.82 -7.33
CA VAL B 160 -11.35 21.59 -6.92
C VAL B 160 -11.36 22.95 -7.61
N GLY B 161 -10.19 23.58 -7.73
CA GLY B 161 -10.10 24.84 -8.46
C GLY B 161 -10.46 24.71 -9.92
N PHE B 162 -9.93 23.69 -10.60
CA PHE B 162 -10.28 23.45 -12.00
C PHE B 162 -11.73 23.05 -12.19
N ILE B 163 -12.33 22.35 -11.23
CA ILE B 163 -13.72 21.92 -11.38
C ILE B 163 -14.68 23.10 -11.24
N LEU B 164 -14.44 23.99 -10.27
CA LEU B 164 -15.29 25.19 -10.20
C LEU B 164 -15.05 26.09 -11.40
N LEU B 165 -13.80 26.23 -11.82
CA LEU B 165 -13.46 27.11 -12.91
C LEU B 165 -13.95 26.58 -14.25
N ALA B 166 -14.17 25.27 -14.36
CA ALA B 166 -14.79 24.66 -15.52
C ALA B 166 -16.31 24.64 -15.43
N ALA B 167 -16.86 24.57 -14.23
CA ALA B 167 -18.30 24.66 -14.06
C ALA B 167 -18.81 26.02 -14.50
N HIS B 168 -17.99 27.06 -14.32
CA HIS B 168 -18.34 28.37 -14.86
C HIS B 168 -18.47 28.35 -16.38
N GLY B 169 -17.50 27.74 -17.07
CA GLY B 169 -17.56 27.72 -18.52
C GLY B 169 -18.67 26.85 -19.06
N ILE B 170 -18.96 25.74 -18.38
CA ILE B 170 -20.06 24.88 -18.79
C ILE B 170 -21.39 25.58 -18.57
N ALA B 171 -21.51 26.36 -17.50
CA ALA B 171 -22.71 27.16 -17.28
C ALA B 171 -22.87 28.22 -18.37
N CYS B 172 -21.76 28.82 -18.80
CA CYS B 172 -21.83 29.77 -19.89
C CYS B 172 -22.25 29.12 -21.19
N GLY B 173 -21.83 27.87 -21.43
CA GLY B 173 -22.25 27.18 -22.64
C GLY B 173 -23.72 26.83 -22.64
N TRP B 174 -24.22 26.34 -21.49
CA TRP B 174 -25.65 26.06 -21.36
C TRP B 174 -26.49 27.31 -21.50
N MET B 175 -26.02 28.42 -20.93
CA MET B 175 -26.68 29.69 -21.09
C MET B 175 -26.62 30.18 -22.53
N SER B 176 -25.56 29.82 -23.26
CA SER B 176 -25.44 30.21 -24.66
C SER B 176 -26.50 29.54 -25.51
N LEU B 177 -26.58 28.22 -25.49
CA LEU B 177 -27.54 27.58 -26.40
C LEU B 177 -28.92 27.38 -25.78
N GLN B 178 -29.47 28.43 -25.21
CA GLN B 178 -30.87 28.52 -24.80
C GLN B 178 -31.70 29.23 -25.86
N PRO B 179 -33.02 29.00 -25.88
CA PRO B 179 -33.89 29.83 -26.71
C PRO B 179 -33.89 31.26 -26.22
N PRO B 180 -33.73 32.24 -27.11
CA PRO B 180 -33.59 33.64 -26.68
C PRO B 180 -34.92 34.21 -26.18
N SER B 181 -34.90 34.71 -24.95
CA SER B 181 -36.08 35.32 -24.35
C SER B 181 -35.63 36.38 -23.37
N GLU B 182 -36.50 37.36 -23.15
CA GLU B 182 -36.20 38.49 -22.29
C GLU B 182 -36.21 38.04 -20.83
N ASN B 183 -35.10 38.22 -20.16
CA ASN B 183 -34.83 37.60 -18.89
C ASN B 183 -33.62 38.35 -18.34
N PRO B 184 -33.60 38.73 -17.06
CA PRO B 184 -32.42 39.44 -16.53
C PRO B 184 -31.20 38.54 -16.53
N ALA B 185 -30.04 39.17 -16.75
CA ALA B 185 -28.79 38.45 -16.98
C ALA B 185 -28.22 37.84 -15.71
N GLY B 186 -28.79 38.12 -14.55
CA GLY B 186 -28.35 37.44 -13.34
C GLY B 186 -29.08 36.13 -13.18
N THR B 187 -30.39 36.15 -13.39
CA THR B 187 -31.20 34.95 -13.19
C THR B 187 -30.96 33.90 -14.25
N ARG B 188 -30.77 34.27 -15.50
CA ARG B 188 -30.50 33.29 -16.54
C ARG B 188 -29.09 32.73 -16.47
N TYR B 189 -28.20 33.36 -15.73
CA TYR B 189 -26.95 32.72 -15.35
C TYR B 189 -27.08 31.85 -14.13
N LEU B 190 -27.93 32.25 -13.19
CA LEU B 190 -28.05 31.53 -11.93
C LEU B 190 -28.67 30.15 -12.15
N SER B 191 -29.67 30.06 -13.03
CA SER B 191 -30.24 28.76 -13.36
C SER B 191 -29.25 27.88 -14.10
N ALA B 192 -28.40 28.47 -14.94
CA ALA B 192 -27.45 27.65 -15.68
C ALA B 192 -26.35 27.14 -14.76
N PHE B 193 -25.94 27.95 -13.78
CA PHE B 193 -24.92 27.47 -12.85
C PHE B 193 -25.50 26.44 -11.90
N TYR B 194 -26.76 26.61 -11.50
CA TYR B 194 -27.45 25.60 -10.72
C TYR B 194 -27.58 24.28 -11.48
N TRP B 195 -27.83 24.35 -12.78
CA TRP B 195 -27.90 23.14 -13.58
C TRP B 195 -26.54 22.46 -13.71
N THR B 196 -25.49 23.23 -13.96
CA THR B 196 -24.20 22.58 -14.13
C THR B 196 -23.56 22.18 -12.82
N ILE B 197 -24.11 22.58 -11.68
CA ILE B 197 -23.68 21.96 -10.44
C ILE B 197 -24.53 20.73 -10.11
N THR B 198 -25.82 20.75 -10.47
CA THR B 198 -26.66 19.58 -10.28
C THR B 198 -26.24 18.42 -11.17
N THR B 199 -25.69 18.70 -12.34
CA THR B 199 -25.29 17.62 -13.24
C THR B 199 -23.90 17.07 -12.90
N LEU B 200 -22.93 17.93 -12.60
CA LEU B 200 -21.59 17.47 -12.29
C LEU B 200 -21.52 16.70 -10.98
N THR B 201 -22.27 17.09 -9.96
CA THR B 201 -22.17 16.33 -8.72
C THR B 201 -23.08 15.13 -8.74
N THR B 202 -23.60 14.82 -9.91
CA THR B 202 -24.51 13.69 -10.10
C THR B 202 -25.68 13.60 -9.15
N ILE B 203 -26.33 14.72 -8.87
CA ILE B 203 -27.51 14.65 -8.02
C ILE B 203 -28.63 14.50 -9.01
N GLY B 204 -28.80 15.48 -9.88
CA GLY B 204 -29.78 15.37 -10.93
C GLY B 204 -31.20 15.48 -10.46
N TYR B 205 -31.61 16.67 -10.03
CA TYR B 205 -33.01 16.87 -9.67
C TYR B 205 -33.91 16.68 -10.87
N GLY B 206 -33.54 17.24 -12.01
CA GLY B 206 -34.36 17.08 -13.19
C GLY B 206 -35.47 18.08 -13.28
N ASP B 207 -35.41 19.16 -12.52
CA ASP B 207 -36.41 20.19 -12.59
C ASP B 207 -36.31 21.01 -13.86
N ILE B 208 -35.10 21.23 -14.38
CA ILE B 208 -34.93 21.86 -15.68
C ILE B 208 -34.00 20.98 -16.51
N THR B 209 -34.42 20.68 -17.74
CA THR B 209 -33.99 19.55 -18.56
C THR B 209 -33.64 20.03 -19.97
N PRO B 210 -33.01 19.21 -20.81
CA PRO B 210 -32.89 19.56 -22.22
C PRO B 210 -34.23 19.55 -22.94
N SER B 211 -34.33 20.38 -23.97
CA SER B 211 -35.52 20.43 -24.81
C SER B 211 -35.23 20.07 -26.26
N THR B 212 -34.26 20.71 -26.87
CA THR B 212 -33.86 20.49 -28.26
C THR B 212 -32.82 19.38 -28.35
N PRO B 213 -32.57 18.83 -29.54
CA PRO B 213 -31.46 17.86 -29.65
C PRO B 213 -30.09 18.46 -29.43
N THR B 214 -29.87 19.69 -29.89
CA THR B 214 -28.56 20.31 -29.71
C THR B 214 -28.27 20.65 -28.26
N GLN B 215 -29.29 20.78 -27.41
CA GLN B 215 -29.07 20.80 -25.98
C GLN B 215 -28.75 19.41 -25.43
N THR B 216 -29.35 18.38 -26.03
CA THR B 216 -29.24 17.04 -25.46
C THR B 216 -27.85 16.46 -25.70
N VAL B 217 -27.24 16.79 -26.84
CA VAL B 217 -25.87 16.32 -27.10
C VAL B 217 -24.89 16.96 -26.12
N TYR B 218 -25.09 18.26 -25.84
CA TYR B 218 -24.27 18.96 -24.86
C TYR B 218 -24.48 18.39 -23.46
N THR B 219 -25.72 17.99 -23.17
CA THR B 219 -26.01 17.38 -21.87
C THR B 219 -25.35 16.03 -21.72
N ILE B 220 -25.33 15.22 -22.77
CA ILE B 220 -24.66 13.91 -22.72
C ILE B 220 -23.16 14.08 -22.50
N VAL B 221 -22.55 15.02 -23.21
CA VAL B 221 -21.10 15.12 -23.10
C VAL B 221 -20.70 15.72 -21.76
N ILE B 222 -21.50 16.61 -21.18
CA ILE B 222 -21.09 17.06 -19.85
C ILE B 222 -21.55 16.12 -18.74
N GLU B 223 -22.49 15.19 -19.01
CA GLU B 223 -22.70 14.11 -18.06
C GLU B 223 -21.49 13.21 -17.97
N LEU B 224 -20.88 12.90 -19.12
CA LEU B 224 -19.63 12.16 -19.11
C LEU B 224 -18.52 12.92 -18.38
N LEU B 225 -18.40 14.23 -18.65
CA LEU B 225 -17.37 15.01 -17.97
C LEU B 225 -17.62 15.12 -16.48
N GLY B 226 -18.86 15.25 -16.05
CA GLY B 226 -19.20 15.34 -14.65
C GLY B 226 -18.97 14.06 -13.89
N ALA B 227 -19.31 12.92 -14.51
CA ALA B 227 -19.02 11.63 -13.89
C ALA B 227 -17.51 11.41 -13.80
N ALA B 228 -16.76 11.86 -14.80
CA ALA B 228 -15.31 11.74 -14.76
C ALA B 228 -14.70 12.59 -13.65
N MET B 229 -15.16 13.85 -13.53
CA MET B 229 -14.62 14.74 -12.50
C MET B 229 -14.97 14.26 -11.10
N TYR B 230 -16.17 13.74 -10.92
CA TYR B 230 -16.55 13.27 -9.61
C TYR B 230 -15.82 11.97 -9.27
N GLY B 231 -15.52 11.15 -10.27
CA GLY B 231 -14.64 10.00 -10.04
C GLY B 231 -13.24 10.42 -9.64
N LEU B 232 -12.72 11.48 -10.26
CA LEU B 232 -11.40 11.98 -9.89
C LEU B 232 -11.38 12.53 -8.47
N VAL B 233 -12.46 13.20 -8.05
CA VAL B 233 -12.52 13.74 -6.70
C VAL B 233 -12.56 12.61 -5.67
N ILE B 234 -13.40 11.60 -5.91
CA ILE B 234 -13.47 10.47 -4.97
C ILE B 234 -12.16 9.70 -4.95
N GLY B 235 -11.49 9.58 -6.10
CA GLY B 235 -10.20 8.92 -6.13
C GLY B 235 -9.12 9.68 -5.38
N ASN B 236 -9.12 11.00 -5.48
CA ASN B 236 -8.11 11.76 -4.75
C ASN B 236 -8.38 11.79 -3.25
N ILE B 237 -9.65 11.79 -2.84
CA ILE B 237 -9.93 11.72 -1.41
C ILE B 237 -9.60 10.35 -0.86
N ALA B 238 -9.86 9.30 -1.63
CA ALA B 238 -9.49 7.94 -1.23
C ALA B 238 -7.99 7.74 -1.18
N SER B 239 -7.23 8.43 -2.03
CA SER B 239 -5.78 8.39 -1.92
C SER B 239 -5.23 9.34 -0.88
N LEU B 240 -6.04 10.31 -0.43
CA LEU B 240 -5.59 11.22 0.59
C LEU B 240 -5.79 10.66 1.99
N VAL B 241 -6.92 10.00 2.25
CA VAL B 241 -7.17 9.49 3.59
C VAL B 241 -6.67 8.08 3.80
N SER B 242 -6.16 7.42 2.76
CA SER B 242 -5.59 6.09 2.95
C SER B 242 -4.24 6.15 3.64
N LYS B 243 -3.40 7.10 3.25
CA LYS B 243 -2.07 7.27 3.82
C LYS B 243 -2.06 8.30 4.93
N LEU B 244 -3.22 8.57 5.53
CA LEU B 244 -3.31 9.63 6.52
C LEU B 244 -2.72 9.21 7.86
N ASP B 245 -3.01 8.00 8.31
CA ASP B 245 -2.33 7.40 9.44
C ASP B 245 -1.56 6.19 8.96
N ALA B 246 -0.29 6.38 8.68
CA ALA B 246 0.59 5.27 8.32
C ALA B 246 1.55 4.92 9.44
N ALA B 247 2.09 5.93 10.12
CA ALA B 247 2.95 5.69 11.27
C ALA B 247 2.20 5.06 12.42
N LYS B 248 0.93 5.41 12.61
CA LYS B 248 0.12 4.91 13.68
C LYS B 248 -0.53 3.57 13.34
N LEU B 249 -0.60 3.22 12.06
CA LEU B 249 -1.14 1.96 11.62
C LEU B 249 -0.07 0.90 11.47
N LEU B 250 1.13 1.31 11.07
CA LEU B 250 2.25 0.38 10.97
C LEU B 250 2.67 -0.13 12.35
N HIS B 251 2.71 0.77 13.33
CA HIS B 251 2.95 0.37 14.71
C HIS B 251 1.85 -0.50 15.28
N ARG B 252 0.60 -0.22 14.94
CA ARG B 252 -0.52 -1.04 15.39
C ARG B 252 -0.49 -2.43 14.77
N GLU B 253 0.02 -2.57 13.55
CA GLU B 253 0.22 -3.88 12.98
C GLU B 253 1.40 -4.62 13.59
N ARG B 254 2.49 -3.92 13.87
CA ARG B 254 3.65 -4.53 14.50
C ARG B 254 3.39 -4.96 15.93
N VAL B 255 2.49 -4.28 16.65
CA VAL B 255 2.20 -4.65 18.02
C VAL B 255 1.22 -5.82 18.11
N GLU B 256 0.41 -6.05 17.07
CA GLU B 256 -0.47 -7.21 17.09
C GLU B 256 0.16 -8.43 16.45
N ARG B 257 1.15 -8.25 15.56
CA ARG B 257 1.93 -9.38 15.08
C ARG B 257 2.71 -10.07 16.17
N VAL B 258 3.30 -9.31 17.10
CA VAL B 258 4.02 -9.92 18.21
C VAL B 258 3.07 -10.62 19.18
N THR B 259 1.92 -10.01 19.48
CA THR B 259 0.92 -10.57 20.38
C THR B 259 0.29 -11.84 19.82
N ALA B 260 -0.08 -11.85 18.54
CA ALA B 260 -0.66 -13.05 17.95
C ALA B 260 0.36 -14.16 17.80
N PHE B 261 1.64 -13.81 17.76
CA PHE B 261 2.66 -14.85 17.75
C PHE B 261 2.88 -15.42 19.14
N LEU B 262 3.01 -14.57 20.15
CA LEU B 262 3.25 -15.06 21.49
C LEU B 262 2.05 -15.70 22.14
N SER B 263 0.85 -15.47 21.62
CA SER B 263 -0.29 -16.25 22.07
C SER B 263 -0.22 -17.68 21.58
N TYR B 264 0.43 -17.93 20.45
CA TYR B 264 0.63 -19.30 19.98
C TYR B 264 1.62 -20.04 20.86
N LYS B 265 2.63 -19.35 21.37
CA LYS B 265 3.66 -20.01 22.17
C LYS B 265 3.23 -20.29 23.60
N ARG B 266 1.98 -19.94 23.96
CA ARG B 266 1.43 -20.11 25.31
C ARG B 266 2.28 -19.41 26.35
N ILE B 267 2.38 -18.11 26.20
CA ILE B 267 3.20 -17.29 27.06
C ILE B 267 2.34 -16.89 28.25
N SER B 268 2.98 -16.44 29.33
CA SER B 268 2.22 -16.00 30.49
C SER B 268 1.64 -14.62 30.24
N PRO B 269 0.43 -14.34 30.75
CA PRO B 269 -0.20 -13.03 30.49
C PRO B 269 0.51 -11.85 31.14
N GLU B 270 1.29 -12.06 32.19
CA GLU B 270 1.96 -10.94 32.85
C GLU B 270 3.08 -10.38 31.99
N LEU B 271 3.92 -11.27 31.45
CA LEU B 271 4.98 -10.84 30.54
C LEU B 271 4.41 -10.26 29.26
N GLN B 272 3.27 -10.78 28.80
CA GLN B 272 2.62 -10.23 27.62
C GLN B 272 2.10 -8.83 27.88
N ARG B 273 1.59 -8.58 29.09
CA ARG B 273 1.19 -7.23 29.46
C ARG B 273 2.40 -6.30 29.56
N ARG B 274 3.54 -6.83 30.00
CA ARG B 274 4.74 -6.01 30.06
C ARG B 274 5.25 -5.66 28.65
N ILE B 275 5.13 -6.59 27.70
CA ILE B 275 5.50 -6.28 26.32
C ILE B 275 4.57 -5.24 25.72
N ILE B 276 3.26 -5.34 26.00
CA ILE B 276 2.31 -4.37 25.47
C ILE B 276 2.56 -2.98 26.06
N GLU B 277 2.90 -2.89 27.35
CA GLU B 277 3.17 -1.56 27.88
C GLU B 277 4.53 -1.03 27.41
N TYR B 278 5.47 -1.89 27.07
CA TYR B 278 6.69 -1.46 26.38
C TYR B 278 6.36 -0.80 25.04
N PHE B 279 5.51 -1.43 24.24
CA PHE B 279 5.18 -0.84 22.96
C PHE B 279 4.35 0.43 23.10
N ASP B 280 3.55 0.54 24.17
CA ASP B 280 2.84 1.79 24.40
C ASP B 280 3.80 2.92 24.76
N TYR B 281 4.85 2.62 25.55
CA TYR B 281 5.90 3.59 25.81
C TYR B 281 6.61 4.00 24.53
N LEU B 282 7.01 3.01 23.73
CA LEU B 282 7.78 3.30 22.52
C LEU B 282 6.94 3.99 21.46
N TRP B 283 5.61 3.89 21.51
CA TRP B 283 4.82 4.75 20.65
C TRP B 283 4.73 6.16 21.22
N GLU B 284 4.43 6.30 22.51
CA GLU B 284 4.13 7.64 22.97
C GLU B 284 5.36 8.49 23.19
N THR B 285 6.56 7.94 23.09
CA THR B 285 7.76 8.79 23.18
C THR B 285 8.38 9.10 21.83
N ARG B 286 8.80 8.10 21.05
CA ARG B 286 9.53 8.37 19.82
C ARG B 286 8.78 7.91 18.58
N ARG B 287 7.46 7.72 18.72
CA ARG B 287 6.53 7.43 17.62
C ARG B 287 6.87 6.14 16.89
N GLY B 288 7.18 5.09 17.63
CA GLY B 288 7.19 3.77 17.08
C GLY B 288 8.46 3.35 16.38
N TYR B 289 9.38 4.26 16.12
CA TYR B 289 10.50 3.95 15.23
C TYR B 289 11.68 3.44 16.04
N GLU B 290 12.36 2.42 15.50
CA GLU B 290 13.52 1.85 16.16
C GLU B 290 14.72 2.77 15.93
N GLU B 291 15.63 2.81 16.90
CA GLU B 291 16.75 3.74 16.85
C GLU B 291 17.74 3.44 15.74
N ARG B 292 18.15 2.19 15.60
CA ARG B 292 19.23 1.84 14.67
C ARG B 292 18.77 1.76 13.23
N GLU B 293 17.48 1.89 12.97
CA GLU B 293 16.97 1.94 11.61
C GLU B 293 16.53 3.32 11.19
N VAL B 294 16.57 4.31 12.09
CA VAL B 294 16.37 5.69 11.69
C VAL B 294 17.69 6.33 11.29
N LEU B 295 18.67 6.30 12.18
CA LEU B 295 19.96 6.85 11.79
C LEU B 295 20.87 5.78 11.18
N LYS B 296 20.31 5.00 10.28
CA LYS B 296 21.07 4.29 9.28
C LYS B 296 20.81 4.89 7.92
N GLU B 297 19.79 5.71 7.79
CA GLU B 297 19.44 6.42 6.58
C GLU B 297 20.06 7.81 6.51
N LEU B 298 21.17 8.03 7.22
CA LEU B 298 22.01 9.20 7.13
C LEU B 298 23.37 8.79 6.58
N PRO B 299 24.11 9.69 5.95
CA PRO B 299 25.46 9.35 5.54
C PRO B 299 26.40 9.40 6.72
N HIS B 300 27.64 8.94 6.54
CA HIS B 300 28.63 8.88 7.61
C HIS B 300 28.97 10.20 8.32
N PRO B 301 29.17 11.34 7.65
CA PRO B 301 29.47 12.55 8.44
C PRO B 301 28.28 13.07 9.23
N LEU B 302 27.06 12.97 8.69
CA LEU B 302 25.91 13.42 9.44
C LEU B 302 25.59 12.47 10.59
N ARG B 303 25.84 11.17 10.41
CA ARG B 303 25.64 10.24 11.50
C ARG B 303 26.66 10.45 12.60
N LEU B 304 27.91 10.76 12.21
CA LEU B 304 28.92 11.16 13.18
C LEU B 304 28.52 12.42 13.93
N ALA B 305 27.96 13.40 13.23
CA ALA B 305 27.57 14.65 13.87
C ALA B 305 26.40 14.47 14.83
N VAL B 306 25.43 13.62 14.47
CA VAL B 306 24.31 13.34 15.35
C VAL B 306 24.77 12.59 16.60
N ALA B 307 25.64 11.59 16.43
CA ALA B 307 26.14 10.87 17.59
C ALA B 307 27.03 11.74 18.47
N MET B 308 27.75 12.68 17.88
CA MET B 308 28.54 13.62 18.66
C MET B 308 27.65 14.58 19.44
N GLU B 309 26.52 14.98 18.87
CA GLU B 309 25.61 15.86 19.60
C GLU B 309 24.88 15.11 20.71
N ILE B 310 24.62 13.81 20.51
CA ILE B 310 23.92 13.06 21.55
C ILE B 310 24.86 12.74 22.70
N HIS B 311 26.00 12.11 22.42
CA HIS B 311 26.90 11.69 23.50
C HIS B 311 27.99 12.74 23.72
N GLY B 312 27.55 13.98 23.92
CA GLY B 312 28.50 15.06 24.12
C GLY B 312 28.74 15.34 25.60
N ASP B 313 27.66 15.50 26.34
CA ASP B 313 27.70 15.76 27.77
C ASP B 313 27.79 14.49 28.60
N VAL B 314 28.21 13.37 28.01
CA VAL B 314 28.30 12.10 28.71
C VAL B 314 29.72 11.57 28.69
N ILE B 315 30.37 11.57 27.52
CA ILE B 315 31.64 10.87 27.36
C ILE B 315 32.81 11.63 27.97
N GLU B 316 32.66 12.93 28.21
CA GLU B 316 33.72 13.69 28.89
C GLU B 316 33.45 13.73 30.40
N LYS B 317 33.17 12.56 30.96
CA LYS B 317 32.99 12.41 32.40
C LYS B 317 33.66 11.17 32.97
N VAL B 318 33.97 10.15 32.16
CA VAL B 318 34.53 8.91 32.68
C VAL B 318 36.02 9.10 32.99
N PRO B 319 36.51 8.57 34.10
CA PRO B 319 37.96 8.70 34.37
C PRO B 319 38.79 7.58 33.75
N LEU B 320 38.49 7.21 32.53
CA LEU B 320 39.31 6.26 31.78
C LEU B 320 39.58 6.73 30.37
N PHE B 321 38.71 7.57 29.83
CA PHE B 321 38.86 8.09 28.48
C PHE B 321 39.41 9.50 28.49
N LYS B 322 39.68 10.04 29.67
CA LYS B 322 40.26 11.36 29.83
C LYS B 322 41.75 11.29 29.52
N GLY B 323 42.23 12.25 28.73
CA GLY B 323 43.58 12.22 28.25
C GLY B 323 43.76 11.54 26.92
N ALA B 324 42.72 10.87 26.42
CA ALA B 324 42.76 10.32 25.07
C ALA B 324 42.59 11.45 24.05
N GLY B 325 42.82 11.11 22.79
CA GLY B 325 42.69 12.06 21.70
C GLY B 325 41.26 12.17 21.21
N GLU B 326 41.08 13.05 20.23
CA GLU B 326 39.79 13.20 19.58
C GLU B 326 39.54 12.09 18.57
N GLU B 327 40.60 11.43 18.10
CA GLU B 327 40.50 10.26 17.24
C GLU B 327 39.91 9.07 17.97
N PHE B 328 40.11 8.98 19.26
CA PHE B 328 39.59 7.89 20.07
C PHE B 328 38.11 8.05 20.36
N ILE B 329 37.67 9.26 20.68
CA ILE B 329 36.27 9.49 21.05
C ILE B 329 35.35 9.31 19.86
N ARG B 330 35.76 9.79 18.67
CA ARG B 330 34.95 9.58 17.47
C ARG B 330 34.81 8.12 17.07
N ASP B 331 35.74 7.27 17.48
CA ASP B 331 35.59 5.86 17.16
C ASP B 331 34.87 5.07 18.23
N ILE B 332 34.96 5.47 19.51
CA ILE B 332 34.12 4.77 20.47
C ILE B 332 32.66 5.22 20.35
N ILE B 333 32.43 6.44 19.88
CA ILE B 333 31.07 6.99 19.89
C ILE B 333 30.22 6.43 18.76
N LEU B 334 30.81 5.75 17.80
CA LEU B 334 30.05 5.19 16.69
C LEU B 334 29.66 3.75 16.92
N HIS B 335 30.10 3.13 18.01
CA HIS B 335 29.81 1.73 18.27
C HIS B 335 28.95 1.53 19.50
N LEU B 336 28.29 2.58 19.97
CA LEU B 336 27.39 2.45 21.10
C LEU B 336 26.06 1.87 20.62
N GLU B 337 25.48 1.00 21.42
CA GLU B 337 24.29 0.28 21.02
C GLU B 337 23.15 0.59 21.97
N PRO B 338 22.00 1.04 21.48
CA PRO B 338 20.88 1.39 22.37
C PRO B 338 20.06 0.18 22.79
N VAL B 339 19.68 0.17 24.07
CA VAL B 339 18.73 -0.79 24.62
C VAL B 339 17.78 -0.04 25.52
N ILE B 340 16.61 -0.64 25.77
CA ILE B 340 15.56 -0.02 26.57
C ILE B 340 15.15 -1.02 27.63
N TYR B 341 15.33 -0.66 28.89
CA TYR B 341 14.94 -1.52 29.99
C TYR B 341 13.65 -1.00 30.61
N GLY B 342 12.70 -1.90 30.84
CA GLY B 342 11.46 -1.53 31.46
C GLY B 342 11.62 -1.34 32.95
N PRO B 343 10.55 -0.90 33.60
CA PRO B 343 10.61 -0.67 35.06
C PRO B 343 10.69 -1.96 35.84
N GLY B 344 11.86 -2.25 36.39
CA GLY B 344 12.09 -3.44 37.16
C GLY B 344 13.02 -4.45 36.52
N GLU B 345 13.46 -4.21 35.29
CA GLU B 345 14.31 -5.17 34.60
C GLU B 345 15.72 -5.15 35.19
N TYR B 346 16.26 -6.34 35.43
CA TYR B 346 17.61 -6.49 35.96
C TYR B 346 18.60 -6.16 34.86
N ILE B 347 19.29 -5.04 35.00
CA ILE B 347 20.36 -4.72 34.08
C ILE B 347 21.60 -5.53 34.40
N ILE B 348 22.06 -5.46 35.64
CA ILE B 348 23.26 -6.16 36.10
C ILE B 348 22.89 -6.93 37.37
N ARG B 349 23.11 -8.24 37.35
CA ARG B 349 22.93 -9.04 38.55
C ARG B 349 24.26 -9.23 39.25
N ALA B 350 24.25 -9.13 40.57
CA ALA B 350 25.46 -9.25 41.36
C ALA B 350 25.96 -10.68 41.33
N GLY B 351 27.22 -10.85 40.95
CA GLY B 351 27.82 -12.16 40.87
C GLY B 351 27.92 -12.74 39.49
N GLU B 352 27.46 -12.01 38.46
CA GLU B 352 27.58 -12.49 37.09
C GLU B 352 28.99 -12.29 36.56
N MET B 353 29.18 -12.75 35.32
CA MET B 353 30.43 -12.50 34.61
C MET B 353 30.58 -11.02 34.26
N GLY B 354 29.72 -10.51 33.40
CA GLY B 354 29.70 -9.09 33.10
C GLY B 354 30.78 -8.66 32.13
N SER B 355 30.40 -7.96 31.06
CA SER B 355 31.40 -7.54 30.10
C SER B 355 31.31 -6.07 29.72
N ASP B 356 30.10 -5.52 29.73
CA ASP B 356 29.84 -4.27 29.04
C ASP B 356 29.55 -3.12 30.00
N VAL B 357 29.84 -1.91 29.53
CA VAL B 357 29.61 -0.67 30.27
C VAL B 357 28.32 -0.06 29.75
N TYR B 358 27.62 0.68 30.60
CA TYR B 358 26.33 1.25 30.26
C TYR B 358 26.34 2.76 30.50
N PHE B 359 25.83 3.51 29.54
CA PHE B 359 25.70 4.95 29.63
C PHE B 359 24.23 5.32 29.69
N ILE B 360 23.84 6.01 30.73
CA ILE B 360 22.45 6.41 30.90
C ILE B 360 22.20 7.64 30.05
N ASN B 361 21.08 7.66 29.33
CA ASN B 361 20.76 8.82 28.51
C ASN B 361 19.48 9.51 28.97
N ARG B 362 18.42 8.77 29.24
CA ARG B 362 17.16 9.43 29.54
C ARG B 362 16.57 9.10 30.89
N GLY B 363 16.46 7.83 31.25
CA GLY B 363 15.76 7.42 32.44
C GLY B 363 16.62 7.44 33.69
N SER B 364 16.10 6.83 34.74
CA SER B 364 16.82 6.69 35.99
C SER B 364 17.00 5.20 36.30
N VAL B 365 17.91 4.92 37.23
CA VAL B 365 18.24 3.53 37.57
C VAL B 365 18.71 3.55 39.02
N GLU B 366 18.63 2.39 39.68
CA GLU B 366 19.06 2.29 41.07
C GLU B 366 20.05 1.16 41.21
N VAL B 367 20.88 1.25 42.24
CA VAL B 367 21.95 0.31 42.49
C VAL B 367 21.70 -0.34 43.83
N LEU B 368 21.52 -1.66 43.84
CA LEU B 368 21.27 -2.39 45.07
C LEU B 368 22.42 -3.33 45.36
N SER B 369 22.41 -3.88 46.58
CA SER B 369 23.45 -4.80 47.02
C SER B 369 23.17 -6.21 46.53
N ALA B 370 23.95 -7.18 47.02
CA ALA B 370 23.82 -8.54 46.55
C ALA B 370 22.55 -9.21 47.05
N ASP B 371 22.01 -8.76 48.19
CA ASP B 371 20.76 -9.28 48.71
C ASP B 371 19.56 -8.40 48.36
N GLU B 372 19.76 -7.38 47.52
CA GLU B 372 18.71 -6.50 46.99
C GLU B 372 17.98 -5.74 48.10
N LYS B 373 18.70 -5.42 49.18
CA LYS B 373 18.11 -4.73 50.31
C LYS B 373 18.66 -3.34 50.55
N THR B 374 19.98 -3.20 50.72
CA THR B 374 20.58 -1.93 51.08
C THR B 374 20.90 -1.14 49.81
N ARG B 375 20.19 -0.05 49.60
CA ARG B 375 20.38 0.81 48.43
C ARG B 375 21.71 1.55 48.56
N TYR B 376 22.62 1.33 47.62
CA TYR B 376 23.89 2.04 47.64
C TYR B 376 23.70 3.49 47.23
N ALA B 377 23.24 3.72 46.00
CA ALA B 377 23.00 5.05 45.50
C ALA B 377 21.96 4.98 44.38
N ILE B 378 21.68 6.12 43.78
CA ILE B 378 20.75 6.22 42.65
C ILE B 378 21.45 7.01 41.56
N LEU B 379 21.24 6.61 40.31
CA LEU B 379 21.88 7.27 39.18
C LEU B 379 20.82 7.97 38.35
N SER B 380 21.28 8.84 37.47
CA SER B 380 20.37 9.66 36.68
C SER B 380 21.00 9.84 35.30
N GLU B 381 20.38 10.68 34.47
CA GLU B 381 20.88 10.86 33.12
C GLU B 381 22.17 11.64 33.12
N GLY B 382 23.00 11.38 32.12
CA GLY B 382 24.31 11.95 32.04
C GLY B 382 25.39 11.17 32.77
N GLN B 383 25.02 10.18 33.56
CA GLN B 383 25.97 9.37 34.28
C GLN B 383 26.06 7.98 33.67
N PHE B 384 26.83 7.12 34.31
CA PHE B 384 27.24 5.86 33.73
C PHE B 384 27.50 4.88 34.86
N PHE B 385 27.60 3.60 34.51
CA PHE B 385 27.97 2.57 35.48
C PHE B 385 28.57 1.39 34.73
N GLY B 386 29.28 0.55 35.47
CA GLY B 386 29.92 -0.60 34.86
C GLY B 386 31.24 -0.31 34.20
N GLU B 387 31.95 0.75 34.60
CA GLU B 387 33.20 1.09 33.95
C GLU B 387 34.32 0.14 34.34
N MET B 388 34.19 -0.60 35.43
CA MET B 388 35.19 -1.61 35.81
C MET B 388 34.81 -2.96 35.21
N ALA B 389 34.59 -2.95 33.90
CA ALA B 389 34.44 -4.17 33.12
C ALA B 389 35.22 -4.15 31.83
N LEU B 390 35.62 -2.97 31.35
CA LEU B 390 36.39 -2.91 30.11
C LEU B 390 37.83 -3.32 30.34
N ILE B 391 38.33 -3.11 31.56
CA ILE B 391 39.75 -3.29 31.83
C ILE B 391 40.08 -4.53 32.64
N LEU B 392 39.08 -5.19 33.22
CA LEU B 392 39.35 -6.19 34.25
C LEU B 392 38.45 -7.39 34.05
N ARG B 393 38.89 -8.54 34.56
CA ARG B 393 38.11 -9.77 34.52
C ARG B 393 37.49 -10.08 35.89
N ALA B 394 37.00 -9.06 36.57
CA ALA B 394 36.33 -9.24 37.84
C ALA B 394 34.83 -9.48 37.62
N PRO B 395 34.18 -10.16 38.57
CA PRO B 395 32.74 -10.40 38.44
C PRO B 395 31.95 -9.22 38.98
N ARG B 396 30.69 -9.09 38.56
CA ARG B 396 29.82 -7.99 39.01
C ARG B 396 29.81 -7.81 40.52
N THR B 397 29.82 -6.56 40.96
CA THR B 397 29.87 -6.25 42.38
C THR B 397 28.58 -5.72 43.02
N ALA B 398 27.50 -5.63 42.25
CA ALA B 398 26.22 -5.14 42.77
C ALA B 398 25.04 -5.54 41.89
N THR B 399 23.85 -5.11 42.28
CA THR B 399 22.66 -5.37 41.48
C THR B 399 22.10 -4.03 41.01
N VAL B 400 21.96 -3.89 39.69
CA VAL B 400 21.53 -2.65 39.07
C VAL B 400 20.14 -2.90 38.49
N ARG B 401 19.12 -2.40 39.17
CA ARG B 401 17.75 -2.56 38.73
C ARG B 401 17.22 -1.25 38.16
N ALA B 402 16.48 -1.34 37.07
CA ALA B 402 15.85 -0.17 36.50
C ALA B 402 14.69 0.27 37.37
N ARG B 403 14.37 1.56 37.29
CA ARG B 403 13.26 2.13 38.05
C ARG B 403 12.10 2.53 37.16
N ALA B 404 12.35 3.35 36.16
CA ALA B 404 11.40 3.67 35.10
C ALA B 404 12.02 3.21 33.79
N PHE B 405 11.41 3.61 32.68
CA PHE B 405 12.01 3.32 31.38
C PHE B 405 13.29 4.14 31.21
N CYS B 406 14.36 3.45 30.81
CA CYS B 406 15.71 4.00 30.96
C CYS B 406 16.26 4.66 29.69
N ASP B 407 16.17 3.97 28.54
CA ASP B 407 16.73 4.40 27.26
C ASP B 407 18.25 4.63 27.38
N LEU B 408 18.96 3.56 27.67
CA LEU B 408 20.40 3.66 27.92
C LEU B 408 21.21 2.94 26.85
N TYR B 409 22.42 3.43 26.62
CA TYR B 409 23.33 2.89 25.62
C TYR B 409 24.37 2.00 26.28
N ARG B 410 24.91 1.04 25.51
CA ARG B 410 25.92 0.15 26.05
C ARG B 410 27.05 -0.02 25.05
N LEU B 411 28.21 -0.40 25.59
CA LEU B 411 29.43 -0.61 24.80
C LEU B 411 30.03 -1.96 25.17
N ASP B 412 30.19 -2.84 24.19
CA ASP B 412 30.69 -4.17 24.44
C ASP B 412 32.20 -4.15 24.65
N LYS B 413 32.68 -5.11 25.43
CA LYS B 413 34.09 -5.22 25.76
C LYS B 413 34.91 -5.67 24.55
N GLU B 414 34.36 -6.58 23.76
CA GLU B 414 35.04 -7.07 22.57
C GLU B 414 35.17 -5.97 21.53
N THR B 415 34.13 -5.14 21.38
CA THR B 415 34.17 -4.05 20.41
C THR B 415 35.16 -2.97 20.84
N PHE B 416 35.17 -2.66 22.15
CA PHE B 416 36.13 -1.71 22.69
C PHE B 416 37.56 -2.19 22.53
N ASP B 417 37.85 -3.45 22.86
CA ASP B 417 39.19 -3.95 22.66
C ASP B 417 39.54 -4.18 21.19
N ARG B 418 38.55 -4.30 20.31
CA ARG B 418 38.85 -4.42 18.90
C ARG B 418 39.26 -3.09 18.31
N ILE B 419 38.59 -2.01 18.71
CA ILE B 419 38.96 -0.70 18.16
C ILE B 419 40.01 -0.05 19.04
N LEU B 420 40.41 -0.73 20.12
CA LEU B 420 41.48 -0.27 20.98
C LEU B 420 42.84 -0.77 20.54
N SER B 421 42.87 -1.82 19.71
CA SER B 421 44.14 -2.46 19.34
C SER B 421 44.96 -1.58 18.41
N ARG B 422 44.33 -0.64 17.72
CA ARG B 422 45.04 0.21 16.79
C ARG B 422 45.49 1.53 17.41
N TYR B 423 45.22 1.75 18.69
CA TYR B 423 45.66 2.96 19.37
C TYR B 423 46.62 2.55 20.48
N PRO B 424 47.94 2.65 20.27
CA PRO B 424 48.87 2.07 21.25
C PRO B 424 48.96 2.83 22.57
N GLU B 425 48.74 4.15 22.53
CA GLU B 425 48.94 4.96 23.74
C GLU B 425 47.84 4.71 24.77
N ILE B 426 46.59 4.55 24.32
CA ILE B 426 45.54 4.19 25.26
C ILE B 426 45.63 2.70 25.63
N ALA B 427 46.18 1.89 24.72
CA ALA B 427 46.46 0.49 25.03
C ALA B 427 47.51 0.35 26.13
N ALA B 428 48.43 1.30 26.24
CA ALA B 428 49.32 1.37 27.39
C ALA B 428 48.70 2.06 28.58
N GLN B 429 47.78 3.01 28.35
CA GLN B 429 47.12 3.72 29.42
C GLN B 429 46.22 2.83 30.26
N ILE B 430 45.52 1.87 29.64
CA ILE B 430 44.60 1.04 30.40
C ILE B 430 45.30 -0.06 31.19
N GLN B 431 46.54 -0.40 30.84
CA GLN B 431 47.23 -1.49 31.53
C GLN B 431 47.66 -1.11 32.95
N THR C 29 -10.02 7.79 36.08
CA THR C 29 -11.35 7.21 35.93
C THR C 29 -12.48 8.16 36.27
N TYR C 30 -12.20 9.33 36.84
CA TYR C 30 -13.26 10.29 37.10
C TYR C 30 -13.16 11.55 36.24
N THR C 31 -12.27 11.54 35.24
CA THR C 31 -12.28 12.55 34.19
C THR C 31 -13.01 12.06 32.94
N LEU C 32 -13.18 10.75 32.80
CA LEU C 32 -13.85 10.21 31.63
C LEU C 32 -15.35 10.47 31.69
N VAL C 33 -15.94 10.41 32.88
CA VAL C 33 -17.34 10.81 33.04
C VAL C 33 -17.53 12.30 32.78
N TRP C 34 -16.50 13.12 33.06
CA TRP C 34 -16.60 14.53 32.74
C TRP C 34 -16.50 14.78 31.24
N LYS C 35 -15.66 14.01 30.55
CA LYS C 35 -15.60 14.11 29.10
C LYS C 35 -16.91 13.65 28.45
N VAL C 36 -17.54 12.62 29.01
CA VAL C 36 -18.84 12.19 28.52
C VAL C 36 -19.90 13.26 28.76
N TRP C 37 -19.82 13.94 29.90
CA TRP C 37 -20.76 15.03 30.18
C TRP C 37 -20.56 16.21 29.24
N ILE C 38 -19.31 16.54 28.91
CA ILE C 38 -19.04 17.63 27.98
C ILE C 38 -19.49 17.27 26.57
N LEU C 39 -19.30 16.00 26.18
CA LEU C 39 -19.81 15.53 24.89
C LEU C 39 -21.33 15.61 24.84
N ALA C 40 -22.00 15.28 25.94
CA ALA C 40 -23.46 15.41 26.00
C ALA C 40 -23.90 16.87 25.93
N VAL C 41 -23.16 17.77 26.57
CA VAL C 41 -23.51 19.19 26.54
C VAL C 41 -23.34 19.77 25.14
N THR C 42 -22.24 19.43 24.46
CA THR C 42 -22.03 20.00 23.14
C THR C 42 -22.95 19.36 22.11
N LEU C 43 -23.34 18.10 22.32
CA LEU C 43 -24.33 17.47 21.44
C LEU C 43 -25.71 18.10 21.67
N TYR C 44 -25.97 18.50 22.91
CA TYR C 44 -27.20 19.21 23.23
C TYR C 44 -27.28 20.54 22.51
N TYR C 45 -26.19 21.31 22.52
CA TYR C 45 -26.20 22.58 21.78
C TYR C 45 -26.29 22.36 20.29
N ALA C 46 -25.62 21.31 19.78
CA ALA C 46 -25.61 21.03 18.35
C ALA C 46 -27.00 20.65 17.84
N ILE C 47 -27.80 19.99 18.67
CA ILE C 47 -29.18 19.74 18.26
C ILE C 47 -30.09 20.94 18.51
N ARG C 48 -29.86 21.69 19.59
CA ARG C 48 -30.85 22.69 19.99
C ARG C 48 -30.72 24.03 19.26
N ILE C 49 -29.49 24.54 19.08
CA ILE C 49 -29.32 25.94 18.65
C ILE C 49 -29.88 26.25 17.25
N PRO C 50 -29.59 25.47 16.18
CA PRO C 50 -30.25 25.78 14.91
C PRO C 50 -31.72 25.47 14.90
N LEU C 51 -32.21 24.66 15.83
CA LEU C 51 -33.63 24.40 15.91
C LEU C 51 -34.37 25.54 16.59
N THR C 52 -33.71 26.26 17.48
CA THR C 52 -34.34 27.40 18.12
C THR C 52 -34.09 28.71 17.39
N LEU C 53 -33.15 28.74 16.44
CA LEU C 53 -33.06 29.91 15.58
C LEU C 53 -34.26 29.99 14.64
N VAL C 54 -34.80 28.85 14.23
CA VAL C 54 -35.97 28.87 13.36
C VAL C 54 -37.22 29.16 14.19
N PHE C 55 -37.35 28.49 15.32
CA PHE C 55 -38.52 28.68 16.18
C PHE C 55 -38.11 29.46 17.42
N PRO C 56 -38.44 30.74 17.53
CA PRO C 56 -38.24 31.46 18.78
C PRO C 56 -39.31 31.17 19.83
N SER C 57 -40.32 30.37 19.48
CA SER C 57 -41.30 29.93 20.46
C SER C 57 -40.72 28.93 21.44
N LEU C 58 -39.57 28.35 21.14
CA LEU C 58 -38.79 27.62 22.13
C LEU C 58 -37.94 28.61 22.93
N PHE C 59 -36.99 28.06 23.69
CA PHE C 59 -36.00 28.69 24.58
C PHE C 59 -36.62 29.28 25.85
N SER C 60 -37.91 29.56 25.82
CA SER C 60 -38.52 30.25 26.94
C SER C 60 -38.88 29.26 28.04
N PRO C 61 -39.57 28.10 27.78
CA PRO C 61 -39.67 27.12 28.88
C PRO C 61 -38.51 26.14 28.86
N LEU C 62 -37.33 26.60 28.50
CA LEU C 62 -36.21 25.68 28.41
C LEU C 62 -34.87 26.33 28.72
N LEU C 63 -34.87 27.61 29.11
CA LEU C 63 -33.69 28.30 29.64
C LEU C 63 -32.85 27.60 30.74
N PRO C 64 -33.40 26.86 31.73
CA PRO C 64 -32.51 26.27 32.76
C PRO C 64 -31.49 25.27 32.25
N LEU C 65 -31.81 24.54 31.19
CA LEU C 65 -30.82 23.66 30.60
C LEU C 65 -29.71 24.44 29.93
N ASP C 66 -30.04 25.60 29.33
CA ASP C 66 -29.01 26.51 28.84
C ASP C 66 -28.13 26.99 29.97
N ILE C 67 -28.71 27.27 31.14
CA ILE C 67 -27.92 27.74 32.29
C ILE C 67 -26.94 26.67 32.74
N LEU C 68 -27.43 25.44 32.91
CA LEU C 68 -26.58 24.34 33.34
C LEU C 68 -25.48 24.03 32.33
N ALA C 69 -25.82 24.01 31.04
CA ALA C 69 -24.85 23.65 30.02
C ALA C 69 -23.85 24.77 29.78
N SER C 70 -24.27 26.03 29.95
CA SER C 70 -23.34 27.14 29.80
C SER C 70 -22.36 27.19 30.97
N LEU C 71 -22.84 26.90 32.18
CA LEU C 71 -21.93 26.78 33.32
C LEU C 71 -20.95 25.64 33.12
N ALA C 72 -21.41 24.52 32.53
CA ALA C 72 -20.52 23.40 32.26
C ALA C 72 -19.45 23.77 31.24
N LEU C 73 -19.83 24.47 30.17
CA LEU C 73 -18.86 24.85 29.15
C LEU C 73 -17.89 25.91 29.66
N ILE C 74 -18.33 26.79 30.55
CA ILE C 74 -17.40 27.80 31.05
C ILE C 74 -16.53 27.25 32.17
N ALA C 75 -16.96 26.16 32.82
CA ALA C 75 -16.17 25.54 33.88
C ALA C 75 -15.33 24.36 33.38
N ASP C 76 -15.44 23.99 32.11
CA ASP C 76 -14.60 22.90 31.63
C ASP C 76 -13.15 23.33 31.45
N ILE C 77 -12.91 24.58 31.07
CA ILE C 77 -11.55 25.03 30.78
C ILE C 77 -10.63 25.12 32.01
N PRO C 78 -11.08 25.36 33.27
CA PRO C 78 -10.15 25.11 34.38
C PRO C 78 -9.81 23.65 34.56
N LEU C 79 -10.76 22.75 34.32
CA LEU C 79 -10.45 21.34 34.39
C LEU C 79 -9.81 20.83 33.11
N ASP C 80 -9.89 21.61 32.02
CA ASP C 80 -9.02 21.35 30.87
C ASP C 80 -7.58 21.74 31.13
N LEU C 81 -7.33 22.78 31.92
CA LEU C 81 -5.95 23.08 32.28
C LEU C 81 -5.46 22.14 33.36
N ALA C 82 -6.03 22.26 34.56
CA ALA C 82 -5.58 21.47 35.71
C ALA C 82 -6.16 20.07 35.63
N PHE C 83 -5.36 19.10 36.08
CA PHE C 83 -5.62 17.66 36.05
C PHE C 83 -5.76 17.09 34.65
N GLU C 84 -5.47 17.87 33.61
CA GLU C 84 -5.49 17.35 32.25
C GLU C 84 -4.23 17.69 31.48
N SER C 85 -3.68 18.90 31.63
CA SER C 85 -2.47 19.27 30.94
C SER C 85 -1.22 19.14 31.81
N ARG C 86 -1.36 19.29 33.12
CA ARG C 86 -0.21 19.14 34.01
C ARG C 86 0.18 17.67 34.16
N ARG C 87 -0.80 16.76 34.16
CA ARG C 87 -0.52 15.36 34.39
C ARG C 87 0.15 14.67 33.21
N LEU C 95 -3.13 28.63 27.99
CA LEU C 95 -4.35 29.46 28.00
C LEU C 95 -4.47 30.34 26.75
N LEU C 96 -3.47 30.29 25.86
CA LEU C 96 -3.50 31.05 24.61
C LEU C 96 -2.60 30.28 23.66
N ALA C 97 -3.21 29.55 22.73
CA ALA C 97 -2.50 28.65 21.85
C ALA C 97 -3.29 28.51 20.56
N PRO C 98 -2.65 28.19 19.43
CA PRO C 98 -3.40 28.00 18.18
C PRO C 98 -4.22 26.71 18.15
N SER C 99 -4.09 25.87 19.18
CA SER C 99 -4.91 24.68 19.33
C SER C 99 -5.72 24.74 20.60
N ARG C 100 -6.06 25.94 21.06
CA ARG C 100 -6.80 26.10 22.31
C ARG C 100 -7.99 27.03 22.13
N LEU C 101 -7.85 28.01 21.26
CA LEU C 101 -8.85 29.05 21.03
C LEU C 101 -10.24 28.62 20.54
N PRO C 102 -10.47 27.47 19.88
CA PRO C 102 -11.87 27.05 19.69
C PRO C 102 -12.60 26.77 20.99
N ASP C 103 -11.92 26.17 21.96
CA ASP C 103 -12.53 25.95 23.26
C ASP C 103 -12.75 27.27 23.99
N LEU C 104 -11.85 28.24 23.79
CA LEU C 104 -11.99 29.56 24.39
C LEU C 104 -13.18 30.30 23.80
N LEU C 105 -13.35 30.24 22.49
CA LEU C 105 -14.49 30.89 21.86
C LEU C 105 -15.79 30.15 22.12
N ALA C 106 -15.72 28.85 22.41
CA ALA C 106 -16.93 28.13 22.78
C ALA C 106 -17.29 28.35 24.24
N ALA C 107 -16.35 28.80 25.05
CA ALA C 107 -16.60 28.88 26.50
C ALA C 107 -17.55 30.02 26.85
N LEU C 108 -17.38 31.18 26.20
CA LEU C 108 -18.10 32.36 26.68
C LEU C 108 -19.55 32.31 26.25
N PRO C 109 -20.47 32.84 27.06
CA PRO C 109 -21.88 32.85 26.68
C PRO C 109 -22.19 33.91 25.64
N LEU C 110 -21.71 33.68 24.43
CA LEU C 110 -22.05 34.55 23.30
C LEU C 110 -23.51 34.41 22.92
N ASP C 111 -24.11 33.26 23.20
CA ASP C 111 -25.55 33.06 23.14
C ASP C 111 -26.21 33.65 24.38
N LEU C 112 -27.54 33.44 24.47
CA LEU C 112 -28.53 33.90 25.47
C LEU C 112 -28.80 35.40 25.37
N LEU C 113 -27.85 36.15 24.80
CA LEU C 113 -28.04 37.58 24.56
C LEU C 113 -28.89 37.78 23.32
N VAL C 114 -28.66 36.92 22.32
CA VAL C 114 -29.44 36.92 21.10
C VAL C 114 -30.89 36.56 21.39
N PHE C 115 -31.10 35.46 22.10
CA PHE C 115 -32.44 34.98 22.34
C PHE C 115 -33.17 35.78 23.42
N ALA C 116 -32.45 36.52 24.27
CA ALA C 116 -33.15 37.40 25.20
C ALA C 116 -33.45 38.77 24.61
N LEU C 117 -32.60 39.27 23.72
CA LEU C 117 -32.79 40.62 23.20
C LEU C 117 -33.39 40.66 21.81
N HIS C 118 -33.67 39.50 21.21
CA HIS C 118 -34.33 39.35 19.90
C HIS C 118 -33.54 40.04 18.80
N LEU C 119 -32.28 39.59 18.65
CA LEU C 119 -31.42 40.09 17.60
C LEU C 119 -31.92 39.60 16.24
N PRO C 120 -31.76 40.39 15.18
CA PRO C 120 -32.30 39.99 13.87
C PRO C 120 -31.53 38.86 13.21
N SER C 121 -32.02 38.43 12.06
CA SER C 121 -31.55 37.26 11.33
C SER C 121 -30.09 37.29 10.88
N PRO C 122 -29.53 38.35 10.27
CA PRO C 122 -28.10 38.28 9.91
C PRO C 122 -27.15 38.44 11.08
N LEU C 123 -27.66 38.72 12.28
CA LEU C 123 -26.82 38.94 13.44
C LEU C 123 -26.96 37.85 14.49
N SER C 124 -28.03 37.06 14.46
CA SER C 124 -28.23 35.97 15.40
C SER C 124 -27.26 34.83 15.19
N LEU C 125 -26.69 34.72 13.98
CA LEU C 125 -25.95 33.54 13.54
C LEU C 125 -24.68 33.30 14.35
N LEU C 126 -24.16 34.31 15.04
CA LEU C 126 -23.01 34.13 15.92
C LEU C 126 -23.31 33.24 17.12
N SER C 127 -24.58 32.92 17.41
CA SER C 127 -24.89 31.88 18.37
C SER C 127 -24.39 30.49 17.94
N LEU C 128 -24.03 30.32 16.67
CA LEU C 128 -23.37 29.10 16.19
C LEU C 128 -21.93 28.97 16.65
N VAL C 129 -21.36 29.98 17.32
CA VAL C 129 -19.95 29.90 17.76
C VAL C 129 -19.76 28.81 18.81
N ARG C 130 -20.82 28.50 19.58
CA ARG C 130 -20.82 27.34 20.48
C ARG C 130 -20.53 26.03 19.75
N LEU C 131 -20.90 25.94 18.47
CA LEU C 131 -20.61 24.78 17.64
C LEU C 131 -19.13 24.57 17.37
N LEU C 132 -18.27 25.52 17.73
CA LEU C 132 -16.84 25.29 17.64
C LEU C 132 -16.33 24.38 18.75
N LYS C 133 -17.20 24.05 19.73
CA LYS C 133 -16.80 23.16 20.82
C LYS C 133 -16.53 21.75 20.31
N LEU C 134 -17.17 21.36 19.20
CA LEU C 134 -17.05 20.01 18.65
C LEU C 134 -15.63 19.67 18.21
N ILE C 135 -14.80 20.68 17.93
CA ILE C 135 -13.39 20.42 17.62
C ILE C 135 -12.67 19.90 18.85
N SER C 136 -12.98 20.46 20.02
CA SER C 136 -12.38 19.99 21.27
C SER C 136 -12.81 18.56 21.59
N VAL C 137 -14.06 18.23 21.33
CA VAL C 137 -14.56 16.89 21.62
C VAL C 137 -14.00 15.88 20.63
N GLN C 138 -13.84 16.28 19.37
CA GLN C 138 -13.14 15.47 18.38
C GLN C 138 -11.71 15.19 18.81
N ARG C 139 -10.99 16.23 19.23
CA ARG C 139 -9.59 16.05 19.61
C ARG C 139 -9.43 15.30 20.93
N SER C 140 -10.44 15.32 21.80
CA SER C 140 -10.37 14.51 23.01
C SER C 140 -10.65 13.04 22.70
N ALA C 141 -11.70 12.77 21.92
CA ALA C 141 -12.07 11.41 21.59
C ALA C 141 -11.08 10.72 20.67
N THR C 142 -10.32 11.46 19.87
CA THR C 142 -9.33 10.82 19.00
C THR C 142 -8.05 10.46 19.73
N ARG C 143 -7.97 10.64 21.04
CA ARG C 143 -6.84 10.19 21.83
C ARG C 143 -7.22 9.43 23.08
N ILE C 144 -8.43 9.60 23.61
CA ILE C 144 -8.77 8.82 24.80
C ILE C 144 -9.06 7.36 24.47
N LEU C 145 -9.42 7.04 23.23
CA LEU C 145 -9.71 5.67 22.85
C LEU C 145 -9.13 5.37 21.47
N SER C 146 -7.95 5.92 21.19
CA SER C 146 -7.38 5.84 19.85
C SER C 146 -6.75 4.48 19.59
N TYR C 147 -6.26 3.80 20.62
CA TYR C 147 -5.64 2.50 20.39
C TYR C 147 -6.48 1.34 20.86
N ARG C 148 -7.62 1.61 21.47
CA ARG C 148 -8.60 0.57 21.73
C ARG C 148 -9.20 0.08 20.41
N ILE C 149 -9.50 0.99 19.50
CA ILE C 149 -10.15 0.65 18.25
C ILE C 149 -9.32 1.13 17.06
N ASN C 150 -9.80 0.80 15.87
CA ASN C 150 -9.11 1.05 14.61
C ASN C 150 -9.16 2.54 14.29
N PRO C 151 -8.05 3.19 13.95
CA PRO C 151 -8.07 4.62 13.61
C PRO C 151 -8.88 4.97 12.37
N ALA C 152 -9.01 4.09 11.39
CA ALA C 152 -9.91 4.37 10.29
C ALA C 152 -11.37 4.25 10.69
N LEU C 153 -11.70 3.27 11.53
CA LEU C 153 -13.06 3.09 11.99
C LEU C 153 -13.51 4.23 12.88
N LEU C 154 -12.59 4.76 13.71
CA LEU C 154 -12.92 5.90 14.56
C LEU C 154 -13.21 7.14 13.72
N ARG C 155 -12.40 7.37 12.69
CA ARG C 155 -12.61 8.51 11.82
C ARG C 155 -13.92 8.37 11.04
N LEU C 156 -14.24 7.15 10.62
CA LEU C 156 -15.49 6.92 9.89
C LEU C 156 -16.70 7.15 10.78
N LEU C 157 -16.67 6.66 12.03
CA LEU C 157 -17.79 6.90 12.93
C LEU C 157 -17.92 8.37 13.31
N SER C 158 -16.79 9.07 13.47
CA SER C 158 -16.83 10.49 13.76
C SER C 158 -17.38 11.28 12.58
N LEU C 159 -17.08 10.84 11.36
CA LEU C 159 -17.60 11.52 10.18
C LEU C 159 -19.10 11.27 10.02
N VAL C 160 -19.57 10.06 10.32
CA VAL C 160 -21.01 9.79 10.28
C VAL C 160 -21.74 10.62 11.33
N GLY C 161 -21.14 10.78 12.51
CA GLY C 161 -21.72 11.65 13.52
C GLY C 161 -21.81 13.09 13.10
N PHE C 162 -20.72 13.63 12.54
CA PHE C 162 -20.73 15.00 12.04
C PHE C 162 -21.65 15.19 10.85
N ILE C 163 -21.83 14.18 10.00
CA ILE C 163 -22.70 14.33 8.84
C ILE C 163 -24.16 14.36 9.24
N LEU C 164 -24.58 13.49 10.17
CA LEU C 164 -25.96 13.59 10.64
C LEU C 164 -26.18 14.88 11.42
N LEU C 165 -25.20 15.27 12.23
CA LEU C 165 -25.34 16.44 13.07
C LEU C 165 -25.29 17.72 12.25
N ALA C 166 -24.70 17.69 11.06
CA ALA C 166 -24.75 18.79 10.12
C ALA C 166 -25.96 18.77 9.21
N ALA C 167 -26.49 17.57 8.93
CA ALA C 167 -27.72 17.48 8.17
C ALA C 167 -28.88 18.08 8.94
N HIS C 168 -28.84 17.99 10.27
CA HIS C 168 -29.83 18.70 11.08
C HIS C 168 -29.77 20.21 10.88
N GLY C 169 -28.57 20.79 10.90
CA GLY C 169 -28.47 22.23 10.74
C GLY C 169 -28.81 22.70 9.35
N ILE C 170 -28.47 21.90 8.34
CA ILE C 170 -28.82 22.25 6.97
C ILE C 170 -30.33 22.17 6.77
N ALA C 171 -30.98 21.19 7.41
CA ALA C 171 -32.43 21.12 7.37
C ALA C 171 -33.07 22.32 8.05
N CYS C 172 -32.47 22.79 9.15
CA CYS C 172 -32.98 23.98 9.80
C CYS C 172 -32.81 25.22 8.93
N GLY C 173 -31.73 25.29 8.15
CA GLY C 173 -31.55 26.42 7.26
C GLY C 173 -32.55 26.43 6.12
N TRP C 174 -32.77 25.26 5.51
CA TRP C 174 -33.78 25.14 4.46
C TRP C 174 -35.17 25.46 4.97
N MET C 175 -35.48 25.01 6.18
CA MET C 175 -36.75 25.33 6.81
C MET C 175 -36.84 26.82 7.14
N SER C 176 -35.70 27.46 7.41
CA SER C 176 -35.69 28.89 7.69
C SER C 176 -36.08 29.70 6.47
N LEU C 177 -35.39 29.53 5.36
CA LEU C 177 -35.70 30.39 4.21
C LEU C 177 -36.76 29.79 3.29
N GLN C 178 -37.88 29.37 3.86
CA GLN C 178 -39.10 29.02 3.15
C GLN C 178 -40.08 30.19 3.15
N PRO C 179 -41.01 30.23 2.19
CA PRO C 179 -42.13 31.18 2.29
C PRO C 179 -43.00 30.86 3.49
N PRO C 180 -43.35 31.85 4.30
CA PRO C 180 -44.08 31.59 5.54
C PRO C 180 -45.53 31.21 5.26
N SER C 181 -45.93 30.04 5.77
CA SER C 181 -47.30 29.56 5.61
C SER C 181 -47.64 28.69 6.80
N GLU C 182 -48.94 28.62 7.11
CA GLU C 182 -49.43 27.88 8.26
C GLU C 182 -49.31 26.39 7.99
N ASN C 183 -48.59 25.71 8.84
CA ASN C 183 -48.14 24.35 8.59
C ASN C 183 -47.64 23.85 9.94
N PRO C 184 -47.97 22.63 10.36
CA PRO C 184 -47.47 22.15 11.65
C PRO C 184 -45.96 21.99 11.65
N ALA C 185 -45.36 22.25 12.81
CA ALA C 185 -43.91 22.34 12.95
C ALA C 185 -43.22 21.00 12.88
N GLY C 186 -43.96 19.90 12.86
CA GLY C 186 -43.33 18.61 12.66
C GLY C 186 -43.17 18.32 11.19
N THR C 187 -44.24 18.57 10.43
CA THR C 187 -44.21 18.26 9.00
C THR C 187 -43.30 19.18 8.21
N ARG C 188 -43.25 20.46 8.53
CA ARG C 188 -42.36 21.38 7.82
C ARG C 188 -40.90 21.19 8.19
N TYR C 189 -40.62 20.49 9.28
CA TYR C 189 -39.27 19.99 9.53
C TYR C 189 -38.99 18.69 8.83
N LEU C 190 -40.00 17.83 8.73
CA LEU C 190 -39.80 16.51 8.16
C LEU C 190 -39.49 16.58 6.68
N SER C 191 -40.15 17.48 5.95
CA SER C 191 -39.83 17.68 4.54
C SER C 191 -38.45 18.27 4.36
N ALA C 192 -38.02 19.15 5.26
CA ALA C 192 -36.71 19.75 5.12
C ALA C 192 -35.61 18.74 5.41
N PHE C 193 -35.84 17.85 6.38
CA PHE C 193 -34.84 16.83 6.65
C PHE C 193 -34.80 15.78 5.55
N TYR C 194 -35.95 15.45 4.98
CA TYR C 194 -36.01 14.59 3.82
C TYR C 194 -35.28 15.19 2.63
N TRP C 195 -35.39 16.50 2.44
CA TRP C 195 -34.67 17.16 1.37
C TRP C 195 -33.17 17.15 1.60
N THR C 196 -32.73 17.47 2.81
CA THR C 196 -31.30 17.51 3.04
C THR C 196 -30.67 16.14 3.17
N ILE C 197 -31.45 15.08 3.27
CA ILE C 197 -30.87 13.76 3.10
C ILE C 197 -30.88 13.32 1.64
N THR C 198 -31.91 13.72 0.88
CA THR C 198 -31.93 13.43 -0.54
C THR C 198 -30.83 14.15 -1.30
N THR C 199 -30.43 15.34 -0.84
CA THR C 199 -29.40 16.09 -1.54
C THR C 199 -27.99 15.63 -1.15
N LEU C 200 -27.73 15.41 0.13
CA LEU C 200 -26.41 14.99 0.57
C LEU C 200 -26.04 13.60 0.09
N THR C 201 -26.96 12.66 0.04
CA THR C 201 -26.56 11.33 -0.43
C THR C 201 -26.60 11.25 -1.93
N THR C 202 -26.73 12.40 -2.58
CA THR C 202 -26.79 12.49 -4.03
C THR C 202 -27.78 11.58 -4.72
N ILE C 203 -28.99 11.45 -4.18
CA ILE C 203 -29.98 10.64 -4.86
C ILE C 203 -30.70 11.65 -5.71
N GLY C 204 -31.33 12.62 -5.08
CA GLY C 204 -31.95 13.69 -5.82
C GLY C 204 -33.21 13.29 -6.53
N TYR C 205 -34.27 13.02 -5.77
CA TYR C 205 -35.56 12.73 -6.40
C TYR C 205 -36.06 13.94 -7.18
N GLY C 206 -35.98 15.12 -6.59
CA GLY C 206 -36.43 16.30 -7.29
C GLY C 206 -37.90 16.55 -7.14
N ASP C 207 -38.55 15.91 -6.17
CA ASP C 207 -39.96 16.14 -5.93
C ASP C 207 -40.22 17.49 -5.31
N ILE C 208 -39.32 17.99 -4.46
CA ILE C 208 -39.42 19.35 -3.95
C ILE C 208 -38.08 20.04 -4.17
N THR C 209 -38.12 21.24 -4.76
CA THR C 209 -37.04 21.91 -5.47
C THR C 209 -36.90 23.34 -4.98
N PRO C 210 -35.84 24.06 -5.33
CA PRO C 210 -35.81 25.51 -5.09
C PRO C 210 -36.81 26.25 -5.93
N SER C 211 -37.28 27.38 -5.40
CA SER C 211 -38.18 28.26 -6.12
C SER C 211 -37.61 29.65 -6.34
N THR C 212 -37.13 30.30 -5.30
CA THR C 212 -36.55 31.63 -5.35
C THR C 212 -35.06 31.56 -5.65
N PRO C 213 -34.42 32.67 -6.03
CA PRO C 213 -32.95 32.62 -6.17
C PRO C 213 -32.20 32.43 -4.87
N THR C 214 -32.69 33.02 -3.78
CA THR C 214 -32.01 32.86 -2.50
C THR C 214 -32.11 31.45 -1.95
N GLN C 215 -33.09 30.66 -2.38
CA GLN C 215 -33.06 29.24 -2.13
C GLN C 215 -32.05 28.53 -3.02
N THR C 216 -31.89 29.02 -4.24
CA THR C 216 -31.08 28.30 -5.22
C THR C 216 -29.60 28.42 -4.90
N VAL C 217 -29.18 29.56 -4.36
CA VAL C 217 -27.78 29.72 -3.96
C VAL C 217 -27.45 28.78 -2.79
N TYR C 218 -28.38 28.67 -1.84
CA TYR C 218 -28.22 27.74 -0.72
C TYR C 218 -28.20 26.30 -1.21
N THR C 219 -29.00 25.99 -2.23
CA THR C 219 -29.01 24.65 -2.80
C THR C 219 -27.71 24.32 -3.49
N ILE C 220 -27.11 25.28 -4.21
CA ILE C 220 -25.83 25.04 -4.87
C ILE C 220 -24.73 24.79 -3.84
N VAL C 221 -24.71 25.59 -2.78
CA VAL C 221 -23.60 25.44 -1.84
C VAL C 221 -23.75 24.17 -1.02
N ILE C 222 -24.98 23.72 -0.73
CA ILE C 222 -25.03 22.43 -0.03
C ILE C 222 -24.96 21.25 -0.98
N GLU C 223 -25.16 21.43 -2.29
CA GLU C 223 -24.81 20.37 -3.22
C GLU C 223 -23.31 20.14 -3.23
N LEU C 224 -22.53 21.23 -3.21
CA LEU C 224 -21.08 21.08 -3.08
C LEU C 224 -20.70 20.41 -1.76
N LEU C 225 -21.33 20.82 -0.66
CA LEU C 225 -21.01 20.20 0.63
C LEU C 225 -21.43 18.73 0.69
N GLY C 226 -22.55 18.38 0.09
CA GLY C 226 -23.01 17.01 0.08
C GLY C 226 -22.15 16.10 -0.77
N ALA C 227 -21.72 16.58 -1.93
CA ALA C 227 -20.79 15.81 -2.76
C ALA C 227 -19.45 15.65 -2.06
N ALA C 228 -19.00 16.67 -1.32
CA ALA C 228 -17.76 16.55 -0.56
C ALA C 228 -17.87 15.53 0.57
N MET C 229 -18.98 15.57 1.32
CA MET C 229 -19.16 14.64 2.43
C MET C 229 -19.30 13.21 1.94
N TYR C 230 -19.99 13.01 0.83
CA TYR C 230 -20.15 11.67 0.32
C TYR C 230 -18.84 11.15 -0.27
N GLY C 231 -18.03 12.04 -0.83
CA GLY C 231 -16.67 11.65 -1.23
C GLY C 231 -15.82 11.26 -0.05
N LEU C 232 -15.95 11.97 1.07
CA LEU C 232 -15.20 11.61 2.27
C LEU C 232 -15.65 10.27 2.83
N VAL C 233 -16.94 9.97 2.77
CA VAL C 233 -17.43 8.69 3.27
C VAL C 233 -16.92 7.53 2.41
N ILE C 234 -16.98 7.70 1.09
CA ILE C 234 -16.49 6.64 0.21
C ILE C 234 -14.98 6.48 0.35
N GLY C 235 -14.26 7.57 0.57
CA GLY C 235 -12.83 7.49 0.79
C GLY C 235 -12.46 6.79 2.08
N ASN C 236 -13.22 7.04 3.14
CA ASN C 236 -12.91 6.37 4.40
C ASN C 236 -13.29 4.90 4.37
N ILE C 237 -14.36 4.53 3.66
CA ILE C 237 -14.69 3.11 3.56
C ILE C 237 -13.68 2.39 2.67
N ALA C 238 -13.20 3.06 1.62
CA ALA C 238 -12.17 2.48 0.77
C ALA C 238 -10.84 2.36 1.49
N SER C 239 -10.54 3.25 2.43
CA SER C 239 -9.35 3.10 3.25
C SER C 239 -9.56 2.15 4.42
N LEU C 240 -10.81 1.85 4.76
CA LEU C 240 -11.08 0.91 5.84
C LEU C 240 -11.05 -0.53 5.37
N VAL C 241 -11.60 -0.82 4.19
CA VAL C 241 -11.64 -2.21 3.73
C VAL C 241 -10.44 -2.59 2.90
N SER C 242 -9.55 -1.65 2.59
CA SER C 242 -8.33 -2.02 1.87
C SER C 242 -7.34 -2.74 2.75
N LYS C 243 -7.17 -2.27 3.98
CA LYS C 243 -6.25 -2.86 4.94
C LYS C 243 -6.95 -3.86 5.86
N LEU C 244 -8.09 -4.38 5.44
CA LEU C 244 -8.88 -5.23 6.32
C LEU C 244 -8.29 -6.63 6.42
N ASP C 245 -7.87 -7.21 5.31
CA ASP C 245 -7.08 -8.43 5.31
C ASP C 245 -5.71 -8.11 4.74
N ALA C 246 -4.75 -7.86 5.62
CA ALA C 246 -3.37 -7.66 5.21
C ALA C 246 -2.50 -8.85 5.57
N ALA C 247 -2.72 -9.43 6.75
CA ALA C 247 -1.99 -10.63 7.15
C ALA C 247 -2.35 -11.82 6.29
N LYS C 248 -3.59 -11.91 5.84
CA LYS C 248 -4.07 -13.02 5.04
C LYS C 248 -3.79 -12.81 3.56
N LEU C 249 -3.52 -11.58 3.14
CA LEU C 249 -3.18 -11.26 1.77
C LEU C 249 -1.69 -11.28 1.53
N LEU C 250 -0.91 -10.87 2.53
CA LEU C 250 0.54 -10.93 2.44
C LEU C 250 1.04 -12.37 2.36
N HIS C 251 0.46 -13.24 3.19
CA HIS C 251 0.76 -14.66 3.11
C HIS C 251 0.32 -15.28 1.80
N ARG C 252 -0.83 -14.88 1.27
CA ARG C 252 -1.31 -15.38 0.00
C ARG C 252 -0.42 -14.93 -1.16
N GLU C 253 0.19 -13.76 -1.06
CA GLU C 253 1.17 -13.34 -2.05
C GLU C 253 2.49 -14.08 -1.90
N ARG C 254 2.94 -14.31 -0.68
CA ARG C 254 4.18 -15.04 -0.46
C ARG C 254 4.07 -16.52 -0.85
N VAL C 255 2.88 -17.11 -0.78
CA VAL C 255 2.73 -18.51 -1.15
C VAL C 255 2.60 -18.69 -2.66
N GLU C 256 2.18 -17.67 -3.39
CA GLU C 256 2.14 -17.78 -4.84
C GLU C 256 3.42 -17.31 -5.50
N ARG C 257 4.20 -16.44 -4.85
CA ARG C 257 5.53 -16.12 -5.34
C ARG C 257 6.45 -17.32 -5.35
N VAL C 258 6.40 -18.17 -4.33
CA VAL C 258 7.23 -19.38 -4.32
C VAL C 258 6.77 -20.38 -5.37
N THR C 259 5.46 -20.56 -5.52
CA THR C 259 4.89 -21.48 -6.50
C THR C 259 5.16 -21.06 -7.93
N ALA C 260 4.99 -19.78 -8.25
CA ALA C 260 5.27 -19.31 -9.60
C ALA C 260 6.76 -19.32 -9.91
N PHE C 261 7.60 -19.29 -8.89
CA PHE C 261 9.02 -19.44 -9.13
C PHE C 261 9.40 -20.89 -9.36
N LEU C 262 8.92 -21.79 -8.52
CA LEU C 262 9.26 -23.20 -8.67
C LEU C 262 8.60 -23.87 -9.85
N SER C 263 7.54 -23.29 -10.40
CA SER C 263 7.02 -23.79 -11.67
C SER C 263 7.96 -23.47 -12.82
N TYR C 264 8.74 -22.40 -12.72
CA TYR C 264 9.73 -22.10 -13.75
C TYR C 264 10.89 -23.09 -13.70
N LYS C 265 11.25 -23.56 -12.51
CA LYS C 265 12.39 -24.46 -12.38
C LYS C 265 12.06 -25.90 -12.76
N ARG C 266 10.82 -26.17 -13.18
CA ARG C 266 10.35 -27.51 -13.54
C ARG C 266 10.52 -28.50 -12.39
N ILE C 267 9.87 -28.19 -11.31
CA ILE C 267 9.97 -28.99 -10.09
C ILE C 267 8.93 -30.09 -10.18
N SER C 268 9.08 -31.14 -9.38
CA SER C 268 8.10 -32.21 -9.38
C SER C 268 6.85 -31.78 -8.62
N PRO C 269 5.67 -32.21 -9.06
CA PRO C 269 4.42 -31.76 -8.39
C PRO C 269 4.25 -32.30 -6.98
N GLU C 270 4.90 -33.40 -6.62
CA GLU C 270 4.73 -33.94 -5.27
C GLU C 270 5.40 -33.07 -4.22
N LEU C 271 6.65 -32.66 -4.50
CA LEU C 271 7.35 -31.76 -3.59
C LEU C 271 6.67 -30.39 -3.55
N GLN C 272 6.09 -29.96 -4.67
CA GLN C 272 5.37 -28.70 -4.70
C GLN C 272 4.11 -28.77 -3.85
N ARG C 273 3.44 -29.94 -3.86
CA ARG C 273 2.29 -30.13 -2.97
C ARG C 273 2.73 -30.15 -1.51
N ARG C 274 3.91 -30.70 -1.23
CA ARG C 274 4.41 -30.70 0.13
C ARG C 274 4.75 -29.29 0.61
N ILE C 275 5.29 -28.45 -0.27
CA ILE C 275 5.55 -27.04 0.08
C ILE C 275 4.24 -26.30 0.34
N ILE C 276 3.22 -26.54 -0.49
CA ILE C 276 1.93 -25.88 -0.30
C ILE C 276 1.28 -26.30 1.01
N GLU C 277 1.37 -27.59 1.37
CA GLU C 277 0.77 -27.97 2.65
C GLU C 277 1.61 -27.49 3.84
N TYR C 278 2.91 -27.28 3.66
CA TYR C 278 3.71 -26.58 4.68
C TYR C 278 3.20 -25.17 4.92
N PHE C 279 2.95 -24.42 3.85
CA PHE C 279 2.46 -23.06 4.04
C PHE C 279 1.04 -23.04 4.59
N ASP C 280 0.23 -24.05 4.29
CA ASP C 280 -1.10 -24.11 4.90
C ASP C 280 -1.01 -24.38 6.41
N TYR C 281 -0.06 -25.23 6.83
CA TYR C 281 0.21 -25.41 8.26
C TYR C 281 0.67 -24.12 8.91
N LEU C 282 1.64 -23.45 8.29
CA LEU C 282 2.22 -22.24 8.87
C LEU C 282 1.24 -21.08 8.86
N TRP C 283 0.22 -21.10 8.01
CA TRP C 283 -0.84 -20.12 8.18
C TRP C 283 -1.78 -20.51 9.30
N GLU C 284 -2.23 -21.76 9.33
CA GLU C 284 -3.30 -22.07 10.28
C GLU C 284 -2.81 -22.23 11.70
N THR C 285 -1.51 -22.23 11.96
CA THR C 285 -1.04 -22.26 13.34
C THR C 285 -0.58 -20.90 13.86
N ARG C 286 0.41 -20.27 13.25
CA ARG C 286 0.97 -19.03 13.79
C ARG C 286 0.74 -17.84 12.89
N ARG C 287 -0.23 -17.95 11.98
CA ARG C 287 -0.71 -16.86 11.12
C ARG C 287 0.38 -16.29 10.22
N GLY C 288 1.17 -17.16 9.61
CA GLY C 288 2.00 -16.77 8.51
C GLY C 288 3.33 -16.16 8.86
N TYR C 289 3.58 -15.83 10.11
CA TYR C 289 4.74 -15.04 10.45
C TYR C 289 5.93 -15.93 10.79
N GLU C 290 7.11 -15.54 10.33
CA GLU C 290 8.32 -16.31 10.60
C GLU C 290 8.78 -16.01 12.02
N GLU C 291 9.40 -17.00 12.66
CA GLU C 291 9.77 -16.89 14.07
C GLU C 291 10.86 -15.85 14.31
N ARG C 292 11.93 -15.87 13.54
CA ARG C 292 13.09 -15.04 13.82
C ARG C 292 12.91 -13.60 13.38
N GLU C 293 11.81 -13.27 12.71
CA GLU C 293 11.50 -11.91 12.35
C GLU C 293 10.39 -11.31 13.18
N VAL C 294 9.76 -12.09 14.07
CA VAL C 294 8.84 -11.52 15.03
C VAL C 294 9.58 -11.09 16.29
N LEU C 295 10.30 -12.03 16.91
CA LEU C 295 11.07 -11.61 18.08
C LEU C 295 12.48 -11.17 17.70
N LYS C 296 12.57 -10.35 16.67
CA LYS C 296 13.70 -9.46 16.48
C LYS C 296 13.27 -8.02 16.71
N GLU C 297 11.97 -7.78 16.77
CA GLU C 297 11.40 -6.48 17.05
C GLU C 297 11.11 -6.27 18.53
N LEU C 298 11.81 -6.99 19.40
CA LEU C 298 11.82 -6.80 20.84
C LEU C 298 13.22 -6.34 21.25
N PRO C 299 13.35 -5.64 22.38
CA PRO C 299 14.69 -5.32 22.86
C PRO C 299 15.31 -6.51 23.53
N HIS C 300 16.59 -6.44 23.88
CA HIS C 300 17.32 -7.54 24.48
C HIS C 300 16.77 -8.10 25.80
N PRO C 301 16.33 -7.31 26.79
CA PRO C 301 15.80 -7.97 28.00
C PRO C 301 14.46 -8.64 27.79
N LEU C 302 13.58 -8.08 26.95
CA LEU C 302 12.31 -8.74 26.70
C LEU C 302 12.49 -9.98 25.83
N ARG C 303 13.47 -9.95 24.91
CA ARG C 303 13.74 -11.13 24.11
C ARG C 303 14.34 -12.24 24.97
N LEU C 304 15.20 -11.87 25.92
CA LEU C 304 15.70 -12.82 26.91
C LEU C 304 14.57 -13.40 27.75
N ALA C 305 13.62 -12.56 28.16
CA ALA C 305 12.52 -13.04 28.99
C ALA C 305 11.59 -13.97 28.22
N VAL C 306 11.33 -13.68 26.94
CA VAL C 306 10.49 -14.55 26.13
C VAL C 306 11.18 -15.89 25.88
N ALA C 307 12.48 -15.87 25.57
CA ALA C 307 13.19 -17.12 25.37
C ALA C 307 13.32 -17.93 26.66
N MET C 308 13.42 -17.25 27.79
CA MET C 308 13.44 -17.95 29.07
C MET C 308 12.09 -18.58 29.39
N GLU C 309 11.00 -17.92 29.01
CA GLU C 309 9.68 -18.52 29.24
C GLU C 309 9.42 -19.68 28.28
N ILE C 310 9.97 -19.63 27.07
CA ILE C 310 9.75 -20.71 26.13
C ILE C 310 10.58 -21.93 26.51
N HIS C 311 11.89 -21.77 26.64
CA HIS C 311 12.77 -22.92 26.91
C HIS C 311 13.01 -23.06 28.41
N GLY C 312 11.93 -23.09 29.17
CA GLY C 312 12.05 -23.21 30.62
C GLY C 312 11.94 -24.64 31.08
N ASP C 313 10.89 -25.33 30.64
CA ASP C 313 10.64 -26.72 30.98
C ASP C 313 11.37 -27.70 30.07
N VAL C 314 12.41 -27.26 29.37
CA VAL C 314 13.15 -28.10 28.45
C VAL C 314 14.62 -28.18 28.85
N ILE C 315 15.25 -27.05 29.14
CA ILE C 315 16.70 -27.02 29.30
C ILE C 315 17.15 -27.58 30.65
N GLU C 316 16.25 -27.66 31.63
CA GLU C 316 16.61 -28.28 32.91
C GLU C 316 16.22 -29.77 32.90
N LYS C 317 16.62 -30.45 31.83
CA LYS C 317 16.42 -31.89 31.71
C LYS C 317 17.62 -32.62 31.14
N VAL C 318 18.54 -31.95 30.45
CA VAL C 318 19.67 -32.62 29.81
C VAL C 318 20.72 -32.96 30.86
N PRO C 319 21.33 -34.14 30.80
CA PRO C 319 22.39 -34.46 31.77
C PRO C 319 23.77 -34.00 31.31
N LEU C 320 23.87 -32.81 30.74
CA LEU C 320 25.15 -32.22 30.41
C LEU C 320 25.24 -30.77 30.83
N PHE C 321 24.09 -30.10 30.97
CA PHE C 321 24.05 -28.70 31.37
C PHE C 321 23.68 -28.58 32.84
N LYS C 322 23.47 -29.70 33.51
CA LYS C 322 23.16 -29.71 34.93
C LYS C 322 24.44 -29.47 35.72
N GLY C 323 24.34 -28.60 36.72
CA GLY C 323 25.50 -28.17 37.46
C GLY C 323 26.17 -26.94 36.91
N ALA C 324 25.77 -26.47 35.72
CA ALA C 324 26.24 -25.20 35.21
C ALA C 324 25.56 -24.05 35.94
N GLY C 325 26.06 -22.84 35.70
CA GLY C 325 25.52 -21.65 36.32
C GLY C 325 24.34 -21.10 35.54
N GLU C 326 23.77 -20.03 36.07
CA GLU C 326 22.70 -19.31 35.39
C GLU C 326 23.24 -18.43 34.27
N GLU C 327 24.52 -18.09 34.32
CA GLU C 327 25.21 -17.36 33.26
C GLU C 327 25.35 -18.20 32.00
N PHE C 328 25.44 -19.50 32.14
CA PHE C 328 25.56 -20.41 31.02
C PHE C 328 24.25 -20.63 30.30
N ILE C 329 23.15 -20.79 31.05
CA ILE C 329 21.86 -21.08 30.44
C ILE C 329 21.34 -19.88 29.67
N ARG C 330 21.50 -18.66 30.20
CA ARG C 330 21.09 -17.47 29.48
C ARG C 330 21.85 -17.24 28.19
N ASP C 331 23.07 -17.77 28.07
CA ASP C 331 23.79 -17.61 26.82
C ASP C 331 23.56 -18.74 25.84
N ILE C 332 23.27 -19.96 26.31
CA ILE C 332 22.90 -20.97 25.32
C ILE C 332 21.47 -20.76 24.83
N ILE C 333 20.62 -20.13 25.64
CA ILE C 333 19.20 -20.03 25.29
C ILE C 333 18.94 -18.95 24.26
N LEU C 334 19.91 -18.08 23.98
CA LEU C 334 19.73 -17.03 23.01
C LEU C 334 20.22 -17.41 21.62
N HIS C 335 20.84 -18.57 21.47
CA HIS C 335 21.38 -18.99 20.18
C HIS C 335 20.68 -20.21 19.61
N LEU C 336 19.49 -20.53 20.11
CA LEU C 336 18.73 -21.64 19.56
C LEU C 336 18.03 -21.18 18.29
N GLU C 337 17.99 -22.04 17.29
CA GLU C 337 17.49 -21.69 15.99
C GLU C 337 16.29 -22.56 15.64
N PRO C 338 15.14 -21.98 15.30
CA PRO C 338 13.95 -22.78 14.99
C PRO C 338 13.93 -23.32 13.57
N VAL C 339 13.51 -24.57 13.43
CA VAL C 339 13.26 -25.19 12.13
C VAL C 339 11.96 -25.97 12.25
N ILE C 340 11.34 -26.24 11.10
CA ILE C 340 10.05 -26.92 11.05
C ILE C 340 10.19 -28.08 10.08
N TYR C 341 10.01 -29.30 10.57
CA TYR C 341 10.08 -30.48 9.73
C TYR C 341 8.68 -30.98 9.44
N GLY C 342 8.40 -31.28 8.17
CA GLY C 342 7.13 -31.82 7.79
C GLY C 342 7.00 -33.27 8.14
N PRO C 343 5.81 -33.83 7.92
CA PRO C 343 5.60 -35.25 8.25
C PRO C 343 6.33 -36.18 7.31
N GLY C 344 7.38 -36.81 7.81
CA GLY C 344 8.20 -37.71 7.03
C GLY C 344 9.59 -37.22 6.71
N GLU C 345 9.93 -35.99 7.07
CA GLU C 345 11.24 -35.45 6.75
C GLU C 345 12.31 -36.09 7.63
N TYR C 346 13.42 -36.48 7.00
CA TYR C 346 14.54 -37.08 7.71
C TYR C 346 15.26 -35.98 8.48
N ILE C 347 15.15 -36.02 9.80
CA ILE C 347 15.93 -35.10 10.62
C ILE C 347 17.37 -35.55 10.71
N ILE C 348 17.58 -36.80 11.13
CA ILE C 348 18.91 -37.38 11.29
C ILE C 348 18.94 -38.70 10.55
N ARG C 349 19.87 -38.86 9.62
CA ARG C 349 20.08 -40.13 8.96
C ARG C 349 21.19 -40.89 9.64
N ALA C 350 20.99 -42.20 9.81
CA ALA C 350 21.97 -43.03 10.48
C ALA C 350 23.21 -43.18 9.61
N GLY C 351 24.37 -42.87 10.18
CA GLY C 351 25.61 -42.97 9.47
C GLY C 351 26.16 -41.66 8.96
N GLU C 352 25.48 -40.55 9.20
CA GLU C 352 25.97 -39.25 8.78
C GLU C 352 27.06 -38.74 9.73
N MET C 353 27.59 -37.58 9.38
CA MET C 353 28.53 -36.89 10.27
C MET C 353 27.82 -36.38 11.52
N GLY C 354 26.92 -35.42 11.36
CA GLY C 354 26.12 -34.97 12.47
C GLY C 354 26.83 -33.99 13.39
N SER C 355 26.22 -32.84 13.66
CA SER C 355 26.89 -31.86 14.50
C SER C 355 26.00 -31.32 15.61
N ASP C 356 24.70 -31.22 15.35
CA ASP C 356 23.84 -30.38 16.15
C ASP C 356 22.84 -31.19 16.99
N VAL C 357 22.42 -30.60 18.09
CA VAL C 357 21.45 -31.18 19.02
C VAL C 357 20.10 -30.54 18.71
N TYR C 358 19.02 -31.27 18.97
CA TYR C 358 17.68 -30.83 18.65
C TYR C 358 16.79 -30.89 19.89
N PHE C 359 16.04 -29.82 20.12
CA PHE C 359 15.09 -29.74 21.22
C PHE C 359 13.69 -29.71 20.66
N ILE C 360 12.87 -30.66 21.07
CA ILE C 360 11.49 -30.72 20.59
C ILE C 360 10.67 -29.72 21.37
N ASN C 361 9.82 -28.97 20.68
CA ASN C 361 8.96 -28.01 21.37
C ASN C 361 7.48 -28.34 21.21
N ARG C 362 7.02 -28.66 20.02
CA ARG C 362 5.59 -28.83 19.83
C ARG C 362 5.17 -30.20 19.32
N GLY C 363 5.78 -30.69 18.25
CA GLY C 363 5.33 -31.90 17.60
C GLY C 363 5.91 -33.16 18.22
N SER C 364 5.74 -34.26 17.50
CA SER C 364 6.28 -35.55 17.89
C SER C 364 7.25 -36.04 16.82
N VAL C 365 8.07 -37.01 17.20
CA VAL C 365 9.09 -37.54 16.29
C VAL C 365 9.33 -38.98 16.69
N GLU C 366 9.86 -39.77 15.76
CA GLU C 366 10.14 -41.18 16.03
C GLU C 366 11.59 -41.48 15.70
N VAL C 367 12.11 -42.52 16.34
CA VAL C 367 13.50 -42.91 16.22
C VAL C 367 13.54 -44.32 15.65
N LEU C 368 14.15 -44.48 14.49
CA LEU C 368 14.26 -45.77 13.84
C LEU C 368 15.70 -46.20 13.76
N SER C 369 15.90 -47.48 13.41
CA SER C 369 17.23 -48.06 13.31
C SER C 369 17.86 -47.73 11.97
N ALA C 370 19.01 -48.36 11.68
CA ALA C 370 19.74 -48.04 10.47
C ALA C 370 19.04 -48.58 9.23
N ASP C 371 18.24 -49.62 9.36
CA ASP C 371 17.47 -50.16 8.24
C ASP C 371 16.03 -49.67 8.23
N GLU C 372 15.68 -48.72 9.10
CA GLU C 372 14.37 -48.06 9.16
C GLU C 372 13.23 -49.06 9.43
N LYS C 373 13.53 -50.10 10.19
CA LYS C 373 12.54 -51.14 10.48
C LYS C 373 12.16 -51.22 11.95
N THR C 374 13.13 -51.42 12.84
CA THR C 374 12.85 -51.66 14.25
C THR C 374 12.78 -50.31 14.97
N ARG C 375 11.58 -49.95 15.43
CA ARG C 375 11.36 -48.70 16.15
C ARG C 375 11.99 -48.79 17.53
N TYR C 376 12.95 -47.91 17.82
CA TYR C 376 13.57 -47.90 19.14
C TYR C 376 12.61 -47.31 20.16
N ALA C 377 12.23 -46.05 19.99
CA ALA C 377 11.31 -45.39 20.89
C ALA C 377 10.62 -44.26 20.14
N ILE C 378 9.79 -43.51 20.85
CA ILE C 378 9.09 -42.36 20.31
C ILE C 378 9.31 -41.20 21.27
N LEU C 379 9.49 -40.00 20.73
CA LEU C 379 9.73 -38.83 21.56
C LEU C 379 8.55 -37.87 21.44
N SER C 380 8.50 -36.92 22.35
CA SER C 380 7.37 -36.00 22.42
C SER C 380 7.90 -34.65 22.83
N GLU C 381 7.00 -33.69 23.08
CA GLU C 381 7.43 -32.35 23.42
C GLU C 381 8.02 -32.32 24.82
N GLY C 382 8.94 -31.38 25.02
CA GLY C 382 9.68 -31.28 26.24
C GLY C 382 10.94 -32.13 26.29
N GLN C 383 11.13 -33.02 25.33
CA GLN C 383 12.31 -33.86 25.29
C GLN C 383 13.24 -33.41 24.18
N PHE C 384 14.30 -34.19 23.98
CA PHE C 384 15.42 -33.76 23.15
C PHE C 384 16.08 -35.01 22.60
N PHE C 385 16.94 -34.82 21.60
CA PHE C 385 17.74 -35.92 21.05
C PHE C 385 18.98 -35.33 20.40
N GLY C 386 19.98 -36.18 20.19
CA GLY C 386 21.21 -35.74 19.60
C GLY C 386 22.18 -35.08 20.55
N GLU C 387 22.10 -35.40 21.85
CA GLU C 387 22.99 -34.75 22.80
C GLU C 387 24.40 -35.29 22.73
N MET C 388 24.62 -36.45 22.13
CA MET C 388 25.97 -36.98 21.93
C MET C 388 26.50 -36.53 20.58
N ALA C 389 26.45 -35.22 20.35
CA ALA C 389 27.11 -34.59 19.23
C ALA C 389 27.85 -33.33 19.61
N LEU C 390 27.55 -32.72 20.75
CA LEU C 390 28.25 -31.51 21.16
C LEU C 390 29.63 -31.85 21.70
N ILE C 391 29.80 -33.05 22.25
CA ILE C 391 31.02 -33.39 22.95
C ILE C 391 31.93 -34.35 22.20
N LEU C 392 31.45 -34.96 21.12
CA LEU C 392 32.15 -36.11 20.55
C LEU C 392 32.13 -36.02 19.04
N ARG C 393 33.10 -36.68 18.41
CA ARG C 393 33.19 -36.75 16.96
C ARG C 393 32.73 -38.13 16.44
N ALA C 394 31.67 -38.67 17.03
CA ALA C 394 31.11 -39.92 16.58
C ALA C 394 30.06 -39.69 15.50
N PRO C 395 29.84 -40.67 14.63
CA PRO C 395 28.82 -40.53 13.59
C PRO C 395 27.44 -40.89 14.12
N ARG C 396 26.38 -40.42 13.46
CA ARG C 396 25.00 -40.70 13.87
C ARG C 396 24.74 -42.19 14.12
N THR C 397 23.99 -42.48 15.17
CA THR C 397 23.71 -43.85 15.55
C THR C 397 22.29 -44.38 15.28
N ALA C 398 21.44 -43.57 14.66
CA ALA C 398 20.07 -43.99 14.34
C ALA C 398 19.44 -43.11 13.26
N THR C 399 18.19 -43.41 12.95
CA THR C 399 17.45 -42.61 11.98
C THR C 399 16.27 -41.95 12.70
N VAL C 400 16.20 -40.62 12.63
CA VAL C 400 15.20 -39.85 13.33
C VAL C 400 14.27 -39.26 12.28
N ARG C 401 13.09 -39.84 12.13
CA ARG C 401 12.11 -39.37 11.17
C ARG C 401 10.99 -38.63 11.88
N ALA C 402 10.55 -37.53 11.29
CA ALA C 402 9.42 -36.81 11.82
C ALA C 402 8.13 -37.59 11.57
N ARG C 403 7.14 -37.34 12.42
CA ARG C 403 5.83 -37.99 12.28
C ARG C 403 4.75 -37.02 11.86
N ALA C 404 4.57 -35.94 12.60
CA ALA C 404 3.71 -34.83 12.22
C ALA C 404 4.61 -33.60 12.12
N PHE C 405 3.99 -32.42 11.99
CA PHE C 405 4.77 -31.19 12.03
C PHE C 405 5.36 -30.97 13.41
N CYS C 406 6.66 -30.70 13.46
CA CYS C 406 7.42 -30.82 14.70
C CYS C 406 7.61 -29.51 15.46
N ASP C 407 8.04 -28.45 14.77
CA ASP C 407 8.37 -27.14 15.35
C ASP C 407 9.46 -27.29 16.43
N LEU C 408 10.63 -27.72 16.01
CA LEU C 408 11.71 -28.01 16.95
C LEU C 408 12.89 -27.06 16.76
N TYR C 409 13.61 -26.82 17.84
CA TYR C 409 14.75 -25.92 17.88
C TYR C 409 16.05 -26.71 17.81
N ARG C 410 17.10 -26.09 17.30
CA ARG C 410 18.39 -26.75 17.21
C ARG C 410 19.51 -25.82 17.66
N LEU C 411 20.62 -26.44 18.07
CA LEU C 411 21.80 -25.73 18.55
C LEU C 411 23.02 -26.28 17.84
N ASP C 412 23.76 -25.40 17.16
CA ASP C 412 24.91 -25.83 16.39
C ASP C 412 26.10 -26.10 17.31
N LYS C 413 26.97 -27.00 16.87
CA LYS C 413 28.15 -27.38 17.63
C LYS C 413 29.18 -26.27 17.66
N GLU C 414 29.34 -25.57 16.54
CA GLU C 414 30.29 -24.47 16.46
C GLU C 414 29.86 -23.31 17.35
N THR C 415 28.56 -23.03 17.39
CA THR C 415 28.05 -21.94 18.23
C THR C 415 28.19 -22.28 19.71
N PHE C 416 27.89 -23.54 20.06
CA PHE C 416 28.06 -24.01 21.43
C PHE C 416 29.52 -23.94 21.87
N ASP C 417 30.44 -24.44 21.05
CA ASP C 417 31.85 -24.34 21.41
C ASP C 417 32.40 -22.93 21.32
N ARG C 418 31.75 -22.04 20.58
CA ARG C 418 32.20 -20.65 20.55
C ARG C 418 31.82 -19.93 21.83
N ILE C 419 30.62 -20.17 22.34
CA ILE C 419 30.21 -19.49 23.57
C ILE C 419 30.60 -20.33 24.77
N LEU C 420 31.21 -21.48 24.54
CA LEU C 420 31.72 -22.33 25.60
C LEU C 420 33.17 -21.99 25.96
N SER C 421 33.88 -21.29 25.07
CA SER C 421 35.30 -21.06 25.27
C SER C 421 35.56 -20.05 26.39
N ARG C 422 34.57 -19.24 26.72
CA ARG C 422 34.74 -18.24 27.76
C ARG C 422 34.28 -18.72 29.13
N TYR C 423 33.81 -19.95 29.25
CA TYR C 423 33.40 -20.51 30.54
C TYR C 423 34.31 -21.69 30.85
N PRO C 424 35.34 -21.52 31.69
CA PRO C 424 36.33 -22.59 31.83
C PRO C 424 35.84 -23.80 32.60
N GLU C 425 34.90 -23.62 33.53
CA GLU C 425 34.49 -24.72 34.39
C GLU C 425 33.64 -25.73 33.62
N ILE C 426 32.76 -25.27 32.73
CA ILE C 426 32.03 -26.20 31.89
C ILE C 426 32.93 -26.74 30.77
N ALA C 427 33.93 -25.95 30.37
CA ALA C 427 34.94 -26.44 29.43
C ALA C 427 35.76 -27.58 30.01
N ALA C 428 35.94 -27.62 31.32
CA ALA C 428 36.51 -28.77 31.98
C ALA C 428 35.49 -29.86 32.27
N GLN C 429 34.23 -29.48 32.47
CA GLN C 429 33.17 -30.45 32.75
C GLN C 429 32.88 -31.35 31.56
N ILE C 430 32.93 -30.81 30.33
CA ILE C 430 32.59 -31.64 29.17
C ILE C 430 33.71 -32.58 28.76
N GLN C 431 34.95 -32.31 29.18
CA GLN C 431 36.07 -33.16 28.76
C GLN C 431 36.06 -34.52 29.42
N THR D 29 -16.11 -34.54 3.08
CA THR D 29 -16.84 -34.42 1.83
C THR D 29 -18.34 -34.61 1.96
N TYR D 30 -18.84 -35.05 3.11
CA TYR D 30 -20.28 -35.16 3.29
C TYR D 30 -20.84 -34.16 4.29
N THR D 31 -20.02 -33.20 4.73
CA THR D 31 -20.51 -32.04 5.46
C THR D 31 -20.70 -30.83 4.55
N LEU D 32 -20.06 -30.83 3.38
CA LEU D 32 -20.18 -29.71 2.46
C LEU D 32 -21.55 -29.69 1.81
N VAL D 33 -22.12 -30.86 1.50
CA VAL D 33 -23.49 -30.92 1.01
C VAL D 33 -24.48 -30.48 2.09
N TRP D 34 -24.15 -30.69 3.37
CA TRP D 34 -25.03 -30.23 4.43
C TRP D 34 -24.94 -28.71 4.58
N LYS D 35 -23.75 -28.14 4.40
CA LYS D 35 -23.61 -26.68 4.41
C LYS D 35 -24.34 -26.05 3.22
N VAL D 36 -24.31 -26.71 2.06
CA VAL D 36 -25.07 -26.22 0.91
C VAL D 36 -26.57 -26.30 1.18
N TRP D 37 -27.01 -27.36 1.87
CA TRP D 37 -28.42 -27.47 2.21
C TRP D 37 -28.85 -26.41 3.21
N ILE D 38 -28.00 -26.08 4.18
CA ILE D 38 -28.33 -25.05 5.15
C ILE D 38 -28.34 -23.67 4.50
N LEU D 39 -27.42 -23.43 3.55
CA LEU D 39 -27.44 -22.19 2.78
C LEU D 39 -28.72 -22.09 1.96
N ALA D 40 -29.17 -23.19 1.37
CA ALA D 40 -30.43 -23.18 0.63
C ALA D 40 -31.62 -22.92 1.54
N VAL D 41 -31.61 -23.49 2.75
CA VAL D 41 -32.71 -23.28 3.69
C VAL D 41 -32.77 -21.83 4.16
N THR D 42 -31.62 -21.24 4.48
CA THR D 42 -31.65 -19.87 4.97
C THR D 42 -31.92 -18.87 3.83
N LEU D 43 -31.53 -19.21 2.60
CA LEU D 43 -31.89 -18.39 1.45
C LEU D 43 -33.38 -18.49 1.16
N TYR D 44 -33.95 -19.67 1.42
CA TYR D 44 -35.39 -19.86 1.31
C TYR D 44 -36.15 -18.98 2.28
N TYR D 45 -35.72 -18.95 3.54
CA TYR D 45 -36.39 -18.07 4.51
C TYR D 45 -36.18 -16.60 4.16
N ALA D 46 -34.99 -16.25 3.67
CA ALA D 46 -34.69 -14.86 3.35
C ALA D 46 -35.54 -14.36 2.19
N ILE D 47 -35.88 -15.22 1.25
CA ILE D 47 -36.82 -14.80 0.21
C ILE D 47 -38.28 -14.88 0.67
N ARG D 48 -38.63 -15.87 1.49
CA ARG D 48 -40.04 -16.11 1.74
C ARG D 48 -40.64 -15.23 2.84
N ILE D 49 -39.93 -15.04 3.96
CA ILE D 49 -40.56 -14.45 5.16
C ILE D 49 -41.06 -13.01 4.98
N PRO D 50 -40.27 -12.05 4.45
CA PRO D 50 -40.85 -10.73 4.21
C PRO D 50 -41.87 -10.69 3.10
N LEU D 51 -41.89 -11.71 2.23
CA LEU D 51 -42.89 -11.76 1.19
C LEU D 51 -44.22 -12.27 1.73
N THR D 52 -44.19 -13.10 2.77
CA THR D 52 -45.42 -13.58 3.37
C THR D 52 -45.90 -12.71 4.51
N LEU D 53 -45.07 -11.80 5.02
CA LEU D 53 -45.58 -10.81 5.95
C LEU D 53 -46.51 -9.84 5.25
N VAL D 54 -46.25 -9.53 3.98
CA VAL D 54 -47.13 -8.63 3.24
C VAL D 54 -48.39 -9.37 2.80
N PHE D 55 -48.22 -10.57 2.27
CA PHE D 55 -49.35 -11.36 1.81
C PHE D 55 -49.59 -12.51 2.77
N PRO D 56 -50.61 -12.46 3.62
CA PRO D 56 -50.99 -13.63 4.41
C PRO D 56 -51.78 -14.65 3.63
N SER D 57 -52.11 -14.38 2.37
CA SER D 57 -52.74 -15.36 1.51
C SER D 57 -51.79 -16.47 1.11
N LEU D 58 -50.50 -16.29 1.29
CA LEU D 58 -49.54 -17.38 1.24
C LEU D 58 -49.49 -18.09 2.59
N PHE D 59 -48.48 -18.95 2.76
CA PHE D 59 -48.13 -19.79 3.91
C PHE D 59 -49.09 -20.95 4.12
N SER D 60 -50.31 -20.84 3.59
CA SER D 60 -51.30 -21.85 3.87
C SER D 60 -51.13 -23.05 2.94
N PRO D 61 -50.99 -22.91 1.58
CA PRO D 61 -50.61 -24.10 0.81
C PRO D 61 -49.11 -24.24 0.70
N LEU D 62 -48.38 -23.88 1.74
CA LEU D 62 -46.93 -23.93 1.64
C LEU D 62 -46.25 -24.21 2.98
N LEU D 63 -47.03 -24.45 4.04
CA LEU D 63 -46.52 -24.94 5.32
C LEU D 63 -45.55 -26.14 5.33
N PRO D 64 -45.66 -27.18 4.48
CA PRO D 64 -44.69 -28.31 4.60
C PRO D 64 -43.24 -27.96 4.36
N LEU D 65 -42.97 -26.97 3.49
CA LEU D 65 -41.61 -26.52 3.32
C LEU D 65 -41.10 -25.80 4.55
N ASP D 66 -41.97 -25.07 5.25
CA ASP D 66 -41.63 -24.52 6.56
C ASP D 66 -41.29 -25.61 7.55
N ILE D 67 -42.04 -26.72 7.51
CA ILE D 67 -41.78 -27.83 8.44
C ILE D 67 -40.41 -28.44 8.18
N LEU D 68 -40.12 -28.73 6.91
CA LEU D 68 -38.83 -29.32 6.55
C LEU D 68 -37.67 -28.39 6.87
N ALA D 69 -37.80 -27.10 6.56
CA ALA D 69 -36.72 -26.17 6.77
C ALA D 69 -36.53 -25.84 8.24
N SER D 70 -37.61 -25.84 9.02
CA SER D 70 -37.49 -25.60 10.45
C SER D 70 -36.83 -26.78 11.15
N LEU D 71 -37.17 -28.01 10.73
CA LEU D 71 -36.47 -29.18 11.24
C LEU D 71 -34.99 -29.14 10.88
N ALA D 72 -34.67 -28.69 9.67
CA ALA D 72 -33.28 -28.57 9.26
C ALA D 72 -32.52 -27.55 10.11
N LEU D 73 -33.13 -26.40 10.37
CA LEU D 73 -32.47 -25.38 11.18
C LEU D 73 -32.34 -25.79 12.64
N ILE D 74 -33.30 -26.56 13.16
CA ILE D 74 -33.18 -26.97 14.55
C ILE D 74 -32.26 -28.18 14.70
N ALA D 75 -32.04 -28.94 13.62
CA ALA D 75 -31.14 -30.08 13.66
C ALA D 75 -29.74 -29.76 13.17
N ASP D 76 -29.49 -28.53 12.70
CA ASP D 76 -28.13 -28.21 12.27
C ASP D 76 -27.19 -28.04 13.46
N ILE D 77 -27.67 -27.52 14.58
CA ILE D 77 -26.81 -27.23 15.72
C ILE D 77 -26.24 -28.48 16.43
N PRO D 78 -26.86 -29.67 16.45
CA PRO D 78 -26.06 -30.84 16.87
C PRO D 78 -24.96 -31.20 15.90
N LEU D 79 -25.19 -31.04 14.60
CA LEU D 79 -24.13 -31.29 13.65
C LEU D 79 -23.19 -30.09 13.52
N ASP D 80 -23.60 -28.92 14.03
CA ASP D 80 -22.64 -27.84 14.23
C ASP D 80 -21.72 -28.10 15.41
N LEU D 81 -22.20 -28.78 16.46
CA LEU D 81 -21.29 -29.15 17.54
C LEU D 81 -20.45 -30.35 17.14
N ALA D 82 -21.10 -31.50 16.99
CA ALA D 82 -20.39 -32.74 16.70
C ALA D 82 -20.04 -32.81 15.23
N PHE D 83 -18.88 -33.40 14.94
CA PHE D 83 -18.25 -33.53 13.63
C PHE D 83 -17.89 -32.20 12.98
N GLU D 84 -18.02 -31.10 13.70
CA GLU D 84 -17.60 -29.80 13.18
C GLU D 84 -16.70 -29.04 14.13
N SER D 85 -16.97 -29.07 15.43
CA SER D 85 -16.14 -28.38 16.40
C SER D 85 -15.13 -29.30 17.08
N ARG D 86 -15.46 -30.59 17.22
CA ARG D 86 -14.52 -31.52 17.83
C ARG D 86 -13.38 -31.86 16.89
N ARG D 87 -13.65 -31.94 15.58
CA ARG D 87 -12.63 -32.33 14.63
C ARG D 87 -11.57 -31.26 14.38
N LEU D 95 -21.80 -24.34 23.34
CA LEU D 95 -23.27 -24.21 23.30
C LEU D 95 -23.74 -22.86 23.85
N LEU D 96 -22.83 -22.03 24.34
CA LEU D 96 -23.17 -20.69 24.84
C LEU D 96 -21.90 -19.87 24.67
N ALA D 97 -21.89 -19.02 23.66
CA ALA D 97 -20.70 -18.27 23.28
C ALA D 97 -21.14 -16.98 22.61
N PRO D 98 -20.33 -15.91 22.65
CA PRO D 98 -20.71 -14.68 21.96
C PRO D 98 -20.63 -14.76 20.44
N SER D 99 -20.12 -15.88 19.91
CA SER D 99 -20.11 -16.14 18.48
C SER D 99 -20.94 -17.38 18.14
N ARG D 100 -21.95 -17.68 18.96
CA ARG D 100 -22.76 -18.87 18.74
C ARG D 100 -24.25 -18.54 18.78
N LEU D 101 -24.61 -17.56 19.59
CA LEU D 101 -26.01 -17.19 19.83
C LEU D 101 -26.84 -16.70 18.63
N PRO D 102 -26.29 -16.16 17.51
CA PRO D 102 -27.16 -15.97 16.35
C PRO D 102 -27.72 -17.28 15.79
N ASP D 103 -26.92 -18.33 15.77
CA ASP D 103 -27.41 -19.63 15.34
C ASP D 103 -28.42 -20.19 16.33
N LEU D 104 -28.23 -19.91 17.62
CA LEU D 104 -29.16 -20.35 18.65
C LEU D 104 -30.50 -19.64 18.51
N LEU D 105 -30.47 -18.33 18.26
CA LEU D 105 -31.72 -17.59 18.07
C LEU D 105 -32.36 -17.90 16.74
N ALA D 106 -31.59 -18.33 15.75
CA ALA D 106 -32.18 -18.74 14.49
C ALA D 106 -32.75 -20.15 14.56
N ALA D 107 -32.32 -20.94 15.54
CA ALA D 107 -32.70 -22.35 15.55
C ALA D 107 -34.17 -22.53 15.95
N LEU D 108 -34.65 -21.77 16.94
CA LEU D 108 -35.95 -22.07 17.51
C LEU D 108 -37.06 -21.60 16.58
N PRO D 109 -38.19 -22.32 16.54
CA PRO D 109 -39.31 -21.89 15.69
C PRO D 109 -40.07 -20.73 16.29
N LEU D 110 -39.42 -19.55 16.29
CA LEU D 110 -40.10 -18.33 16.71
C LEU D 110 -41.16 -17.91 15.71
N ASP D 111 -41.01 -18.31 14.46
CA ASP D 111 -42.05 -18.22 13.45
C ASP D 111 -43.05 -19.36 13.63
N LEU D 112 -44.01 -19.43 12.70
CA LEU D 112 -45.17 -20.32 12.55
C LEU D 112 -46.25 -20.04 13.60
N LEU D 113 -45.87 -19.43 14.72
CA LEU D 113 -46.82 -19.02 15.74
C LEU D 113 -47.50 -17.73 15.31
N VAL D 114 -46.72 -16.84 14.69
CA VAL D 114 -47.24 -15.60 14.14
C VAL D 114 -48.23 -15.88 13.02
N PHE D 115 -47.84 -16.71 12.06
CA PHE D 115 -48.67 -16.96 10.91
C PHE D 115 -49.82 -17.91 11.21
N ALA D 116 -49.75 -18.69 12.29
CA ALA D 116 -50.91 -19.49 12.66
C ALA D 116 -51.89 -18.73 13.54
N LEU D 117 -51.41 -17.82 14.38
CA LEU D 117 -52.29 -17.14 15.32
C LEU D 117 -52.66 -15.73 14.90
N HIS D 118 -52.17 -15.27 13.75
CA HIS D 118 -52.49 -13.96 13.15
C HIS D 118 -52.14 -12.81 14.09
N LEU D 119 -50.85 -12.77 14.46
CA LEU D 119 -50.34 -11.69 15.29
C LEU D 119 -50.33 -10.38 14.49
N PRO D 120 -50.55 -9.24 15.15
CA PRO D 120 -50.64 -7.98 14.41
C PRO D 120 -49.30 -7.48 13.91
N SER D 121 -49.33 -6.36 13.19
CA SER D 121 -48.20 -5.79 12.46
C SER D 121 -46.99 -5.39 13.31
N PRO D 122 -47.09 -4.69 14.45
CA PRO D 122 -45.86 -4.39 15.19
C PRO D 122 -45.29 -5.56 15.97
N LEU D 123 -45.98 -6.70 15.98
CA LEU D 123 -45.54 -7.86 16.74
C LEU D 123 -45.12 -9.02 15.85
N SER D 124 -45.54 -9.05 14.59
CA SER D 124 -45.16 -10.10 13.66
C SER D 124 -43.69 -10.06 13.29
N LEU D 125 -43.05 -8.89 13.44
CA LEU D 125 -41.72 -8.62 12.89
C LEU D 125 -40.64 -9.49 13.50
N LEU D 126 -40.87 -10.09 14.68
CA LEU D 126 -39.91 -11.01 15.27
C LEU D 126 -39.76 -12.30 14.46
N SER D 127 -40.63 -12.58 13.48
CA SER D 127 -40.37 -13.64 12.53
C SER D 127 -39.13 -13.39 11.67
N LEU D 128 -38.61 -12.16 11.64
CA LEU D 128 -37.33 -11.86 11.02
C LEU D 128 -36.13 -12.38 11.79
N VAL D 129 -36.31 -12.95 12.99
CA VAL D 129 -35.17 -13.44 13.77
C VAL D 129 -34.49 -14.62 13.08
N ARG D 130 -35.24 -15.37 12.27
CA ARG D 130 -34.66 -16.41 11.40
C ARG D 130 -33.60 -15.85 10.46
N LEU D 131 -33.72 -14.58 10.07
CA LEU D 131 -32.74 -13.90 9.25
C LEU D 131 -31.39 -13.71 9.92
N LEU D 132 -31.27 -13.98 11.22
CA LEU D 132 -29.97 -13.97 11.86
C LEU D 132 -29.15 -15.20 11.52
N LYS D 133 -29.75 -16.17 10.81
CA LYS D 133 -29.01 -17.37 10.40
C LYS D 133 -27.93 -17.04 9.38
N LEU D 134 -28.12 -15.96 8.62
CA LEU D 134 -27.19 -15.58 7.56
C LEU D 134 -25.80 -15.24 8.08
N ILE D 135 -25.68 -14.87 9.36
CA ILE D 135 -24.36 -14.64 9.95
C ILE D 135 -23.59 -15.94 10.04
N SER D 136 -24.28 -17.03 10.40
CA SER D 136 -23.64 -18.35 10.46
C SER D 136 -23.20 -18.82 9.09
N VAL D 137 -24.00 -18.55 8.06
CA VAL D 137 -23.65 -18.98 6.71
C VAL D 137 -22.52 -18.14 6.16
N GLN D 138 -22.50 -16.84 6.47
CA GLN D 138 -21.37 -15.98 6.16
C GLN D 138 -20.09 -16.49 6.80
N ARG D 139 -20.15 -16.81 8.09
CA ARG D 139 -18.94 -17.27 8.79
C ARG D 139 -18.51 -18.66 8.37
N SER D 140 -19.43 -19.49 7.87
CA SER D 140 -19.01 -20.78 7.34
C SER D 140 -18.37 -20.64 5.97
N ALA D 141 -18.98 -19.86 5.09
CA ALA D 141 -18.46 -19.67 3.73
C ALA D 141 -17.17 -18.88 3.70
N THR D 142 -16.91 -18.02 4.68
CA THR D 142 -15.66 -17.27 4.68
C THR D 142 -14.48 -18.08 5.19
N ARG D 143 -14.65 -19.37 5.48
CA ARG D 143 -13.54 -20.24 5.83
C ARG D 143 -13.53 -21.56 5.09
N ILE D 144 -14.66 -22.02 4.55
CA ILE D 144 -14.61 -23.28 3.81
C ILE D 144 -13.97 -23.12 2.44
N LEU D 145 -13.95 -21.91 1.89
CA LEU D 145 -13.35 -21.67 0.58
C LEU D 145 -12.58 -20.36 0.57
N SER D 146 -11.92 -20.06 1.69
CA SER D 146 -11.28 -18.77 1.86
C SER D 146 -9.95 -18.68 1.10
N TYR D 147 -9.26 -19.80 0.92
CA TYR D 147 -7.98 -19.74 0.22
C TYR D 147 -8.04 -20.33 -1.17
N ARG D 148 -9.19 -20.86 -1.57
CA ARG D 148 -9.39 -21.19 -2.98
C ARG D 148 -9.47 -19.92 -3.82
N ILE D 149 -10.16 -18.91 -3.32
CA ILE D 149 -10.36 -17.67 -4.07
C ILE D 149 -9.85 -16.47 -3.29
N ASN D 150 -9.93 -15.31 -3.92
CA ASN D 150 -9.41 -14.06 -3.40
C ASN D 150 -10.27 -13.56 -2.26
N PRO D 151 -9.71 -13.19 -1.11
CA PRO D 151 -10.52 -12.68 0.01
C PRO D 151 -11.26 -11.39 -0.27
N ALA D 152 -10.77 -10.51 -1.14
CA ALA D 152 -11.55 -9.35 -1.51
C ALA D 152 -12.71 -9.71 -2.43
N LEU D 153 -12.48 -10.65 -3.36
CA LEU D 153 -13.53 -11.08 -4.26
C LEU D 153 -14.64 -11.82 -3.53
N LEU D 154 -14.28 -12.61 -2.52
CA LEU D 154 -15.28 -13.31 -1.72
C LEU D 154 -16.16 -12.33 -0.95
N ARG D 155 -15.53 -11.30 -0.37
CA ARG D 155 -16.28 -10.29 0.36
C ARG D 155 -17.19 -9.49 -0.57
N LEU D 156 -16.70 -9.20 -1.78
CA LEU D 156 -17.51 -8.47 -2.75
C LEU D 156 -18.71 -9.28 -3.21
N LEU D 157 -18.53 -10.58 -3.49
CA LEU D 157 -19.65 -11.41 -3.89
C LEU D 157 -20.64 -11.61 -2.75
N SER D 158 -20.14 -11.72 -1.51
CA SER D 158 -21.04 -11.84 -0.37
C SER D 158 -21.82 -10.56 -0.14
N LEU D 159 -21.20 -9.41 -0.41
CA LEU D 159 -21.90 -8.14 -0.25
C LEU D 159 -22.96 -7.95 -1.34
N VAL D 160 -22.67 -8.38 -2.57
CA VAL D 160 -23.67 -8.32 -3.64
C VAL D 160 -24.85 -9.23 -3.31
N GLY D 161 -24.57 -10.41 -2.74
CA GLY D 161 -25.64 -11.30 -2.31
C GLY D 161 -26.50 -10.70 -1.23
N PHE D 162 -25.88 -10.12 -0.20
CA PHE D 162 -26.63 -9.48 0.87
C PHE D 162 -27.37 -8.23 0.40
N ILE D 163 -26.85 -7.50 -0.59
CA ILE D 163 -27.52 -6.30 -1.07
C ILE D 163 -28.77 -6.64 -1.87
N LEU D 164 -28.70 -7.65 -2.74
CA LEU D 164 -29.92 -8.06 -3.43
C LEU D 164 -30.91 -8.68 -2.47
N LEU D 165 -30.42 -9.47 -1.51
CA LEU D 165 -31.30 -10.16 -0.59
C LEU D 165 -31.93 -9.20 0.42
N ALA D 166 -31.31 -8.04 0.65
CA ALA D 166 -31.90 -6.98 1.44
C ALA D 166 -32.78 -6.05 0.64
N ALA D 167 -32.49 -5.88 -0.66
CA ALA D 167 -33.36 -5.09 -1.50
C ALA D 167 -34.72 -5.74 -1.64
N HIS D 168 -34.76 -7.08 -1.59
CA HIS D 168 -36.05 -7.76 -1.54
C HIS D 168 -36.85 -7.39 -0.31
N GLY D 169 -36.22 -7.38 0.87
CA GLY D 169 -36.96 -7.07 2.09
C GLY D 169 -37.37 -5.62 2.16
N ILE D 170 -36.53 -4.72 1.65
CA ILE D 170 -36.89 -3.31 1.62
C ILE D 170 -38.04 -3.06 0.65
N ALA D 171 -38.07 -3.80 -0.47
CA ALA D 171 -39.20 -3.71 -1.38
C ALA D 171 -40.47 -4.22 -0.74
N CYS D 172 -40.37 -5.27 0.07
CA CYS D 172 -41.53 -5.77 0.79
C CYS D 172 -42.02 -4.76 1.82
N GLY D 173 -41.12 -4.03 2.46
CA GLY D 173 -41.54 -3.02 3.41
C GLY D 173 -42.24 -1.85 2.75
N TRP D 174 -41.69 -1.38 1.63
CA TRP D 174 -42.33 -0.30 0.86
C TRP D 174 -43.69 -0.73 0.35
N MET D 175 -43.80 -1.97 -0.11
CA MET D 175 -45.08 -2.51 -0.54
C MET D 175 -46.04 -2.66 0.62
N SER D 176 -45.52 -2.89 1.83
CA SER D 176 -46.36 -3.01 3.01
C SER D 176 -47.03 -1.69 3.35
N LEU D 177 -46.26 -0.63 3.53
CA LEU D 177 -46.90 0.62 3.96
C LEU D 177 -47.33 1.51 2.78
N GLN D 178 -48.05 0.93 1.84
CA GLN D 178 -48.76 1.64 0.79
C GLN D 178 -50.23 1.81 1.16
N PRO D 179 -50.92 2.79 0.58
CA PRO D 179 -52.37 2.85 0.69
C PRO D 179 -53.01 1.66 0.01
N PRO D 180 -53.95 0.98 0.67
CA PRO D 180 -54.52 -0.26 0.12
C PRO D 180 -55.44 0.02 -1.06
N SER D 181 -55.14 -0.61 -2.19
CA SER D 181 -55.95 -0.46 -3.39
C SER D 181 -55.84 -1.73 -4.21
N GLU D 182 -56.88 -1.98 -5.00
CA GLU D 182 -56.96 -3.20 -5.80
C GLU D 182 -55.98 -3.11 -6.96
N ASN D 183 -55.08 -4.06 -7.02
CA ASN D 183 -53.90 -3.99 -7.87
C ASN D 183 -53.35 -5.41 -7.89
N PRO D 184 -52.94 -5.95 -9.04
CA PRO D 184 -52.39 -7.30 -9.04
C PRO D 184 -51.08 -7.38 -8.28
N ALA D 185 -50.85 -8.52 -7.63
CA ALA D 185 -49.74 -8.70 -6.71
C ALA D 185 -48.40 -8.81 -7.39
N GLY D 186 -48.36 -8.89 -8.71
CA GLY D 186 -47.09 -8.87 -9.39
C GLY D 186 -46.65 -7.45 -9.65
N THR D 187 -47.58 -6.61 -10.13
CA THR D 187 -47.25 -5.25 -10.46
C THR D 187 -46.96 -4.37 -9.24
N ARG D 188 -47.69 -4.55 -8.16
CA ARG D 188 -47.43 -3.76 -6.95
C ARG D 188 -46.18 -4.22 -6.21
N TYR D 189 -45.65 -5.38 -6.54
CA TYR D 189 -44.30 -5.74 -6.13
C TYR D 189 -43.24 -5.21 -7.08
N LEU D 190 -43.56 -5.17 -8.37
CA LEU D 190 -42.58 -4.77 -9.36
C LEU D 190 -42.23 -3.30 -9.23
N SER D 191 -43.21 -2.45 -8.94
CA SER D 191 -42.93 -1.04 -8.70
C SER D 191 -42.14 -0.84 -7.43
N ALA D 192 -42.39 -1.64 -6.40
CA ALA D 192 -41.65 -1.48 -5.16
C ALA D 192 -40.21 -1.92 -5.31
N PHE D 193 -39.97 -2.98 -6.10
CA PHE D 193 -38.60 -3.42 -6.30
C PHE D 193 -37.86 -2.44 -7.21
N TYR D 194 -38.54 -1.87 -8.20
CA TYR D 194 -37.97 -0.81 -9.01
C TYR D 194 -37.61 0.41 -8.19
N TRP D 195 -38.45 0.75 -7.20
CA TRP D 195 -38.14 1.88 -6.33
C TRP D 195 -36.94 1.59 -5.44
N THR D 196 -36.89 0.40 -4.84
CA THR D 196 -35.78 0.13 -3.95
C THR D 196 -34.49 -0.19 -4.68
N ILE D 197 -34.51 -0.37 -5.99
CA ILE D 197 -33.26 -0.38 -6.73
C ILE D 197 -32.88 1.02 -7.19
N THR D 198 -33.86 1.86 -7.53
CA THR D 198 -33.58 3.24 -7.89
C THR D 198 -33.03 4.03 -6.71
N THR D 199 -33.44 3.70 -5.48
CA THR D 199 -32.97 4.45 -4.33
C THR D 199 -31.60 3.96 -3.84
N LEU D 200 -31.38 2.65 -3.78
CA LEU D 200 -30.12 2.12 -3.31
C LEU D 200 -28.96 2.42 -4.25
N THR D 201 -29.17 2.40 -5.56
CA THR D 201 -28.03 2.68 -6.42
C THR D 201 -27.87 4.17 -6.63
N THR D 202 -28.57 4.95 -5.82
CA THR D 202 -28.54 6.41 -5.88
C THR D 202 -28.75 7.02 -7.25
N ILE D 203 -29.69 6.51 -8.03
CA ILE D 203 -29.98 7.12 -9.31
C ILE D 203 -31.05 8.12 -8.98
N GLY D 204 -32.19 7.61 -8.51
CA GLY D 204 -33.24 8.50 -8.07
C GLY D 204 -33.96 9.21 -9.18
N TYR D 205 -34.74 8.46 -9.96
CA TYR D 205 -35.55 9.09 -11.00
C TYR D 205 -36.58 10.03 -10.37
N GLY D 206 -37.25 9.58 -9.33
CA GLY D 206 -38.24 10.42 -8.69
C GLY D 206 -39.59 10.36 -9.34
N ASP D 207 -39.83 9.35 -10.17
CA ASP D 207 -41.13 9.18 -10.79
C ASP D 207 -42.19 8.73 -9.80
N ILE D 208 -41.82 7.92 -8.81
CA ILE D 208 -42.74 7.57 -7.73
C ILE D 208 -42.03 7.82 -6.40
N THR D 209 -42.70 8.55 -5.51
CA THR D 209 -42.15 9.29 -4.38
C THR D 209 -42.91 8.96 -3.11
N PRO D 210 -42.43 9.36 -1.93
CA PRO D 210 -43.26 9.29 -0.73
C PRO D 210 -44.43 10.25 -0.78
N SER D 211 -45.51 9.86 -0.10
CA SER D 211 -46.69 10.71 0.03
C SER D 211 -46.99 11.08 1.47
N THR D 212 -47.08 10.11 2.35
CA THR D 212 -47.39 10.28 3.76
C THR D 212 -46.10 10.52 4.56
N PRO D 213 -46.19 11.01 5.80
CA PRO D 213 -44.96 11.09 6.60
C PRO D 213 -44.37 9.75 6.99
N THR D 214 -45.21 8.75 7.26
CA THR D 214 -44.70 7.44 7.62
C THR D 214 -44.01 6.73 6.46
N GLN D 215 -44.31 7.10 5.22
CA GLN D 215 -43.49 6.69 4.11
C GLN D 215 -42.17 7.45 4.06
N THR D 216 -42.20 8.72 4.46
CA THR D 216 -41.03 9.57 4.28
C THR D 216 -39.93 9.21 5.27
N VAL D 217 -40.31 8.80 6.47
CA VAL D 217 -39.30 8.37 7.45
C VAL D 217 -38.60 7.10 6.97
N TYR D 218 -39.38 6.17 6.40
CA TYR D 218 -38.84 4.94 5.84
C TYR D 218 -37.94 5.25 4.65
N THR D 219 -38.31 6.26 3.86
CA THR D 219 -37.49 6.67 2.73
C THR D 219 -36.17 7.27 3.17
N ILE D 220 -36.18 8.08 4.24
CA ILE D 220 -34.93 8.66 4.74
C ILE D 220 -34.00 7.58 5.26
N VAL D 221 -34.54 6.61 6.00
CA VAL D 221 -33.66 5.62 6.60
C VAL D 221 -33.12 4.66 5.54
N ILE D 222 -33.88 4.37 4.48
CA ILE D 222 -33.24 3.53 3.47
C ILE D 222 -32.41 4.33 2.47
N GLU D 223 -32.56 5.65 2.41
CA GLU D 223 -31.56 6.45 1.69
C GLU D 223 -30.22 6.38 2.38
N LEU D 224 -30.21 6.46 3.72
CA LEU D 224 -28.97 6.26 4.46
C LEU D 224 -28.40 4.85 4.24
N LEU D 225 -29.26 3.83 4.29
CA LEU D 225 -28.76 2.47 4.07
C LEU D 225 -28.26 2.25 2.64
N GLY D 226 -28.90 2.85 1.65
CA GLY D 226 -28.48 2.72 0.27
C GLY D 226 -27.18 3.42 -0.01
N ALA D 227 -26.99 4.62 0.54
CA ALA D 227 -25.72 5.31 0.40
C ALA D 227 -24.60 4.55 1.10
N ALA D 228 -24.91 3.92 2.24
CA ALA D 228 -23.91 3.12 2.93
C ALA D 228 -23.52 1.87 2.13
N MET D 229 -24.51 1.18 1.56
CA MET D 229 -24.22 -0.02 0.79
C MET D 229 -23.46 0.30 -0.48
N TYR D 230 -23.80 1.41 -1.13
CA TYR D 230 -23.10 1.76 -2.35
C TYR D 230 -21.68 2.24 -2.05
N GLY D 231 -21.48 2.87 -0.89
CA GLY D 231 -20.13 3.17 -0.44
C GLY D 231 -19.31 1.92 -0.17
N LEU D 232 -19.95 0.89 0.41
CA LEU D 232 -19.25 -0.37 0.65
C LEU D 232 -18.89 -1.07 -0.65
N VAL D 233 -19.76 -1.00 -1.66
CA VAL D 233 -19.47 -1.62 -2.94
C VAL D 233 -18.30 -0.92 -3.64
N ILE D 234 -18.31 0.42 -3.64
CA ILE D 234 -17.22 1.15 -4.27
C ILE D 234 -15.92 0.93 -3.51
N GLY D 235 -15.99 0.82 -2.19
CA GLY D 235 -14.80 0.55 -1.40
C GLY D 235 -14.22 -0.83 -1.66
N ASN D 236 -15.09 -1.83 -1.81
CA ASN D 236 -14.56 -3.17 -2.09
C ASN D 236 -14.02 -3.29 -3.50
N ILE D 237 -14.61 -2.60 -4.47
CA ILE D 237 -14.04 -2.65 -5.82
C ILE D 237 -12.73 -1.89 -5.88
N ALA D 238 -12.62 -0.78 -5.14
CA ALA D 238 -11.36 -0.05 -5.06
C ALA D 238 -10.29 -0.82 -4.33
N SER D 239 -10.65 -1.65 -3.36
CA SER D 239 -9.68 -2.54 -2.73
C SER D 239 -9.41 -3.80 -3.53
N LEU D 240 -10.28 -4.12 -4.48
CA LEU D 240 -10.07 -5.30 -5.32
C LEU D 240 -9.16 -4.99 -6.50
N VAL D 241 -9.33 -3.84 -7.15
CA VAL D 241 -8.52 -3.55 -8.32
C VAL D 241 -7.24 -2.81 -7.99
N SER D 242 -7.03 -2.43 -6.73
CA SER D 242 -5.77 -1.79 -6.37
C SER D 242 -4.63 -2.79 -6.31
N LYS D 243 -4.88 -3.97 -5.73
CA LYS D 243 -3.88 -5.02 -5.60
C LYS D 243 -3.96 -6.02 -6.75
N LEU D 244 -4.55 -5.62 -7.87
CA LEU D 244 -4.78 -6.57 -8.96
C LEU D 244 -3.50 -6.86 -9.73
N ASP D 245 -2.72 -5.83 -10.03
CA ASP D 245 -1.37 -6.00 -10.56
C ASP D 245 -0.39 -5.44 -9.55
N ALA D 246 0.15 -6.32 -8.72
CA ALA D 246 1.20 -5.94 -7.78
C ALA D 246 2.55 -6.47 -8.20
N ALA D 247 2.60 -7.71 -8.71
CA ALA D 247 3.84 -8.26 -9.22
C ALA D 247 4.33 -7.53 -10.46
N LYS D 248 3.41 -7.06 -11.29
CA LYS D 248 3.75 -6.37 -12.53
C LYS D 248 4.00 -4.89 -12.30
N LEU D 249 3.54 -4.34 -11.18
CA LEU D 249 3.76 -2.94 -10.83
C LEU D 249 5.01 -2.77 -9.98
N LEU D 250 5.30 -3.74 -9.13
CA LEU D 250 6.52 -3.71 -8.33
C LEU D 250 7.76 -3.83 -9.20
N HIS D 251 7.72 -4.72 -10.19
CA HIS D 251 8.79 -4.82 -11.17
C HIS D 251 8.92 -3.58 -12.02
N ARG D 252 7.81 -2.96 -12.41
CA ARG D 252 7.84 -1.73 -13.19
C ARG D 252 8.40 -0.58 -12.39
N GLU D 253 8.21 -0.56 -11.07
CA GLU D 253 8.86 0.44 -10.24
C GLU D 253 10.34 0.17 -10.06
N ARG D 254 10.73 -1.09 -9.89
CA ARG D 254 12.13 -1.44 -9.74
C ARG D 254 12.93 -1.22 -11.02
N VAL D 255 12.30 -1.32 -12.18
CA VAL D 255 13.02 -1.11 -13.43
C VAL D 255 13.17 0.37 -13.76
N GLU D 256 12.31 1.23 -13.24
CA GLU D 256 12.48 2.66 -13.46
C GLU D 256 13.31 3.33 -12.38
N ARG D 257 13.38 2.76 -11.17
CA ARG D 257 14.32 3.23 -10.17
C ARG D 257 15.76 3.06 -10.60
N VAL D 258 16.11 1.95 -11.24
CA VAL D 258 17.48 1.77 -11.73
C VAL D 258 17.78 2.71 -12.89
N THR D 259 16.84 2.90 -13.81
CA THR D 259 17.01 3.78 -14.96
C THR D 259 17.13 5.24 -14.58
N ALA D 260 16.28 5.71 -13.66
CA ALA D 260 16.37 7.10 -13.22
C ALA D 260 17.61 7.35 -12.37
N PHE D 261 18.17 6.30 -11.78
CA PHE D 261 19.43 6.48 -11.09
C PHE D 261 20.60 6.53 -12.06
N LEU D 262 20.65 5.61 -13.01
CA LEU D 262 21.76 5.58 -13.95
C LEU D 262 21.72 6.70 -14.97
N SER D 263 20.58 7.35 -15.16
CA SER D 263 20.57 8.56 -15.96
C SER D 263 21.26 9.72 -15.24
N TYR D 264 21.26 9.71 -13.90
CA TYR D 264 21.99 10.73 -13.16
C TYR D 264 23.50 10.53 -13.29
N LYS D 265 23.94 9.27 -13.36
CA LYS D 265 25.38 9.00 -13.41
C LYS D 265 25.98 9.22 -14.79
N ARG D 266 25.17 9.65 -15.77
CA ARG D 266 25.60 9.88 -17.16
C ARG D 266 26.20 8.62 -17.77
N ILE D 267 25.39 7.60 -17.82
CA ILE D 267 25.81 6.29 -18.32
C ILE D 267 25.62 6.29 -19.83
N SER D 268 26.26 5.36 -20.52
CA SER D 268 26.09 5.28 -21.96
C SER D 268 24.76 4.61 -22.29
N PRO D 269 24.09 5.04 -23.36
CA PRO D 269 22.77 4.49 -23.68
C PRO D 269 22.79 3.02 -24.10
N GLU D 270 23.92 2.51 -24.59
CA GLU D 270 23.98 1.12 -25.03
C GLU D 270 23.91 0.16 -23.86
N LEU D 271 24.71 0.43 -22.81
CA LEU D 271 24.66 -0.39 -21.61
C LEU D 271 23.32 -0.25 -20.90
N GLN D 272 22.71 0.93 -20.97
CA GLN D 272 21.40 1.14 -20.38
C GLN D 272 20.34 0.34 -21.12
N ARG D 273 20.47 0.22 -22.45
CA ARG D 273 19.56 -0.64 -23.21
C ARG D 273 19.79 -2.10 -22.87
N ARG D 274 21.04 -2.49 -22.59
CA ARG D 274 21.31 -3.86 -22.20
C ARG D 274 20.72 -4.18 -20.83
N ILE D 275 20.76 -3.23 -19.90
CA ILE D 275 20.13 -3.42 -18.59
C ILE D 275 18.61 -3.54 -18.74
N ILE D 276 18.00 -2.72 -19.59
CA ILE D 276 16.56 -2.78 -19.79
C ILE D 276 16.15 -4.10 -20.42
N GLU D 277 16.93 -4.62 -21.37
CA GLU D 277 16.54 -5.92 -21.94
C GLU D 277 16.83 -7.07 -20.97
N TYR D 278 17.78 -6.91 -20.06
CA TYR D 278 17.93 -7.86 -18.95
C TYR D 278 16.67 -7.92 -18.10
N PHE D 279 16.14 -6.76 -17.72
CA PHE D 279 14.94 -6.78 -16.89
C PHE D 279 13.72 -7.27 -17.66
N ASP D 280 13.68 -7.07 -18.97
CA ASP D 280 12.58 -7.64 -19.75
C ASP D 280 12.66 -9.16 -19.80
N TYR D 281 13.88 -9.71 -19.90
CA TYR D 281 14.06 -11.16 -19.79
C TYR D 281 13.63 -11.68 -18.43
N LEU D 282 14.09 -11.01 -17.36
CA LEU D 282 13.80 -11.47 -16.01
C LEU D 282 12.33 -11.29 -15.65
N TRP D 283 11.61 -10.40 -16.32
CA TRP D 283 10.16 -10.43 -16.13
C TRP D 283 9.52 -11.55 -16.92
N GLU D 284 9.87 -11.72 -18.19
CA GLU D 284 9.10 -12.65 -18.99
C GLU D 284 9.44 -14.11 -18.73
N THR D 285 10.47 -14.40 -17.95
CA THR D 285 10.74 -15.79 -17.60
C THR D 285 10.28 -16.16 -16.20
N ARG D 286 10.77 -15.52 -15.16
CA ARG D 286 10.45 -15.94 -13.79
C ARG D 286 9.67 -14.89 -13.03
N ARG D 287 9.03 -13.97 -13.75
CA ARG D 287 8.10 -12.97 -13.21
C ARG D 287 8.74 -12.06 -12.18
N GLY D 288 9.95 -11.57 -12.47
CA GLY D 288 10.49 -10.46 -11.75
C GLY D 288 11.19 -10.79 -10.45
N TYR D 289 11.07 -12.01 -9.94
CA TYR D 289 11.53 -12.30 -8.60
C TYR D 289 12.97 -12.77 -8.60
N GLU D 290 13.75 -12.31 -7.63
CA GLU D 290 15.14 -12.72 -7.52
C GLU D 290 15.21 -14.11 -6.90
N GLU D 291 16.22 -14.87 -7.29
CA GLU D 291 16.32 -16.28 -6.88
C GLU D 291 16.58 -16.44 -5.39
N ARG D 292 17.54 -15.71 -4.84
CA ARG D 292 17.97 -15.93 -3.47
C ARG D 292 17.02 -15.33 -2.44
N GLU D 293 16.01 -14.58 -2.87
CA GLU D 293 15.01 -14.06 -1.97
C GLU D 293 13.68 -14.77 -2.08
N VAL D 294 13.54 -15.72 -3.01
CA VAL D 294 12.37 -16.58 -3.02
C VAL D 294 12.60 -17.80 -2.15
N LEU D 295 13.66 -18.56 -2.44
CA LEU D 295 13.94 -19.69 -1.57
C LEU D 295 14.85 -19.32 -0.41
N LYS D 296 14.55 -18.19 0.23
CA LYS D 296 14.97 -17.94 1.59
C LYS D 296 13.78 -17.99 2.52
N GLU D 297 12.57 -17.97 1.96
CA GLU D 297 11.33 -18.08 2.70
C GLU D 297 10.83 -19.52 2.80
N LEU D 298 11.73 -20.48 2.70
CA LEU D 298 11.50 -21.89 2.96
C LEU D 298 12.31 -22.31 4.18
N PRO D 299 11.91 -23.35 4.91
CA PRO D 299 12.76 -23.83 5.99
C PRO D 299 13.89 -24.66 5.43
N HIS D 300 14.85 -25.04 6.27
CA HIS D 300 16.03 -25.79 5.85
C HIS D 300 15.77 -27.14 5.17
N PRO D 301 14.87 -28.03 5.63
CA PRO D 301 14.70 -29.29 4.87
C PRO D 301 14.02 -29.10 3.53
N LEU D 302 13.07 -28.17 3.41
CA LEU D 302 12.45 -27.95 2.11
C LEU D 302 13.39 -27.24 1.16
N ARG D 303 14.25 -26.36 1.68
CA ARG D 303 15.24 -25.71 0.83
C ARG D 303 16.28 -26.72 0.35
N LEU D 304 16.67 -27.65 1.22
CA LEU D 304 17.53 -28.76 0.82
C LEU D 304 16.87 -29.62 -0.25
N ALA D 305 15.57 -29.90 -0.09
CA ALA D 305 14.88 -30.74 -1.07
C ALA D 305 14.74 -30.04 -2.42
N VAL D 306 14.48 -28.74 -2.42
CA VAL D 306 14.39 -28.00 -3.69
C VAL D 306 15.74 -27.94 -4.38
N ALA D 307 16.81 -27.67 -3.62
CA ALA D 307 18.14 -27.64 -4.24
C ALA D 307 18.58 -29.01 -4.72
N MET D 308 18.16 -30.07 -4.03
CA MET D 308 18.45 -31.42 -4.49
C MET D 308 17.70 -31.76 -5.76
N GLU D 309 16.47 -31.26 -5.90
CA GLU D 309 15.73 -31.51 -7.14
C GLU D 309 16.28 -30.69 -8.30
N ILE D 310 16.81 -29.51 -8.02
CA ILE D 310 17.35 -28.68 -9.10
C ILE D 310 18.69 -29.24 -9.57
N HIS D 311 19.65 -29.39 -8.66
CA HIS D 311 20.99 -29.83 -9.05
C HIS D 311 21.13 -31.34 -8.91
N GLY D 312 20.20 -32.06 -9.52
CA GLY D 312 20.22 -33.51 -9.44
C GLY D 312 20.91 -34.15 -10.62
N ASP D 313 20.51 -33.74 -11.82
CA ASP D 313 21.08 -34.23 -13.07
C ASP D 313 22.32 -33.47 -13.50
N VAL D 314 22.98 -32.76 -12.59
CA VAL D 314 24.14 -31.98 -12.90
C VAL D 314 25.35 -32.42 -12.08
N ILE D 315 25.18 -32.61 -10.78
CA ILE D 315 26.31 -32.82 -9.88
C ILE D 315 26.87 -34.24 -9.98
N GLU D 316 26.10 -35.20 -10.50
CA GLU D 316 26.63 -36.54 -10.69
C GLU D 316 27.17 -36.70 -12.12
N LYS D 317 27.99 -35.72 -12.52
CA LYS D 317 28.68 -35.76 -13.81
C LYS D 317 30.13 -35.33 -13.73
N VAL D 318 30.55 -34.60 -12.71
CA VAL D 318 31.91 -34.08 -12.64
C VAL D 318 32.86 -35.20 -12.21
N PRO D 319 34.04 -35.30 -12.82
CA PRO D 319 35.00 -36.33 -12.38
C PRO D 319 35.89 -35.88 -11.24
N LEU D 320 35.34 -35.18 -10.26
CA LEU D 320 36.07 -34.82 -9.06
C LEU D 320 35.26 -35.07 -7.81
N PHE D 321 33.93 -35.10 -7.93
CA PHE D 321 33.04 -35.33 -6.80
C PHE D 321 32.53 -36.76 -6.80
N LYS D 322 32.94 -37.56 -7.78
CA LYS D 322 32.56 -38.95 -7.87
C LYS D 322 33.38 -39.75 -6.86
N GLY D 323 32.70 -40.64 -6.14
CA GLY D 323 33.32 -41.36 -5.06
C GLY D 323 33.21 -40.70 -3.72
N ALA D 324 32.73 -39.46 -3.66
CA ALA D 324 32.42 -38.81 -2.40
C ALA D 324 31.14 -39.37 -1.82
N GLY D 325 30.87 -39.03 -0.57
CA GLY D 325 29.68 -39.47 0.12
C GLY D 325 28.48 -38.59 -0.18
N GLU D 326 27.35 -38.97 0.39
CA GLU D 326 26.14 -38.19 0.30
C GLU D 326 26.17 -36.99 1.24
N GLU D 327 27.00 -37.05 2.28
CA GLU D 327 27.24 -35.93 3.18
C GLU D 327 27.96 -34.78 2.50
N PHE D 328 28.77 -35.08 1.51
CA PHE D 328 29.51 -34.07 0.76
C PHE D 328 28.64 -33.34 -0.23
N ILE D 329 27.78 -34.05 -0.96
CA ILE D 329 26.96 -33.44 -1.99
C ILE D 329 25.91 -32.52 -1.38
N ARG D 330 25.29 -32.91 -0.26
CA ARG D 330 24.33 -32.04 0.41
C ARG D 330 24.94 -30.76 0.94
N ASP D 331 26.24 -30.75 1.22
CA ASP D 331 26.86 -29.52 1.68
C ASP D 331 27.42 -28.66 0.55
N ILE D 332 27.86 -29.26 -0.57
CA ILE D 332 28.23 -28.38 -1.67
C ILE D 332 27.00 -27.83 -2.37
N ILE D 333 25.87 -28.52 -2.30
CA ILE D 333 24.69 -28.11 -3.08
C ILE D 333 23.96 -26.96 -2.43
N LEU D 334 24.27 -26.61 -1.19
CA LEU D 334 23.61 -25.51 -0.52
C LEU D 334 24.36 -24.20 -0.63
N HIS D 335 25.55 -24.20 -1.23
CA HIS D 335 26.35 -23.00 -1.33
C HIS D 335 26.54 -22.55 -2.77
N LEU D 336 25.72 -23.04 -3.70
CA LEU D 336 25.80 -22.59 -5.08
C LEU D 336 25.08 -21.26 -5.20
N GLU D 337 25.65 -20.37 -6.00
CA GLU D 337 25.17 -19.01 -6.11
C GLU D 337 24.73 -18.72 -7.54
N PRO D 338 23.50 -18.28 -7.77
CA PRO D 338 23.03 -18.02 -9.13
C PRO D 338 23.46 -16.67 -9.68
N VAL D 339 23.86 -16.66 -10.95
CA VAL D 339 24.13 -15.45 -11.69
C VAL D 339 23.52 -15.60 -13.07
N ILE D 340 23.28 -14.48 -13.73
CA ILE D 340 22.64 -14.46 -15.04
C ILE D 340 23.52 -13.63 -15.97
N TYR D 341 24.03 -14.25 -17.03
CA TYR D 341 24.85 -13.55 -18.00
C TYR D 341 24.03 -13.27 -19.25
N GLY D 342 24.11 -12.04 -19.74
CA GLY D 342 23.42 -11.68 -20.95
C GLY D 342 24.12 -12.20 -22.17
N PRO D 343 23.50 -12.01 -23.34
CA PRO D 343 24.12 -12.49 -24.58
C PRO D 343 25.34 -11.68 -24.98
N GLY D 344 26.51 -12.29 -24.82
CA GLY D 344 27.77 -11.65 -25.14
C GLY D 344 28.65 -11.32 -23.95
N GLU D 345 28.17 -11.55 -22.73
CA GLU D 345 28.95 -11.23 -21.55
C GLU D 345 30.10 -12.21 -21.38
N TYR D 346 31.28 -11.67 -21.09
CA TYR D 346 32.48 -12.48 -20.87
C TYR D 346 32.35 -13.14 -19.50
N ILE D 347 32.15 -14.45 -19.50
CA ILE D 347 32.17 -15.19 -18.24
C ILE D 347 33.60 -15.37 -17.76
N ILE D 348 34.45 -15.95 -18.61
CA ILE D 348 35.84 -16.23 -18.29
C ILE D 348 36.70 -15.64 -19.40
N ARG D 349 37.63 -14.77 -19.04
CA ARG D 349 38.61 -14.27 -20.00
C ARG D 349 39.88 -15.08 -19.91
N ALA D 350 40.46 -15.38 -21.07
CA ALA D 350 41.67 -16.18 -21.12
C ALA D 350 42.85 -15.38 -20.58
N GLY D 351 43.55 -15.95 -19.61
CA GLY D 351 44.68 -15.30 -19.01
C GLY D 351 44.42 -14.66 -17.68
N GLU D 352 43.20 -14.75 -17.16
CA GLU D 352 42.89 -14.21 -15.85
C GLU D 352 43.38 -15.12 -14.73
N MET D 353 43.17 -14.67 -13.50
CA MET D 353 43.45 -15.49 -12.34
C MET D 353 42.47 -16.65 -12.25
N GLY D 354 41.19 -16.36 -12.01
CA GLY D 354 40.17 -17.38 -12.03
C GLY D 354 40.10 -18.20 -10.76
N SER D 355 38.91 -18.30 -10.17
CA SER D 355 38.81 -19.05 -8.93
C SER D 355 37.66 -20.06 -8.93
N ASP D 356 36.58 -19.75 -9.62
CA ASP D 356 35.31 -20.41 -9.39
C ASP D 356 34.90 -21.29 -10.57
N VAL D 357 34.11 -22.32 -10.25
CA VAL D 357 33.57 -23.26 -11.23
C VAL D 357 32.14 -22.83 -11.52
N TYR D 358 31.66 -23.14 -12.73
CA TYR D 358 30.35 -22.72 -13.18
C TYR D 358 29.55 -23.93 -13.66
N PHE D 359 28.30 -24.00 -13.22
CA PHE D 359 27.37 -25.06 -13.62
C PHE D 359 26.27 -24.44 -14.46
N ILE D 360 26.12 -24.93 -15.68
CA ILE D 360 25.08 -24.41 -16.57
C ILE D 360 23.76 -25.05 -16.18
N ASN D 361 22.70 -24.24 -16.13
CA ASN D 361 21.39 -24.78 -15.80
C ASN D 361 20.40 -24.61 -16.95
N ARG D 362 20.33 -23.45 -17.56
CA ARG D 362 19.28 -23.23 -18.55
C ARG D 362 19.78 -22.87 -19.94
N GLY D 363 20.67 -21.89 -20.05
CA GLY D 363 21.07 -21.37 -21.35
C GLY D 363 22.20 -22.14 -21.98
N SER D 364 22.77 -21.56 -23.02
CA SER D 364 23.91 -22.11 -23.72
C SER D 364 25.08 -21.15 -23.62
N VAL D 365 26.27 -21.65 -23.90
CA VAL D 365 27.49 -20.86 -23.79
C VAL D 365 28.48 -21.42 -24.79
N GLU D 366 29.46 -20.62 -25.18
CA GLU D 366 30.48 -21.05 -26.14
C GLU D 366 31.86 -20.81 -25.56
N VAL D 367 32.82 -21.60 -26.05
CA VAL D 367 34.18 -21.57 -25.56
C VAL D 367 35.09 -21.17 -26.72
N LEU D 368 35.78 -20.06 -26.57
CA LEU D 368 36.68 -19.56 -27.60
C LEU D 368 38.11 -19.59 -27.11
N SER D 369 39.03 -19.40 -28.05
CA SER D 369 40.46 -19.42 -27.74
C SER D 369 40.91 -18.06 -27.21
N ALA D 370 42.23 -17.90 -27.06
CA ALA D 370 42.76 -16.67 -26.48
C ALA D 370 42.62 -15.48 -27.41
N ASP D 371 42.56 -15.71 -28.71
CA ASP D 371 42.36 -14.64 -29.67
C ASP D 371 40.91 -14.51 -30.13
N GLU D 372 40.00 -15.25 -29.50
CA GLU D 372 38.54 -15.19 -29.73
C GLU D 372 38.17 -15.54 -31.18
N LYS D 373 38.95 -16.41 -31.80
CA LYS D 373 38.71 -16.79 -33.19
C LYS D 373 38.31 -18.25 -33.36
N THR D 374 39.13 -19.19 -32.90
CA THR D 374 38.90 -20.61 -33.14
C THR D 374 37.99 -21.16 -32.05
N ARG D 375 36.78 -21.53 -32.42
CA ARG D 375 35.81 -22.09 -31.49
C ARG D 375 36.23 -23.51 -31.09
N TYR D 376 36.47 -23.71 -29.80
CA TYR D 376 36.84 -25.04 -29.33
C TYR D 376 35.62 -25.96 -29.33
N ALA D 377 34.61 -25.63 -28.56
CA ALA D 377 33.39 -26.42 -28.49
C ALA D 377 32.25 -25.51 -28.04
N ILE D 378 31.07 -26.11 -27.87
CA ILE D 378 29.89 -25.40 -27.39
C ILE D 378 29.30 -26.23 -26.25
N LEU D 379 28.81 -25.57 -25.22
CA LEU D 379 28.25 -26.25 -24.07
C LEU D 379 26.75 -25.98 -24.00
N SER D 380 26.07 -26.78 -23.19
CA SER D 380 24.62 -26.70 -23.11
C SER D 380 24.23 -26.98 -21.67
N GLU D 381 22.93 -27.07 -21.41
CA GLU D 381 22.46 -27.27 -20.05
C GLU D 381 22.78 -28.68 -19.57
N GLY D 382 22.97 -28.80 -18.26
CA GLY D 382 23.40 -30.03 -17.66
C GLY D 382 24.90 -30.22 -17.61
N GLN D 383 25.66 -29.38 -18.28
CA GLN D 383 27.11 -29.47 -18.28
C GLN D 383 27.71 -28.35 -17.45
N PHE D 384 29.03 -28.29 -17.47
CA PHE D 384 29.78 -27.45 -16.54
C PHE D 384 31.09 -27.07 -17.20
N PHE D 385 31.77 -26.10 -16.61
CA PHE D 385 33.10 -25.71 -17.07
C PHE D 385 33.83 -25.03 -15.92
N GLY D 386 35.15 -24.96 -16.04
CA GLY D 386 35.95 -24.36 -15.00
C GLY D 386 36.27 -25.27 -13.84
N GLU D 387 36.27 -26.59 -14.05
CA GLU D 387 36.51 -27.49 -12.93
C GLU D 387 37.97 -27.53 -12.54
N MET D 388 38.88 -27.08 -13.40
CA MET D 388 40.30 -26.99 -13.05
C MET D 388 40.61 -25.61 -12.48
N ALA D 389 39.82 -25.23 -11.47
CA ALA D 389 40.11 -24.07 -10.65
C ALA D 389 39.94 -24.33 -9.17
N LEU D 390 39.23 -25.38 -8.77
CA LEU D 390 39.06 -25.67 -7.36
C LEU D 390 40.32 -26.29 -6.78
N ILE D 391 41.10 -26.98 -7.61
CA ILE D 391 42.22 -27.77 -7.12
C ILE D 391 43.58 -27.16 -7.42
N LEU D 392 43.65 -26.15 -8.27
CA LEU D 392 44.93 -25.74 -8.83
C LEU D 392 45.02 -24.22 -8.88
N ARG D 393 46.25 -23.71 -8.89
CA ARG D 393 46.50 -22.28 -9.01
C ARG D 393 46.98 -21.91 -10.43
N ALA D 394 46.37 -22.53 -11.43
CA ALA D 394 46.69 -22.20 -12.81
C ALA D 394 45.80 -21.07 -13.31
N PRO D 395 46.28 -20.31 -14.31
CA PRO D 395 45.47 -19.22 -14.86
C PRO D 395 44.51 -19.74 -15.92
N ARG D 396 43.45 -19.00 -16.22
CA ARG D 396 42.45 -19.38 -17.22
C ARG D 396 43.07 -19.80 -18.55
N THR D 397 42.53 -20.85 -19.14
CA THR D 397 43.07 -21.37 -20.39
C THR D 397 42.25 -21.12 -21.67
N ALA D 398 41.15 -20.37 -21.56
CA ALA D 398 40.30 -20.07 -22.72
C ALA D 398 39.39 -18.87 -22.46
N THR D 399 38.58 -18.54 -23.46
CA THR D 399 37.61 -17.47 -23.31
C THR D 399 36.21 -18.06 -23.42
N VAL D 400 35.40 -17.83 -22.39
CA VAL D 400 34.06 -18.41 -22.30
C VAL D 400 33.08 -17.26 -22.45
N ARG D 401 32.46 -17.14 -23.61
CA ARG D 401 31.49 -16.10 -23.88
C ARG D 401 30.09 -16.68 -23.89
N ALA D 402 29.15 -15.95 -23.30
CA ALA D 402 27.77 -16.35 -23.34
C ALA D 402 27.20 -16.15 -24.75
N ARG D 403 26.18 -16.92 -25.07
CA ARG D 403 25.51 -16.81 -26.37
C ARG D 403 24.11 -16.24 -26.24
N ALA D 404 23.27 -16.84 -25.43
CA ALA D 404 21.97 -16.31 -25.05
C ALA D 404 21.99 -16.10 -23.54
N PHE D 405 20.83 -15.81 -22.96
CA PHE D 405 20.74 -15.74 -21.51
C PHE D 405 20.95 -17.10 -20.88
N CYS D 406 21.84 -17.17 -19.90
CA CYS D 406 22.41 -18.44 -19.46
C CYS D 406 21.73 -19.04 -18.24
N ASP D 407 21.54 -18.25 -17.18
CA ASP D 407 20.99 -18.68 -15.89
C ASP D 407 21.85 -19.81 -15.29
N LEU D 408 23.10 -19.49 -14.99
CA LEU D 408 24.04 -20.50 -14.52
C LEU D 408 24.47 -20.23 -13.08
N TYR D 409 24.80 -21.32 -12.38
CA TYR D 409 25.21 -21.28 -10.98
C TYR D 409 26.72 -21.35 -10.87
N ARG D 410 27.27 -20.81 -9.78
CA ARG D 410 28.70 -20.85 -9.57
C ARG D 410 29.03 -21.22 -8.14
N LEU D 411 30.24 -21.74 -7.95
CA LEU D 411 30.74 -22.17 -6.66
C LEU D 411 32.13 -21.58 -6.44
N ASP D 412 32.28 -20.83 -5.34
CA ASP D 412 33.53 -20.15 -5.08
C ASP D 412 34.56 -21.14 -4.53
N LYS D 413 35.83 -20.83 -4.78
CA LYS D 413 36.93 -21.69 -4.34
C LYS D 413 37.12 -21.62 -2.84
N GLU D 414 36.96 -20.43 -2.26
CA GLU D 414 37.10 -20.27 -0.82
C GLU D 414 35.99 -20.99 -0.07
N THR D 415 34.76 -20.96 -0.60
CA THR D 415 33.65 -21.64 0.04
C THR D 415 33.81 -23.16 -0.05
N PHE D 416 34.27 -23.64 -1.21
CA PHE D 416 34.54 -25.06 -1.39
C PHE D 416 35.64 -25.54 -0.45
N ASP D 417 36.76 -24.82 -0.37
CA ASP D 417 37.81 -25.21 0.56
C ASP D 417 37.44 -24.98 2.01
N ARG D 418 36.47 -24.12 2.30
CA ARG D 418 36.04 -23.95 3.68
C ARG D 418 35.18 -25.12 4.14
N ILE D 419 34.30 -25.61 3.27
CA ILE D 419 33.47 -26.73 3.68
C ILE D 419 34.15 -28.05 3.31
N LEU D 420 35.34 -27.96 2.72
CA LEU D 420 36.13 -29.14 2.42
C LEU D 420 37.08 -29.50 3.56
N SER D 421 37.33 -28.57 4.48
CA SER D 421 38.33 -28.79 5.52
C SER D 421 37.85 -29.79 6.56
N ARG D 422 36.54 -29.99 6.67
CA ARG D 422 36.00 -30.92 7.65
C ARG D 422 35.78 -32.31 7.10
N TYR D 423 36.10 -32.55 5.83
CA TYR D 423 35.96 -33.88 5.24
C TYR D 423 37.35 -34.37 4.84
N PRO D 424 38.01 -35.21 5.63
CA PRO D 424 39.42 -35.52 5.36
C PRO D 424 39.65 -36.40 4.16
N GLU D 425 38.69 -37.27 3.82
CA GLU D 425 38.91 -38.23 2.75
C GLU D 425 38.88 -37.55 1.38
N ILE D 426 37.98 -36.59 1.18
CA ILE D 426 38.01 -35.84 -0.07
C ILE D 426 39.16 -34.82 -0.06
N ALA D 427 39.56 -34.36 1.13
CA ALA D 427 40.74 -33.53 1.27
C ALA D 427 42.02 -34.26 0.86
N ALA D 428 42.05 -35.58 1.04
CA ALA D 428 43.12 -36.39 0.49
C ALA D 428 42.90 -36.77 -0.97
N GLN D 429 41.64 -36.88 -1.38
CA GLN D 429 41.31 -37.23 -2.77
C GLN D 429 41.71 -36.14 -3.75
N ILE D 430 41.56 -34.86 -3.38
CA ILE D 430 41.87 -33.80 -4.33
C ILE D 430 43.36 -33.53 -4.46
N GLN D 431 44.18 -33.96 -3.49
CA GLN D 431 45.61 -33.68 -3.55
C GLN D 431 46.33 -34.50 -4.61
#